data_6THJ
#
_entry.id   6THJ
#
_cell.length_a   332.510
_cell.length_b   94.590
_cell.length_c   83.190
_cell.angle_alpha   90.000
_cell.angle_beta   90.400
_cell.angle_gamma   90.000
#
_symmetry.space_group_name_H-M   'C 1 2 1'
#
loop_
_entity.id
_entity.type
_entity.pdbx_description
1 polymer PlyP35
2 non-polymer 2-acetamido-2-deoxy-beta-D-glucopyranose
3 water water
#
_entity_poly.entity_id   1
_entity_poly.type   'polypeptide(L)'
_entity_poly.pdbx_seq_one_letter_code
;MMENINIVIKDVGYFQDKPQFLNSKSVRQWKHGTKVKLTKHNSHWYTGVVKDGNKSVRGYIYHSMAKVTSKNSDGSVNAT
INAHAFCWDNKKLNGGDFINLKRGFKGITHPASDGFYPLYFASRKKTFYIPRYMFDIKK
;
_entity_poly.pdbx_strand_id   A,B,C,D,E,F,G,H,I,J,K,L
#
loop_
_chem_comp.id
_chem_comp.type
_chem_comp.name
_chem_comp.formula
NAG D-saccharide, beta linking 2-acetamido-2-deoxy-beta-D-glucopyranose 'C8 H15 N O6'
#
# COMPACT_ATOMS: atom_id res chain seq x y z
N MET A 1 8.03 46.57 7.10
CA MET A 1 8.04 46.98 5.67
C MET A 1 8.10 45.73 4.80
N MET A 2 7.16 45.59 3.86
CA MET A 2 7.13 44.47 2.87
C MET A 2 7.81 44.96 1.57
N GLU A 3 8.36 44.05 0.77
CA GLU A 3 9.15 44.39 -0.46
C GLU A 3 8.72 43.51 -1.64
N ASN A 4 8.92 43.94 -2.87
CA ASN A 4 8.64 43.08 -4.05
C ASN A 4 9.87 43.00 -4.95
N ILE A 5 10.05 41.86 -5.60
CA ILE A 5 11.22 41.54 -6.49
C ILE A 5 10.66 41.29 -7.88
N ASN A 6 11.19 41.95 -8.91
CA ASN A 6 10.90 41.59 -10.31
C ASN A 6 11.85 40.45 -10.71
N ILE A 7 11.32 39.32 -11.15
CA ILE A 7 12.12 38.13 -11.49
C ILE A 7 11.78 37.68 -12.90
N VAL A 8 12.73 37.00 -13.55
CA VAL A 8 12.56 36.40 -14.91
C VAL A 8 13.01 34.96 -14.81
N ILE A 9 12.15 34.04 -15.24
CA ILE A 9 12.50 32.60 -15.26
C ILE A 9 13.64 32.46 -16.28
N LYS A 10 14.72 31.81 -15.86
CA LYS A 10 15.97 31.64 -16.64
C LYS A 10 15.64 30.91 -17.93
N ASP A 11 16.51 31.12 -18.89
CA ASP A 11 16.43 30.56 -20.26
C ASP A 11 17.20 29.22 -20.28
N VAL A 12 17.13 28.42 -19.21
CA VAL A 12 17.93 27.16 -19.06
C VAL A 12 17.07 26.00 -18.57
N GLY A 13 17.58 24.78 -18.79
CA GLY A 13 17.15 23.51 -18.20
C GLY A 13 18.08 23.12 -17.06
N TYR A 14 17.61 22.35 -16.08
CA TYR A 14 18.31 22.13 -14.79
C TYR A 14 18.83 20.69 -14.80
N PHE A 15 20.14 20.57 -14.94
CA PHE A 15 20.91 19.30 -14.81
C PHE A 15 21.42 19.26 -13.37
N GLN A 16 20.66 18.63 -12.49
CA GLN A 16 20.93 18.66 -11.02
C GLN A 16 21.82 17.48 -10.65
N ASP A 17 22.45 17.51 -9.47
CA ASP A 17 23.32 16.39 -8.99
C ASP A 17 22.47 15.25 -8.45
N LYS A 18 21.14 15.45 -8.33
CA LYS A 18 20.14 14.45 -7.87
C LYS A 18 18.86 14.59 -8.69
N PRO A 19 18.04 13.52 -8.81
CA PRO A 19 16.75 13.60 -9.50
C PRO A 19 15.64 14.21 -8.62
N GLN A 20 15.88 15.43 -8.15
CA GLN A 20 15.00 16.17 -7.22
C GLN A 20 15.37 17.66 -7.36
N PHE A 21 14.39 18.54 -7.19
CA PHE A 21 14.55 20.00 -7.30
C PHE A 21 14.91 20.61 -5.95
N LEU A 22 14.50 19.96 -4.86
CA LEU A 22 14.78 20.42 -3.47
C LEU A 22 16.14 19.87 -3.03
N ASN A 23 16.99 20.72 -2.49
CA ASN A 23 18.27 20.31 -1.85
C ASN A 23 19.12 19.57 -2.90
N SER A 24 19.21 20.16 -4.09
CA SER A 24 20.08 19.71 -5.19
C SER A 24 20.82 20.90 -5.75
N LYS A 25 22.05 20.64 -6.19
CA LYS A 25 22.92 21.60 -6.91
C LYS A 25 22.75 21.42 -8.42
N SER A 26 22.90 22.52 -9.15
CA SER A 26 23.00 22.53 -10.62
C SER A 26 24.42 22.11 -11.04
N VAL A 27 24.53 20.94 -11.66
CA VAL A 27 25.79 20.48 -12.32
C VAL A 27 25.90 21.27 -13.63
N ARG A 28 24.80 21.43 -14.38
CA ARG A 28 24.70 22.32 -15.56
C ARG A 28 23.38 23.07 -15.56
N GLN A 29 23.42 24.34 -16.03
CA GLN A 29 22.23 25.11 -16.42
C GLN A 29 22.36 25.37 -17.92
N TRP A 30 21.93 24.41 -18.70
CA TRP A 30 22.09 24.37 -20.17
C TRP A 30 21.14 25.39 -20.78
N LYS A 31 21.68 26.35 -21.53
CA LYS A 31 20.86 27.27 -22.36
C LYS A 31 19.86 26.47 -23.20
N HIS A 32 18.65 26.99 -23.37
CA HIS A 32 17.60 26.49 -24.31
C HIS A 32 18.28 26.16 -25.65
N GLY A 33 17.98 24.99 -26.23
CA GLY A 33 18.52 24.54 -27.52
C GLY A 33 19.82 23.73 -27.42
N THR A 34 20.46 23.60 -26.25
CA THR A 34 21.72 22.84 -26.08
C THR A 34 21.49 21.37 -26.48
N LYS A 35 22.41 20.76 -27.23
CA LYS A 35 22.30 19.34 -27.61
C LYS A 35 23.05 18.49 -26.57
N VAL A 36 22.43 17.41 -26.13
CA VAL A 36 22.95 16.55 -25.03
C VAL A 36 22.68 15.09 -25.34
N LYS A 37 23.45 14.21 -24.70
CA LYS A 37 23.22 12.75 -24.67
C LYS A 37 22.80 12.38 -23.24
N LEU A 38 21.76 11.56 -23.11
CA LEU A 38 21.13 11.25 -21.82
C LEU A 38 20.64 9.81 -21.92
N THR A 39 20.38 9.23 -20.75
CA THR A 39 19.69 7.93 -20.60
C THR A 39 18.46 8.16 -19.71
N LYS A 40 17.36 7.44 -19.94
CA LYS A 40 16.16 7.53 -19.07
C LYS A 40 16.53 6.96 -17.70
N HIS A 41 16.23 7.70 -16.64
CA HIS A 41 16.59 7.33 -15.24
C HIS A 41 15.36 6.75 -14.53
N ASN A 42 14.21 7.40 -14.67
CA ASN A 42 12.90 6.91 -14.16
C ASN A 42 11.77 7.55 -14.99
N SER A 43 10.52 7.43 -14.57
CA SER A 43 9.36 7.85 -15.39
C SER A 43 9.42 9.37 -15.68
N HIS A 44 10.08 10.17 -14.83
CA HIS A 44 10.09 11.66 -14.92
C HIS A 44 11.48 12.25 -15.08
N TRP A 45 12.56 11.46 -15.04
CA TRP A 45 13.94 12.03 -15.08
C TRP A 45 14.80 11.30 -16.10
N TYR A 46 15.70 12.07 -16.72
CA TYR A 46 16.86 11.59 -17.51
C TYR A 46 18.13 11.78 -16.65
N THR A 47 19.16 11.01 -16.97
CA THR A 47 20.51 11.15 -16.38
C THR A 47 21.52 11.22 -17.52
N GLY A 48 22.66 11.84 -17.27
CA GLY A 48 23.84 11.71 -18.12
C GLY A 48 25.07 12.13 -17.37
N VAL A 49 26.15 12.38 -18.10
CA VAL A 49 27.50 12.57 -17.50
C VAL A 49 28.16 13.72 -18.26
N VAL A 50 28.82 14.62 -17.56
CA VAL A 50 29.66 15.69 -18.14
C VAL A 50 31.06 15.62 -17.49
N LYS A 51 31.98 16.40 -18.02
CA LYS A 51 33.36 16.47 -17.48
C LYS A 51 33.54 17.82 -16.79
N ASP A 52 33.76 17.82 -15.48
CA ASP A 52 34.26 19.01 -14.74
C ASP A 52 35.79 18.87 -14.63
N GLY A 53 36.49 19.45 -15.61
CA GLY A 53 37.93 19.25 -15.85
C GLY A 53 38.22 17.79 -16.17
N ASN A 54 38.86 17.10 -15.22
CA ASN A 54 39.33 15.70 -15.36
C ASN A 54 38.27 14.73 -14.80
N LYS A 55 37.28 15.23 -14.04
CA LYS A 55 36.28 14.42 -13.28
C LYS A 55 35.00 14.21 -14.10
N SER A 56 34.54 12.97 -14.24
CA SER A 56 33.17 12.61 -14.69
C SER A 56 32.15 13.00 -13.60
N VAL A 57 31.09 13.73 -13.96
CA VAL A 57 30.01 14.12 -13.00
C VAL A 57 28.67 13.70 -13.57
N ARG A 58 27.92 12.94 -12.79
CA ARG A 58 26.56 12.49 -13.16
C ARG A 58 25.56 13.58 -12.77
N GLY A 59 24.59 13.83 -13.65
CA GLY A 59 23.54 14.83 -13.49
C GLY A 59 22.20 14.22 -13.87
N TYR A 60 21.11 14.88 -13.47
CA TYR A 60 19.71 14.45 -13.68
C TYR A 60 18.94 15.67 -14.16
N ILE A 61 18.09 15.48 -15.16
CA ILE A 61 17.27 16.58 -15.77
C ILE A 61 15.85 16.05 -15.94
N TYR A 62 14.86 16.88 -15.60
CA TYR A 62 13.44 16.52 -15.65
C TYR A 62 13.03 16.27 -17.11
N HIS A 63 12.19 15.24 -17.34
CA HIS A 63 11.81 14.71 -18.67
C HIS A 63 11.32 15.85 -19.60
N SER A 64 10.60 16.84 -19.09
CA SER A 64 9.97 17.91 -19.92
C SER A 64 11.02 18.93 -20.34
N MET A 65 12.22 18.89 -19.73
CA MET A 65 13.30 19.87 -20.05
C MET A 65 14.26 19.29 -21.09
N ALA A 66 13.97 18.09 -21.61
CA ALA A 66 14.82 17.42 -22.61
C ALA A 66 13.92 16.89 -23.73
N LYS A 67 13.93 17.54 -24.89
CA LYS A 67 13.17 17.04 -26.08
C LYS A 67 14.02 15.97 -26.75
N VAL A 68 13.60 14.72 -26.68
CA VAL A 68 14.33 13.57 -27.27
C VAL A 68 14.10 13.61 -28.79
N THR A 69 15.18 13.79 -29.57
CA THR A 69 15.12 13.93 -31.05
C THR A 69 15.44 12.60 -31.74
N SER A 70 16.20 11.70 -31.10
CA SER A 70 16.53 10.34 -31.60
C SER A 70 16.96 9.44 -30.46
N LYS A 71 16.80 8.13 -30.66
CA LYS A 71 17.29 7.08 -29.74
C LYS A 71 18.53 6.42 -30.36
N ASN A 72 19.62 6.30 -29.61
CA ASN A 72 20.84 5.58 -30.04
C ASN A 72 20.62 4.08 -29.78
N SER A 73 21.46 3.23 -30.40
CA SER A 73 21.38 1.75 -30.34
C SER A 73 21.61 1.28 -28.90
N ASP A 74 22.49 2.00 -28.18
CA ASP A 74 23.08 1.59 -26.87
C ASP A 74 22.11 1.88 -25.70
N GLY A 75 20.89 2.36 -25.98
CA GLY A 75 19.88 2.69 -24.95
C GLY A 75 19.83 4.16 -24.59
N SER A 76 20.89 4.92 -24.86
CA SER A 76 20.94 6.39 -24.65
C SER A 76 20.09 7.12 -25.69
N VAL A 77 19.87 8.41 -25.48
CA VAL A 77 19.05 9.26 -26.38
C VAL A 77 19.78 10.57 -26.59
N ASN A 78 19.52 11.17 -27.74
CA ASN A 78 20.02 12.51 -28.11
C ASN A 78 18.83 13.43 -27.89
N ALA A 79 19.07 14.58 -27.29
CA ALA A 79 17.99 15.50 -26.91
C ALA A 79 18.50 16.92 -27.00
N THR A 80 17.55 17.84 -27.18
CA THR A 80 17.82 19.29 -27.16
C THR A 80 17.15 19.79 -25.88
N ILE A 81 17.82 20.67 -25.15
CA ILE A 81 17.28 21.22 -23.89
C ILE A 81 16.10 22.14 -24.21
N ASN A 82 14.97 21.87 -23.57
CA ASN A 82 13.75 22.72 -23.59
C ASN A 82 13.68 23.45 -22.24
N ALA A 83 14.15 24.69 -22.21
CA ALA A 83 14.29 25.50 -20.97
C ALA A 83 12.89 25.90 -20.48
N HIS A 84 12.66 25.66 -19.19
CA HIS A 84 11.43 26.03 -18.45
C HIS A 84 11.72 25.80 -16.97
N ALA A 85 10.91 26.37 -16.08
CA ALA A 85 11.06 26.26 -14.63
C ALA A 85 9.76 25.69 -14.10
N PHE A 86 9.66 25.56 -12.79
CA PHE A 86 8.43 25.10 -12.10
C PHE A 86 8.20 26.02 -10.91
N CYS A 87 6.95 26.16 -10.48
CA CYS A 87 6.58 26.58 -9.11
C CYS A 87 5.60 25.53 -8.54
N TRP A 88 5.64 25.28 -7.24
CA TRP A 88 4.87 24.19 -6.58
C TRP A 88 4.01 24.79 -5.47
N ASP A 89 2.91 24.12 -5.14
CA ASP A 89 2.02 24.58 -4.05
C ASP A 89 2.53 24.05 -2.71
N ASN A 90 3.76 23.54 -2.68
CA ASN A 90 4.35 22.89 -1.48
C ASN A 90 5.85 23.18 -1.47
N LYS A 91 6.50 23.13 -0.32
CA LYS A 91 7.96 23.40 -0.23
C LYS A 91 8.78 22.10 -0.31
N LYS A 92 8.17 20.99 -0.74
CA LYS A 92 8.87 19.73 -1.06
C LYS A 92 9.41 19.82 -2.50
N LEU A 93 8.83 20.70 -3.33
CA LEU A 93 9.08 20.80 -4.79
C LEU A 93 8.94 19.40 -5.41
N ASN A 94 7.93 18.65 -4.99
CA ASN A 94 7.75 17.24 -5.43
C ASN A 94 6.24 16.91 -5.44
N GLY A 95 5.66 16.77 -6.63
CA GLY A 95 4.22 16.56 -6.83
C GLY A 95 3.38 17.69 -6.25
N GLY A 96 2.18 17.33 -5.80
CA GLY A 96 1.12 18.31 -5.49
C GLY A 96 0.70 19.03 -6.74
N ASP A 97 0.43 20.31 -6.63
CA ASP A 97 0.06 21.19 -7.77
C ASP A 97 1.35 21.91 -8.17
N PHE A 98 1.73 21.81 -9.45
CA PHE A 98 2.86 22.61 -9.99
C PHE A 98 2.46 23.20 -11.34
N ILE A 99 3.07 24.34 -11.66
CA ILE A 99 2.91 25.04 -12.95
C ILE A 99 4.26 25.07 -13.68
N ASN A 100 4.25 24.61 -14.92
CA ASN A 100 5.35 24.78 -15.90
C ASN A 100 5.44 26.27 -16.24
N LEU A 101 6.45 26.99 -15.74
CA LEU A 101 6.70 28.41 -16.05
C LEU A 101 7.60 28.49 -17.30
N LYS A 102 7.10 29.03 -18.41
CA LYS A 102 7.87 29.13 -19.68
C LYS A 102 9.15 29.93 -19.42
N ARG A 103 10.21 29.65 -20.18
CA ARG A 103 11.47 30.46 -20.12
C ARG A 103 11.11 31.93 -20.35
N GLY A 104 11.67 32.83 -19.55
CA GLY A 104 11.45 34.28 -19.69
C GLY A 104 10.14 34.72 -19.06
N PHE A 105 9.42 33.83 -18.38
CA PHE A 105 8.22 34.19 -17.59
C PHE A 105 8.61 35.33 -16.66
N LYS A 106 7.87 36.44 -16.70
CA LYS A 106 8.12 37.59 -15.81
C LYS A 106 7.18 37.51 -14.62
N GLY A 107 7.72 37.58 -13.42
CA GLY A 107 6.94 37.43 -12.19
C GLY A 107 7.37 38.46 -11.17
N ILE A 108 6.59 38.54 -10.10
CA ILE A 108 6.85 39.40 -8.93
C ILE A 108 6.76 38.47 -7.74
N THR A 109 7.73 38.57 -6.85
CA THR A 109 7.83 37.72 -5.67
C THR A 109 8.34 38.60 -4.54
N HIS A 110 8.60 38.03 -3.38
CA HIS A 110 8.94 38.80 -2.16
C HIS A 110 10.18 38.17 -1.54
N PRO A 111 11.03 38.94 -0.82
CA PRO A 111 12.19 38.38 -0.12
C PRO A 111 11.79 37.17 0.74
N ALA A 112 12.44 36.03 0.51
CA ALA A 112 12.16 34.74 1.18
C ALA A 112 13.44 34.28 1.88
N SER A 113 13.44 34.28 3.23
CA SER A 113 14.50 33.76 4.13
C SER A 113 14.79 32.29 3.84
N ASP A 114 13.75 31.49 3.59
CA ASP A 114 13.90 30.00 3.48
C ASP A 114 14.13 29.60 2.02
N GLY A 115 14.27 30.60 1.11
CA GLY A 115 14.52 30.42 -0.33
C GLY A 115 13.36 29.81 -1.10
N PHE A 116 12.13 29.85 -0.56
CA PHE A 116 10.92 29.46 -1.33
C PHE A 116 10.17 30.76 -1.66
N TYR A 117 10.41 31.25 -2.85
CA TYR A 117 9.92 32.57 -3.32
C TYR A 117 8.46 32.41 -3.73
N PRO A 118 7.52 33.19 -3.13
CA PRO A 118 6.09 33.10 -3.45
C PRO A 118 5.68 33.73 -4.78
N LEU A 119 4.89 32.99 -5.57
CA LEU A 119 4.19 33.52 -6.76
C LEU A 119 2.68 33.37 -6.59
N TYR A 120 1.95 34.49 -6.44
N TYR A 120 1.95 34.49 -6.63
CA TYR A 120 0.46 34.50 -6.47
CA TYR A 120 0.48 34.55 -6.45
C TYR A 120 -0.02 34.54 -7.93
C TYR A 120 -0.25 34.61 -7.82
N PHE A 121 -0.68 33.47 -8.35
CA PHE A 121 -1.37 33.41 -9.67
C PHE A 121 -2.80 33.94 -9.49
N ALA A 122 -3.20 34.97 -10.23
CA ALA A 122 -4.57 35.55 -10.20
C ALA A 122 -5.62 34.47 -10.51
N SER A 123 -5.45 33.74 -11.62
CA SER A 123 -6.43 32.77 -12.15
C SER A 123 -6.56 31.57 -11.21
N ARG A 124 -5.51 31.20 -10.49
CA ARG A 124 -5.63 30.18 -9.41
C ARG A 124 -5.91 30.91 -8.09
N LYS A 125 -6.25 30.17 -7.05
CA LYS A 125 -6.68 30.82 -5.79
C LYS A 125 -5.50 30.86 -4.81
N LYS A 126 -4.27 30.54 -5.23
CA LYS A 126 -3.24 30.12 -4.23
C LYS A 126 -1.83 30.55 -4.61
N THR A 127 -1.00 30.47 -3.57
CA THR A 127 0.45 30.73 -3.59
C THR A 127 1.16 29.49 -4.11
N PHE A 128 2.10 29.69 -5.03
CA PHE A 128 3.08 28.66 -5.46
C PHE A 128 4.47 29.15 -5.07
N TYR A 129 5.46 28.26 -5.08
CA TYR A 129 6.86 28.55 -4.67
C TYR A 129 7.81 28.16 -5.79
N ILE A 130 8.82 28.98 -5.99
CA ILE A 130 9.93 28.75 -6.97
C ILE A 130 11.23 28.91 -6.22
N PRO A 131 12.18 27.95 -6.36
CA PRO A 131 13.50 28.07 -5.71
C PRO A 131 14.35 29.10 -6.45
N ARG A 132 15.33 29.66 -5.74
CA ARG A 132 16.16 30.81 -6.16
C ARG A 132 16.79 30.54 -7.52
N TYR A 133 17.23 29.29 -7.72
CA TYR A 133 18.15 28.90 -8.81
C TYR A 133 17.40 28.90 -10.13
N MET A 134 16.08 29.09 -10.12
CA MET A 134 15.26 28.99 -11.37
C MET A 134 14.97 30.37 -11.97
N PHE A 135 15.45 31.46 -11.36
CA PHE A 135 15.11 32.80 -11.89
C PHE A 135 16.27 33.76 -11.63
N ASP A 136 16.26 34.86 -12.38
CA ASP A 136 17.15 36.03 -12.18
C ASP A 136 16.31 37.17 -11.63
N ILE A 137 16.90 37.92 -10.71
CA ILE A 137 16.46 39.25 -10.22
C ILE A 137 17.02 40.32 -11.17
N LYS A 138 16.17 41.08 -11.86
CA LYS A 138 16.61 42.25 -12.65
C LYS A 138 17.14 43.31 -11.69
N LYS A 139 18.33 43.85 -11.91
CA LYS A 139 19.02 44.76 -10.94
C LYS A 139 18.68 46.24 -11.21
N MET B 2 -17.62 -3.09 -3.33
CA MET B 2 -17.45 -2.94 -1.85
C MET B 2 -17.21 -1.47 -1.48
N GLU B 3 -17.83 -1.01 -0.39
CA GLU B 3 -17.90 0.41 0.08
C GLU B 3 -17.70 0.44 1.60
N ASN B 4 -17.14 1.54 2.17
CA ASN B 4 -17.20 1.88 3.62
C ASN B 4 -18.03 3.13 3.94
N ILE B 5 -18.30 3.24 5.24
CA ILE B 5 -19.06 4.33 5.89
C ILE B 5 -18.32 4.66 7.18
N ASN B 6 -17.96 5.92 7.40
CA ASN B 6 -17.49 6.38 8.74
C ASN B 6 -18.75 6.67 9.58
N ILE B 7 -18.77 6.22 10.83
CA ILE B 7 -19.96 6.38 11.71
C ILE B 7 -19.52 6.91 13.08
N VAL B 8 -20.44 7.63 13.74
CA VAL B 8 -20.30 8.12 15.13
C VAL B 8 -21.47 7.57 15.94
N ILE B 9 -21.19 6.90 17.04
CA ILE B 9 -22.25 6.40 17.96
C ILE B 9 -22.93 7.65 18.55
N LYS B 10 -24.26 7.65 18.59
CA LYS B 10 -25.09 8.81 19.05
C LYS B 10 -24.80 9.14 20.51
N ASP B 11 -25.04 10.40 20.88
CA ASP B 11 -24.81 10.86 22.27
C ASP B 11 -26.13 10.73 23.03
N VAL B 12 -26.86 9.64 22.83
CA VAL B 12 -28.24 9.44 23.38
C VAL B 12 -28.37 8.06 24.03
N GLY B 13 -29.38 7.93 24.91
CA GLY B 13 -29.95 6.68 25.43
C GLY B 13 -31.19 6.34 24.65
N TYR B 14 -31.54 5.06 24.55
CA TYR B 14 -32.62 4.58 23.65
C TYR B 14 -33.84 4.19 24.50
N PHE B 15 -34.90 4.99 24.37
CA PHE B 15 -36.23 4.76 24.97
C PHE B 15 -37.10 4.15 23.87
N GLN B 16 -37.13 2.81 23.82
CA GLN B 16 -37.78 2.07 22.69
C GLN B 16 -39.24 1.73 23.02
N ASP B 17 -40.05 1.44 22.01
CA ASP B 17 -41.49 1.11 22.17
C ASP B 17 -41.63 -0.30 22.76
N LYS B 18 -40.55 -1.08 22.83
CA LYS B 18 -40.52 -2.45 23.44
C LYS B 18 -39.21 -2.61 24.17
N PRO B 19 -39.11 -3.51 25.16
CA PRO B 19 -37.86 -3.81 25.88
C PRO B 19 -36.92 -4.76 25.11
N GLN B 20 -36.56 -4.36 23.90
CA GLN B 20 -35.71 -5.12 22.96
C GLN B 20 -35.12 -4.11 21.97
N PHE B 21 -33.94 -4.42 21.45
CA PHE B 21 -33.20 -3.54 20.53
C PHE B 21 -33.51 -3.91 19.09
N LEU B 22 -33.87 -5.17 18.82
CA LEU B 22 -34.23 -5.61 17.43
C LEU B 22 -35.72 -5.31 17.16
N ASN B 23 -36.04 -4.74 15.99
CA ASN B 23 -37.43 -4.48 15.54
C ASN B 23 -38.19 -3.61 16.57
N SER B 24 -37.56 -2.56 17.08
CA SER B 24 -38.17 -1.59 18.00
C SER B 24 -37.90 -0.20 17.44
N LYS B 25 -38.84 0.70 17.70
CA LYS B 25 -38.85 2.10 17.25
C LYS B 25 -38.43 2.91 18.48
N SER B 26 -37.64 3.95 18.27
CA SER B 26 -37.25 4.92 19.32
C SER B 26 -38.45 5.83 19.63
N VAL B 27 -38.99 5.75 20.86
CA VAL B 27 -40.07 6.67 21.33
C VAL B 27 -39.39 8.01 21.63
N ARG B 28 -38.26 7.94 22.32
CA ARG B 28 -37.33 9.06 22.55
C ARG B 28 -35.89 8.58 22.37
N GLN B 29 -35.05 9.39 21.77
CA GLN B 29 -33.59 9.26 21.94
C GLN B 29 -33.15 10.41 22.87
N TRP B 30 -33.03 10.12 24.15
CA TRP B 30 -32.71 11.15 25.16
C TRP B 30 -31.22 11.48 25.11
N LYS B 31 -30.91 12.76 24.86
CA LYS B 31 -29.55 13.34 24.95
C LYS B 31 -28.92 12.93 26.30
N HIS B 32 -27.63 12.62 26.30
CA HIS B 32 -26.85 12.29 27.53
C HIS B 32 -27.19 13.34 28.59
N GLY B 33 -27.47 12.92 29.81
CA GLY B 33 -27.73 13.83 30.93
C GLY B 33 -29.21 14.19 31.10
N THR B 34 -30.10 13.88 30.14
CA THR B 34 -31.55 14.16 30.28
C THR B 34 -32.05 13.53 31.58
N LYS B 35 -32.93 14.23 32.30
CA LYS B 35 -33.49 13.77 33.61
C LYS B 35 -34.93 13.33 33.33
N VAL B 36 -35.27 12.11 33.80
CA VAL B 36 -36.53 11.39 33.46
C VAL B 36 -37.07 10.65 34.69
N LYS B 37 -38.35 10.30 34.65
CA LYS B 37 -39.00 9.42 35.66
C LYS B 37 -39.30 8.05 35.03
N LEU B 38 -38.93 6.96 35.71
CA LEU B 38 -38.99 5.56 35.20
C LEU B 38 -39.44 4.62 36.32
N THR B 39 -39.87 3.40 35.96
CA THR B 39 -40.21 2.30 36.90
C THR B 39 -39.46 1.05 36.42
N LYS B 40 -38.95 0.24 37.34
CA LYS B 40 -38.20 -1.00 36.96
C LYS B 40 -39.19 -1.93 36.24
N HIS B 41 -38.85 -2.42 35.04
CA HIS B 41 -39.72 -3.31 34.20
C HIS B 41 -39.34 -4.78 34.43
N ASN B 42 -38.06 -5.09 34.31
CA ASN B 42 -37.46 -6.43 34.60
C ASN B 42 -35.98 -6.23 34.96
N SER B 43 -35.18 -7.29 35.01
CA SER B 43 -33.80 -7.23 35.56
C SER B 43 -32.92 -6.29 34.72
N HIS B 44 -33.22 -6.10 33.43
CA HIS B 44 -32.34 -5.34 32.49
C HIS B 44 -33.02 -4.10 31.92
N TRP B 45 -34.30 -3.87 32.18
CA TRP B 45 -35.04 -2.75 31.55
C TRP B 45 -35.82 -1.89 32.55
N TYR B 46 -35.90 -0.61 32.24
CA TYR B 46 -36.81 0.37 32.90
C TYR B 46 -37.93 0.64 31.91
N THR B 47 -39.06 1.08 32.43
CA THR B 47 -40.16 1.61 31.59
C THR B 47 -40.58 2.96 32.14
N GLY B 48 -41.19 3.78 31.30
CA GLY B 48 -41.86 5.02 31.70
C GLY B 48 -42.80 5.47 30.61
N VAL B 49 -43.39 6.64 30.80
CA VAL B 49 -44.45 7.20 29.90
C VAL B 49 -44.07 8.65 29.65
N VAL B 50 -44.36 9.12 28.43
CA VAL B 50 -44.12 10.50 27.95
C VAL B 50 -45.36 10.87 27.15
N LYS B 51 -45.57 12.16 26.87
CA LYS B 51 -46.74 12.60 26.07
C LYS B 51 -46.30 13.01 24.68
N ASP B 52 -46.79 12.31 23.65
CA ASP B 52 -46.71 12.74 22.24
C ASP B 52 -48.01 13.48 21.93
N GLY B 53 -47.99 14.82 22.05
CA GLY B 53 -49.19 15.68 22.00
C GLY B 53 -50.13 15.38 23.15
N ASN B 54 -51.29 14.78 22.85
CA ASN B 54 -52.35 14.48 23.85
C ASN B 54 -52.16 13.06 24.43
N LYS B 55 -51.48 12.18 23.68
CA LYS B 55 -51.40 10.72 23.96
C LYS B 55 -50.20 10.42 24.86
N SER B 56 -50.44 9.67 25.93
CA SER B 56 -49.41 8.94 26.71
C SER B 56 -48.85 7.80 25.85
N VAL B 57 -47.51 7.72 25.72
CA VAL B 57 -46.78 6.65 24.96
C VAL B 57 -45.79 6.01 25.92
N ARG B 58 -45.81 4.69 26.03
CA ARG B 58 -44.93 3.94 26.97
C ARG B 58 -43.62 3.62 26.23
N GLY B 59 -42.50 3.66 26.96
CA GLY B 59 -41.18 3.34 26.43
C GLY B 59 -40.40 2.46 27.39
N TYR B 60 -39.31 1.89 26.89
CA TYR B 60 -38.41 0.98 27.62
C TYR B 60 -36.98 1.48 27.38
N ILE B 61 -36.16 1.51 28.43
CA ILE B 61 -34.74 1.91 28.31
C ILE B 61 -33.89 0.92 29.11
N TYR B 62 -32.78 0.51 28.52
CA TYR B 62 -31.84 -0.49 29.09
C TYR B 62 -31.27 0.07 30.40
N HIS B 63 -31.05 -0.81 31.38
CA HIS B 63 -30.66 -0.41 32.75
C HIS B 63 -29.36 0.42 32.76
N SER B 64 -28.40 0.11 31.89
CA SER B 64 -27.06 0.76 31.90
C SER B 64 -27.14 2.15 31.25
N MET B 65 -28.29 2.51 30.67
CA MET B 65 -28.51 3.83 30.03
C MET B 65 -29.28 4.77 30.98
N ALA B 66 -29.48 4.36 32.24
CA ALA B 66 -30.17 5.17 33.26
C ALA B 66 -29.37 5.12 34.57
N LYS B 67 -28.90 6.29 35.02
CA LYS B 67 -28.20 6.44 36.33
C LYS B 67 -29.26 6.96 37.31
N VAL B 68 -29.62 6.13 38.28
CA VAL B 68 -30.71 6.40 39.27
C VAL B 68 -30.29 7.53 40.23
N THR B 69 -30.99 8.68 40.20
CA THR B 69 -30.65 9.91 40.98
C THR B 69 -31.49 10.01 42.26
N SER B 70 -32.75 9.52 42.26
CA SER B 70 -33.63 9.40 43.47
C SER B 70 -34.82 8.47 43.19
N LYS B 71 -35.36 7.86 44.26
CA LYS B 71 -36.57 7.00 44.27
C LYS B 71 -37.79 7.77 44.75
N ASN B 72 -38.91 7.68 44.03
CA ASN B 72 -40.22 8.26 44.43
C ASN B 72 -40.92 7.26 45.37
N SER B 73 -41.92 7.72 46.13
CA SER B 73 -42.65 6.90 47.15
C SER B 73 -43.55 5.87 46.46
N ASP B 74 -44.00 6.17 45.23
CA ASP B 74 -44.91 5.31 44.40
C ASP B 74 -44.15 4.14 43.75
N GLY B 75 -42.87 3.93 44.10
CA GLY B 75 -42.01 2.83 43.60
C GLY B 75 -41.22 3.19 42.35
N SER B 76 -41.57 4.27 41.64
CA SER B 76 -40.85 4.77 40.44
C SER B 76 -39.52 5.40 40.86
N VAL B 77 -38.66 5.71 39.90
CA VAL B 77 -37.32 6.33 40.17
C VAL B 77 -37.12 7.54 39.25
N ASN B 78 -36.23 8.45 39.66
CA ASN B 78 -35.72 9.56 38.80
C ASN B 78 -34.34 9.11 38.34
N ALA B 79 -33.99 9.44 37.11
CA ALA B 79 -32.69 9.02 36.56
C ALA B 79 -32.19 10.05 35.56
N THR B 80 -30.87 10.07 35.40
CA THR B 80 -30.10 10.81 34.36
C THR B 80 -29.72 9.81 33.27
N ILE B 81 -30.03 10.13 32.01
CA ILE B 81 -29.70 9.27 30.84
C ILE B 81 -28.18 9.23 30.69
N ASN B 82 -27.63 8.02 30.72
CA ASN B 82 -26.21 7.70 30.45
C ASN B 82 -26.16 7.13 29.03
N ALA B 83 -25.92 7.98 28.04
CA ALA B 83 -25.82 7.64 26.60
C ALA B 83 -24.67 6.66 26.35
N HIS B 84 -25.01 5.61 25.61
CA HIS B 84 -24.11 4.59 25.02
C HIS B 84 -24.94 3.74 24.05
N ALA B 85 -24.25 3.00 23.19
CA ALA B 85 -24.87 2.06 22.26
C ALA B 85 -24.31 0.65 22.52
N PHE B 86 -24.76 -0.31 21.73
CA PHE B 86 -24.27 -1.71 21.75
C PHE B 86 -23.93 -2.14 20.33
N CYS B 87 -22.98 -3.07 20.19
CA CYS B 87 -22.90 -3.96 19.01
C CYS B 87 -22.90 -5.41 19.53
N TRP B 88 -23.47 -6.33 18.75
CA TRP B 88 -23.66 -7.74 19.19
C TRP B 88 -22.97 -8.66 18.16
N ASP B 89 -22.54 -9.83 18.62
CA ASP B 89 -21.95 -10.88 17.75
C ASP B 89 -23.06 -11.64 17.02
N ASN B 90 -24.31 -11.18 17.08
CA ASN B 90 -25.49 -11.89 16.53
C ASN B 90 -26.48 -10.86 16.01
N LYS B 91 -27.36 -11.25 15.08
CA LYS B 91 -28.36 -10.33 14.48
C LYS B 91 -29.69 -10.41 15.23
N LYS B 92 -29.72 -11.02 16.41
CA LYS B 92 -30.91 -11.03 17.31
C LYS B 92 -30.87 -9.80 18.23
N LEU B 93 -29.67 -9.21 18.39
CA LEU B 93 -29.35 -8.07 19.30
C LEU B 93 -29.89 -8.41 20.68
N ASN B 94 -29.66 -9.64 21.11
CA ASN B 94 -30.17 -10.13 22.42
C ASN B 94 -29.18 -11.17 22.92
N GLY B 95 -28.50 -10.86 24.03
CA GLY B 95 -27.52 -11.77 24.66
C GLY B 95 -26.41 -12.11 23.69
N GLY B 96 -25.83 -13.28 23.86
CA GLY B 96 -24.59 -13.66 23.17
C GLY B 96 -23.49 -12.74 23.66
N ASP B 97 -22.58 -12.37 22.77
CA ASP B 97 -21.46 -11.51 23.12
C ASP B 97 -21.80 -10.10 22.63
N PHE B 98 -21.82 -9.12 23.52
CA PHE B 98 -22.11 -7.72 23.13
C PHE B 98 -21.08 -6.82 23.81
N ILE B 99 -20.85 -5.66 23.18
CA ILE B 99 -19.85 -4.65 23.63
C ILE B 99 -20.59 -3.33 23.86
N ASN B 100 -20.36 -2.75 25.03
CA ASN B 100 -20.80 -1.38 25.36
C ASN B 100 -19.97 -0.40 24.53
N LEU B 101 -20.56 0.30 23.57
CA LEU B 101 -19.87 1.34 22.77
C LEU B 101 -20.15 2.70 23.41
N LYS B 102 -19.10 3.36 23.92
CA LYS B 102 -19.18 4.72 24.52
C LYS B 102 -19.82 5.71 23.53
N ARG B 103 -20.58 6.66 24.06
CA ARG B 103 -21.18 7.76 23.24
C ARG B 103 -20.05 8.41 22.44
N GLY B 104 -20.28 8.67 21.15
CA GLY B 104 -19.28 9.35 20.31
C GLY B 104 -18.24 8.41 19.73
N PHE B 105 -18.25 7.12 20.07
CA PHE B 105 -17.36 6.09 19.47
C PHE B 105 -17.31 6.27 17.94
N LYS B 106 -16.09 6.41 17.42
CA LYS B 106 -15.83 6.56 15.95
C LYS B 106 -15.54 5.16 15.36
N GLY B 107 -16.31 4.75 14.37
CA GLY B 107 -16.19 3.44 13.74
C GLY B 107 -16.30 3.51 12.23
N ILE B 108 -16.02 2.38 11.58
CA ILE B 108 -16.18 2.17 10.11
C ILE B 108 -17.09 0.96 9.96
N THR B 109 -18.03 1.01 9.05
CA THR B 109 -18.88 -0.13 8.72
C THR B 109 -19.06 -0.18 7.20
N HIS B 110 -19.95 -1.03 6.74
CA HIS B 110 -20.23 -1.24 5.31
C HIS B 110 -21.74 -1.10 5.12
N PRO B 111 -22.20 -0.55 3.97
CA PRO B 111 -23.62 -0.48 3.68
C PRO B 111 -24.26 -1.87 3.87
N ALA B 112 -25.29 -1.93 4.73
CA ALA B 112 -25.97 -3.18 5.15
C ALA B 112 -27.43 -3.11 4.71
N SER B 113 -27.78 -3.85 3.65
CA SER B 113 -29.18 -3.92 3.12
C SER B 113 -30.13 -4.51 4.16
N ASP B 114 -29.67 -5.39 5.07
CA ASP B 114 -30.52 -6.04 6.11
C ASP B 114 -30.52 -5.20 7.40
N GLY B 115 -29.80 -4.07 7.41
CA GLY B 115 -29.77 -3.09 8.52
C GLY B 115 -28.90 -3.54 9.71
N PHE B 116 -28.09 -4.59 9.58
CA PHE B 116 -27.13 -5.05 10.62
C PHE B 116 -25.72 -4.61 10.19
N TYR B 117 -25.30 -3.43 10.64
CA TYR B 117 -24.04 -2.79 10.19
C TYR B 117 -22.88 -3.51 10.87
N PRO B 118 -21.97 -4.12 10.07
CA PRO B 118 -20.87 -4.91 10.62
C PRO B 118 -19.71 -4.03 11.13
N LEU B 119 -19.17 -4.42 12.26
CA LEU B 119 -18.00 -3.82 12.91
C LEU B 119 -16.93 -4.91 13.09
N TYR B 120 -15.82 -4.80 12.37
CA TYR B 120 -14.67 -5.71 12.60
C TYR B 120 -13.75 -5.03 13.62
N PHE B 121 -13.73 -5.53 14.86
CA PHE B 121 -12.76 -5.08 15.90
C PHE B 121 -11.46 -5.85 15.63
N ALA B 122 -10.34 -5.16 15.33
CA ALA B 122 -9.03 -5.79 15.07
C ALA B 122 -8.62 -6.64 16.29
N SER B 123 -8.86 -6.15 17.51
CA SER B 123 -8.49 -6.79 18.80
C SER B 123 -9.31 -8.07 19.07
N ARG B 124 -10.45 -8.26 18.41
CA ARG B 124 -11.31 -9.46 18.59
C ARG B 124 -11.40 -10.16 17.23
N LYS B 125 -11.80 -11.43 17.21
CA LYS B 125 -11.62 -12.23 16.00
C LYS B 125 -12.99 -12.49 15.35
N LYS B 126 -14.00 -11.68 15.67
CA LYS B 126 -15.36 -11.88 15.10
C LYS B 126 -15.97 -10.55 14.69
N THR B 127 -17.02 -10.67 13.90
CA THR B 127 -17.86 -9.55 13.42
C THR B 127 -18.85 -9.21 14.53
N PHE B 128 -19.02 -7.92 14.86
CA PHE B 128 -20.16 -7.43 15.66
C PHE B 128 -21.12 -6.66 14.74
N TYR B 129 -22.38 -6.52 15.16
CA TYR B 129 -23.43 -5.79 14.42
C TYR B 129 -24.04 -4.69 15.31
N ILE B 130 -24.33 -3.57 14.66
CA ILE B 130 -24.99 -2.38 15.28
C ILE B 130 -26.17 -1.99 14.37
N PRO B 131 -27.38 -1.73 14.93
CA PRO B 131 -28.49 -1.23 14.14
C PRO B 131 -28.34 0.27 13.77
N ARG B 132 -29.00 0.69 12.67
CA ARG B 132 -28.86 2.02 12.02
C ARG B 132 -29.10 3.13 13.04
N TYR B 133 -30.10 2.96 13.92
CA TYR B 133 -30.62 4.01 14.82
C TYR B 133 -29.61 4.34 15.91
N MET B 134 -28.50 3.60 16.06
CA MET B 134 -27.55 3.83 17.18
C MET B 134 -26.37 4.70 16.73
N PHE B 135 -26.34 5.20 15.50
CA PHE B 135 -25.18 5.94 14.96
C PHE B 135 -25.62 6.94 13.89
N ASP B 136 -24.77 7.94 13.65
CA ASP B 136 -24.93 8.95 12.56
C ASP B 136 -23.76 8.78 11.60
N ILE B 137 -24.02 9.05 10.32
CA ILE B 137 -23.01 9.07 9.23
C ILE B 137 -22.55 10.52 9.08
N LYS B 138 -21.30 10.83 9.45
CA LYS B 138 -20.74 12.20 9.32
C LYS B 138 -20.32 12.46 7.86
N MET C 1 23.51 29.54 51.10
CA MET C 1 22.52 29.54 50.00
C MET C 1 22.77 28.31 49.12
N MET C 2 21.89 28.11 48.12
CA MET C 2 21.90 26.99 47.14
C MET C 2 22.61 27.46 45.87
N GLU C 3 23.06 26.55 45.00
CA GLU C 3 23.81 26.87 43.75
C GLU C 3 23.28 26.09 42.53
N ASN C 4 23.39 26.68 41.34
CA ASN C 4 23.17 25.97 40.06
C ASN C 4 24.53 25.83 39.36
N ILE C 5 24.66 24.81 38.51
CA ILE C 5 25.83 24.58 37.59
C ILE C 5 25.26 24.33 36.20
N ASN C 6 25.75 25.01 35.18
CA ASN C 6 25.46 24.65 33.77
C ASN C 6 26.45 23.55 33.37
N ILE C 7 25.97 22.50 32.72
CA ILE C 7 26.81 21.34 32.32
C ILE C 7 26.53 21.02 30.85
N VAL C 8 27.51 20.43 30.17
CA VAL C 8 27.33 19.89 28.78
C VAL C 8 27.83 18.44 28.78
N ILE C 9 26.99 17.52 28.31
CA ILE C 9 27.38 16.08 28.24
C ILE C 9 28.48 15.97 27.18
N LYS C 10 29.55 15.26 27.51
CA LYS C 10 30.77 15.11 26.68
C LYS C 10 30.42 14.48 25.34
N ASP C 11 31.26 14.77 24.37
CA ASP C 11 31.21 14.19 23.01
C ASP C 11 31.98 12.88 22.98
N VAL C 12 31.87 12.01 24.00
CA VAL C 12 32.65 10.74 24.07
C VAL C 12 31.76 9.54 24.42
N GLY C 13 32.32 8.36 24.18
CA GLY C 13 31.87 7.05 24.68
C GLY C 13 32.79 6.62 25.81
N TYR C 14 32.31 5.77 26.74
CA TYR C 14 33.02 5.49 28.02
C TYR C 14 33.57 4.06 27.94
N PHE C 15 34.89 3.94 27.81
CA PHE C 15 35.56 2.62 27.79
C PHE C 15 36.10 2.39 29.19
N GLN C 16 35.32 1.75 30.05
CA GLN C 16 35.61 1.70 31.51
C GLN C 16 36.47 0.47 31.81
N ASP C 17 37.17 0.46 32.96
CA ASP C 17 38.02 -0.69 33.36
C ASP C 17 37.16 -1.86 33.82
N LYS C 18 35.85 -1.64 34.01
CA LYS C 18 34.84 -2.66 34.35
C LYS C 18 33.54 -2.39 33.60
N PRO C 19 32.67 -3.40 33.40
CA PRO C 19 31.37 -3.21 32.75
C PRO C 19 30.25 -2.67 33.67
N GLN C 20 30.52 -1.52 34.25
CA GLN C 20 29.66 -0.83 35.24
C GLN C 20 30.05 0.65 35.13
N PHE C 21 29.10 1.55 35.36
CA PHE C 21 29.31 3.02 35.34
C PHE C 21 29.75 3.56 36.71
N LEU C 22 29.39 2.88 37.80
CA LEU C 22 29.71 3.29 39.20
C LEU C 22 31.03 2.62 39.61
N ASN C 23 31.96 3.38 40.22
CA ASN C 23 33.24 2.87 40.81
C ASN C 23 34.07 2.16 39.73
N SER C 24 34.11 2.74 38.54
CA SER C 24 34.93 2.31 37.40
C SER C 24 35.75 3.52 36.91
N LYS C 25 36.87 3.23 36.27
CA LYS C 25 37.86 4.23 35.81
C LYS C 25 37.74 4.23 34.29
N SER C 26 37.80 5.40 33.66
CA SER C 26 37.81 5.51 32.18
C SER C 26 39.18 5.06 31.66
N VAL C 27 39.24 3.96 30.91
CA VAL C 27 40.50 3.53 30.24
C VAL C 27 40.64 4.40 29.01
N ARG C 28 39.54 4.58 28.29
CA ARG C 28 39.45 5.59 27.19
C ARG C 28 38.14 6.38 27.32
N GLN C 29 38.19 7.66 26.99
CA GLN C 29 36.99 8.47 26.64
C GLN C 29 37.13 8.79 25.14
N TRP C 30 36.63 7.86 24.32
CA TRP C 30 36.73 7.91 22.83
C TRP C 30 35.80 8.99 22.28
N LYS C 31 36.37 9.94 21.54
CA LYS C 31 35.62 10.92 20.74
C LYS C 31 34.62 10.19 19.84
N HIS C 32 33.42 10.75 19.71
CA HIS C 32 32.38 10.32 18.75
C HIS C 32 33.01 10.05 17.38
N GLY C 33 32.67 8.95 16.71
CA GLY C 33 33.25 8.63 15.39
C GLY C 33 34.56 7.82 15.44
N THR C 34 35.12 7.55 16.64
CA THR C 34 36.38 6.76 16.76
C THR C 34 36.07 5.32 16.32
N LYS C 35 36.98 4.68 15.60
CA LYS C 35 36.77 3.31 15.07
C LYS C 35 37.59 2.37 15.95
N VAL C 36 36.97 1.27 16.37
CA VAL C 36 37.51 0.38 17.41
C VAL C 36 37.23 -1.06 17.01
N LYS C 37 37.98 -2.00 17.61
CA LYS C 37 37.67 -3.46 17.56
C LYS C 37 37.22 -3.88 18.95
N LEU C 38 36.13 -4.64 19.01
CA LEU C 38 35.48 -5.05 20.29
C LEU C 38 34.99 -6.48 20.14
N THR C 39 34.66 -7.08 21.28
CA THR C 39 33.92 -8.37 21.35
C THR C 39 32.72 -8.22 22.27
N LYS C 40 31.57 -8.81 21.94
CA LYS C 40 30.37 -8.76 22.83
C LYS C 40 30.73 -9.43 24.16
N HIS C 41 30.50 -8.73 25.27
CA HIS C 41 30.85 -9.19 26.64
C HIS C 41 29.60 -9.76 27.30
N ASN C 42 28.50 -9.02 27.26
CA ASN C 42 27.15 -9.47 27.71
C ASN C 42 26.09 -8.73 26.90
N SER C 43 24.82 -8.85 27.27
CA SER C 43 23.72 -8.36 26.40
C SER C 43 23.82 -6.83 26.26
N HIS C 44 24.46 -6.14 27.20
CA HIS C 44 24.48 -4.65 27.22
C HIS C 44 25.91 -4.10 27.09
N TRP C 45 26.94 -4.94 26.99
CA TRP C 45 28.34 -4.45 27.02
C TRP C 45 29.24 -5.12 25.99
N TYR C 46 30.24 -4.39 25.55
CA TYR C 46 31.33 -4.87 24.69
C TYR C 46 32.61 -4.77 25.53
N THR C 47 33.62 -5.52 25.13
CA THR C 47 34.98 -5.46 25.70
C THR C 47 35.98 -5.34 24.55
N GLY C 48 37.15 -4.81 24.87
CA GLY C 48 38.27 -4.67 23.94
C GLY C 48 39.56 -4.48 24.69
N VAL C 49 40.66 -4.34 23.98
CA VAL C 49 41.99 -4.15 24.60
C VAL C 49 42.69 -2.98 23.90
N VAL C 50 43.43 -2.17 24.65
CA VAL C 50 44.28 -1.07 24.12
C VAL C 50 45.64 -1.19 24.80
N LYS C 51 46.63 -0.44 24.32
CA LYS C 51 47.98 -0.44 24.94
C LYS C 51 48.18 0.89 25.64
N ASP C 52 48.43 0.86 26.95
CA ASP C 52 48.99 1.99 27.73
C ASP C 52 50.50 1.75 27.85
N GLY C 53 51.30 2.34 26.94
CA GLY C 53 52.73 2.05 26.79
C GLY C 53 52.96 0.60 26.40
N ASN C 54 53.52 -0.21 27.28
CA ASN C 54 53.79 -1.64 26.99
C ASN C 54 52.67 -2.55 27.54
N LYS C 55 51.73 -2.03 28.33
CA LYS C 55 50.69 -2.86 28.99
C LYS C 55 49.42 -2.94 28.11
N SER C 56 48.94 -4.16 27.83
CA SER C 56 47.56 -4.46 27.36
C SER C 56 46.58 -4.16 28.50
N VAL C 57 45.58 -3.29 28.26
CA VAL C 57 44.55 -2.91 29.28
C VAL C 57 43.20 -3.20 28.65
N ARG C 58 42.39 -3.98 29.36
CA ARG C 58 41.06 -4.44 28.91
C ARG C 58 40.06 -3.40 29.35
N GLY C 59 39.06 -3.15 28.52
CA GLY C 59 38.05 -2.12 28.70
C GLY C 59 36.70 -2.65 28.32
N TYR C 60 35.65 -1.96 28.76
CA TYR C 60 34.23 -2.32 28.56
C TYR C 60 33.52 -1.04 28.16
N ILE C 61 32.69 -1.12 27.13
CA ILE C 61 31.87 0.02 26.67
C ILE C 61 30.43 -0.44 26.46
N TYR C 62 29.48 0.39 26.83
CA TYR C 62 28.03 0.10 26.69
C TYR C 62 27.63 -0.05 25.20
N HIS C 63 26.72 -0.98 24.95
CA HIS C 63 26.33 -1.45 23.61
C HIS C 63 25.87 -0.27 22.76
N SER C 64 25.14 0.69 23.30
CA SER C 64 24.56 1.82 22.53
C SER C 64 25.65 2.87 22.20
N MET C 65 26.86 2.71 22.71
CA MET C 65 27.96 3.68 22.43
C MET C 65 28.86 3.08 21.36
N ALA C 66 28.52 1.90 20.83
CA ALA C 66 29.30 1.21 19.79
C ALA C 66 28.33 0.81 18.67
N LYS C 67 28.46 1.48 17.52
CA LYS C 67 27.67 1.14 16.30
C LYS C 67 28.49 0.09 15.56
N VAL C 68 28.03 -1.16 15.59
CA VAL C 68 28.75 -2.26 14.94
C VAL C 68 28.54 -2.18 13.43
N THR C 69 29.63 -2.04 12.67
CA THR C 69 29.64 -1.79 11.21
C THR C 69 29.99 -3.08 10.44
N SER C 70 30.76 -3.99 11.05
CA SER C 70 31.15 -5.30 10.44
C SER C 70 31.57 -6.32 11.49
N LYS C 71 31.53 -7.60 11.11
CA LYS C 71 31.74 -8.76 12.01
C LYS C 71 32.96 -9.55 11.52
N ASN C 72 34.00 -9.68 12.35
CA ASN C 72 35.24 -10.43 12.02
C ASN C 72 35.02 -11.94 12.21
N SER C 73 35.91 -12.75 11.61
CA SER C 73 35.87 -14.24 11.62
C SER C 73 36.06 -14.77 13.04
N ASP C 74 36.93 -14.12 13.83
CA ASP C 74 37.33 -14.64 15.16
C ASP C 74 36.26 -14.31 16.21
N GLY C 75 35.05 -13.88 15.81
CA GLY C 75 33.91 -13.53 16.70
C GLY C 75 33.91 -12.06 17.14
N SER C 76 35.03 -11.32 16.98
CA SER C 76 35.10 -9.87 17.30
C SER C 76 34.29 -9.06 16.27
N VAL C 77 34.09 -7.77 16.55
CA VAL C 77 33.36 -6.86 15.62
C VAL C 77 34.15 -5.57 15.47
N ASN C 78 33.88 -4.85 14.37
CA ASN C 78 34.44 -3.49 14.14
C ASN C 78 33.31 -2.50 14.38
N ALA C 79 33.56 -1.42 15.13
CA ALA C 79 32.50 -0.48 15.50
C ALA C 79 32.99 0.96 15.48
N THR C 80 32.04 1.88 15.34
CA THR C 80 32.27 3.34 15.45
C THR C 80 31.68 3.80 16.77
N ILE C 81 32.44 4.56 17.56
CA ILE C 81 31.90 5.09 18.85
C ILE C 81 30.75 6.05 18.56
N ASN C 82 29.59 5.81 19.19
CA ASN C 82 28.41 6.71 19.21
C ASN C 82 28.35 7.35 20.60
N ALA C 83 28.91 8.56 20.75
CA ALA C 83 29.00 9.29 22.03
C ALA C 83 27.61 9.64 22.57
N HIS C 84 27.38 9.29 23.85
CA HIS C 84 26.23 9.72 24.67
C HIS C 84 26.52 9.44 26.14
N ALA C 85 25.67 9.93 27.03
CA ALA C 85 25.82 9.69 28.47
C ALA C 85 24.50 9.11 28.96
N PHE C 86 24.41 8.88 30.26
CA PHE C 86 23.18 8.42 30.94
C PHE C 86 22.96 9.28 32.17
N CYS C 87 21.72 9.38 32.62
CA CYS C 87 21.40 9.70 34.04
C CYS C 87 20.44 8.64 34.55
N TRP C 88 20.51 8.33 35.85
CA TRP C 88 19.73 7.23 36.48
C TRP C 88 18.86 7.80 37.60
N ASP C 89 17.75 7.12 37.88
CA ASP C 89 16.85 7.48 38.99
C ASP C 89 17.40 6.87 40.29
N ASN C 90 18.62 6.37 40.28
CA ASN C 90 19.26 5.69 41.44
C ASN C 90 20.76 5.98 41.41
N LYS C 91 21.44 5.92 42.54
CA LYS C 91 22.87 6.24 42.60
C LYS C 91 23.74 4.98 42.43
N LYS C 92 23.15 3.83 42.08
CA LYS C 92 23.91 2.62 41.71
C LYS C 92 24.36 2.71 40.24
N LEU C 93 23.72 3.61 39.47
CA LEU C 93 23.96 3.79 38.01
C LEU C 93 23.82 2.43 37.32
N ASN C 94 22.80 1.68 37.67
CA ASN C 94 22.66 0.30 37.18
C ASN C 94 21.17 -0.02 37.18
N GLY C 95 20.57 -0.15 36.01
CA GLY C 95 19.13 -0.46 35.92
C GLY C 95 18.25 0.64 36.46
N GLY C 96 17.05 0.26 36.83
CA GLY C 96 16.02 1.23 37.26
C GLY C 96 15.57 2.01 36.06
N ASP C 97 15.30 3.28 36.26
CA ASP C 97 14.90 4.21 35.17
C ASP C 97 16.17 4.99 34.79
N PHE C 98 16.54 4.97 33.52
CA PHE C 98 17.71 5.75 33.04
C PHE C 98 17.33 6.37 31.70
N ILE C 99 17.92 7.54 31.45
CA ILE C 99 17.68 8.33 30.23
C ILE C 99 18.99 8.46 29.45
N ASN C 100 18.95 8.14 28.15
CA ASN C 100 20.05 8.40 27.20
C ASN C 100 20.20 9.92 26.97
N LEU C 101 21.30 10.53 27.41
CA LEU C 101 21.53 11.99 27.19
C LEU C 101 22.44 12.12 25.98
N LYS C 102 21.94 12.72 24.90
CA LYS C 102 22.69 12.89 23.63
C LYS C 102 23.98 13.66 23.91
N ARG C 103 25.00 13.40 23.11
CA ARG C 103 26.28 14.16 23.23
C ARG C 103 25.91 15.63 23.11
N GLY C 104 26.51 16.49 23.93
CA GLY C 104 26.29 17.94 23.83
C GLY C 104 25.03 18.39 24.58
N PHE C 105 24.27 17.47 25.16
CA PHE C 105 23.06 17.80 25.96
C PHE C 105 23.44 18.90 26.96
N LYS C 106 22.66 19.99 26.95
CA LYS C 106 22.84 21.14 27.89
C LYS C 106 21.92 20.95 29.10
N GLY C 107 22.49 20.93 30.31
CA GLY C 107 21.72 20.71 31.53
C GLY C 107 22.05 21.72 32.60
N ILE C 108 21.23 21.71 33.62
CA ILE C 108 21.43 22.45 34.88
C ILE C 108 21.46 21.42 36.00
N THR C 109 22.36 21.57 36.95
CA THR C 109 22.46 20.65 38.09
C THR C 109 22.93 21.48 39.28
N HIS C 110 23.25 20.84 40.39
CA HIS C 110 23.63 21.49 41.67
C HIS C 110 24.93 20.86 42.11
N PRO C 111 25.86 21.62 42.70
CA PRO C 111 27.05 21.05 43.33
C PRO C 111 26.66 19.83 44.18
N ALA C 112 27.28 18.69 43.90
CA ALA C 112 27.00 17.36 44.52
C ALA C 112 28.29 16.86 45.20
N SER C 113 28.31 16.88 46.53
CA SER C 113 29.46 16.44 47.36
C SER C 113 29.71 14.91 47.19
N ASP C 114 28.67 14.13 46.86
CA ASP C 114 28.78 12.66 46.68
C ASP C 114 29.05 12.33 45.21
N GLY C 115 29.15 13.33 44.32
CA GLY C 115 29.42 13.13 42.88
C GLY C 115 28.22 12.65 42.08
N PHE C 116 27.00 12.60 42.66
CA PHE C 116 25.76 12.29 41.90
C PHE C 116 25.02 13.60 41.65
N TYR C 117 25.25 14.18 40.49
CA TYR C 117 24.72 15.51 40.10
C TYR C 117 23.24 15.34 39.74
N PRO C 118 22.31 16.02 40.47
CA PRO C 118 20.88 15.89 40.23
C PRO C 118 20.40 16.60 38.96
N LEU C 119 19.54 15.94 38.19
CA LEU C 119 18.84 16.54 37.03
C LEU C 119 17.34 16.41 37.27
N TYR C 120 16.65 17.55 37.38
CA TYR C 120 15.18 17.61 37.52
C TYR C 120 14.62 17.88 36.10
N PHE C 121 14.06 16.86 35.47
CA PHE C 121 13.33 16.98 34.18
C PHE C 121 11.90 17.46 34.48
N ALA C 122 11.48 18.57 33.85
CA ALA C 122 10.10 19.12 33.83
C ALA C 122 9.05 18.01 33.57
N SER C 123 9.21 17.24 32.49
CA SER C 123 8.21 16.23 32.05
C SER C 123 8.27 14.96 32.90
N ARG C 124 9.21 14.84 33.83
CA ARG C 124 9.24 13.67 34.75
C ARG C 124 9.02 14.16 36.18
N LYS C 125 8.68 13.25 37.08
CA LYS C 125 8.28 13.61 38.45
C LYS C 125 9.43 13.24 39.39
N LYS C 126 10.62 13.09 38.82
CA LYS C 126 11.70 12.26 39.42
C LYS C 126 13.05 12.95 39.19
N THR C 127 13.89 12.83 40.21
CA THR C 127 15.31 13.22 40.19
C THR C 127 16.07 12.13 39.44
N PHE C 128 16.88 12.50 38.45
CA PHE C 128 17.91 11.62 37.84
C PHE C 128 19.28 12.13 38.29
N TYR C 129 20.28 11.24 38.24
CA TYR C 129 21.67 11.56 38.61
C TYR C 129 22.62 11.20 37.46
N ILE C 130 23.60 12.08 37.26
CA ILE C 130 24.69 11.91 36.26
C ILE C 130 26.02 12.01 37.00
N PRO C 131 26.95 11.03 36.81
CA PRO C 131 28.27 11.10 37.42
C PRO C 131 29.12 12.19 36.77
N ARG C 132 30.06 12.75 37.53
CA ARG C 132 30.93 13.89 37.16
C ARG C 132 31.62 13.63 35.83
N TYR C 133 32.09 12.41 35.60
CA TYR C 133 32.97 12.10 34.42
C TYR C 133 32.18 12.18 33.11
N MET C 134 30.86 12.33 33.12
CA MET C 134 30.04 12.29 31.88
C MET C 134 29.74 13.70 31.35
N PHE C 135 30.25 14.76 31.97
CA PHE C 135 29.94 16.14 31.50
C PHE C 135 31.12 17.05 31.79
N ASP C 136 31.09 18.19 31.10
CA ASP C 136 32.04 19.32 31.28
C ASP C 136 31.26 20.51 31.83
N ILE C 137 31.96 21.37 32.56
CA ILE C 137 31.47 22.70 32.99
C ILE C 137 32.22 23.74 32.15
N LYS C 138 31.52 24.49 31.28
CA LYS C 138 32.11 25.55 30.39
C LYS C 138 32.70 26.69 31.23
N LYS C 139 33.88 27.21 30.87
CA LYS C 139 34.58 28.25 31.68
C LYS C 139 34.00 29.65 31.38
N MET D 1 -31.48 16.55 -44.71
CA MET D 1 -30.64 15.53 -44.05
C MET D 1 -31.02 15.46 -42.57
N MET D 2 -30.09 15.05 -41.69
CA MET D 2 -30.31 14.93 -40.22
C MET D 2 -30.14 16.31 -39.58
N GLU D 3 -30.83 16.57 -38.46
CA GLU D 3 -30.87 17.89 -37.78
C GLU D 3 -30.63 17.75 -36.28
N ASN D 4 -30.16 18.79 -35.63
CA ASN D 4 -30.08 18.87 -34.15
C ASN D 4 -30.78 20.15 -33.67
N ILE D 5 -31.14 20.17 -32.39
CA ILE D 5 -31.94 21.24 -31.75
C ILE D 5 -31.27 21.56 -30.42
N ASN D 6 -30.91 22.81 -30.16
CA ASN D 6 -30.42 23.22 -28.83
C ASN D 6 -31.65 23.50 -27.95
N ILE D 7 -31.65 22.99 -26.72
CA ILE D 7 -32.83 23.10 -25.83
C ILE D 7 -32.37 23.58 -24.47
N VAL D 8 -33.29 24.18 -23.74
CA VAL D 8 -33.11 24.53 -22.30
C VAL D 8 -34.29 23.89 -21.59
N ILE D 9 -34.03 23.10 -20.55
CA ILE D 9 -35.08 22.65 -19.60
C ILE D 9 -35.65 23.90 -18.91
N LYS D 10 -36.98 23.96 -18.82
CA LYS D 10 -37.74 25.16 -18.37
C LYS D 10 -37.51 25.40 -16.88
N ASP D 11 -37.87 26.62 -16.46
CA ASP D 11 -37.70 27.09 -15.08
C ASP D 11 -39.01 26.85 -14.31
N VAL D 12 -39.76 25.80 -14.66
CA VAL D 12 -41.12 25.55 -14.12
C VAL D 12 -41.25 24.14 -13.52
N GLY D 13 -42.25 23.98 -12.63
CA GLY D 13 -42.83 22.70 -12.19
C GLY D 13 -44.10 22.43 -12.98
N TYR D 14 -44.47 21.16 -13.20
CA TYR D 14 -45.55 20.78 -14.15
C TYR D 14 -46.76 20.33 -13.36
N PHE D 15 -47.82 21.11 -13.48
CA PHE D 15 -49.17 20.86 -12.93
C PHE D 15 -50.00 20.26 -14.07
N GLN D 16 -49.99 18.94 -14.17
CA GLN D 16 -50.58 18.24 -15.35
C GLN D 16 -52.05 17.94 -15.05
N ASP D 17 -52.86 17.72 -16.09
CA ASP D 17 -54.28 17.33 -15.94
C ASP D 17 -54.40 15.88 -15.47
N LYS D 18 -53.30 15.14 -15.35
CA LYS D 18 -53.28 13.76 -14.83
C LYS D 18 -51.99 13.55 -14.07
N PRO D 19 -51.92 12.61 -13.10
CA PRO D 19 -50.67 12.31 -12.38
C PRO D 19 -49.74 11.38 -13.18
N GLN D 20 -49.41 11.79 -14.39
CA GLN D 20 -48.54 11.04 -15.32
C GLN D 20 -47.89 12.06 -16.27
N PHE D 21 -46.75 11.73 -16.86
CA PHE D 21 -46.01 12.66 -17.75
C PHE D 21 -46.35 12.37 -19.20
N LEU D 22 -46.74 11.14 -19.51
CA LEU D 22 -47.13 10.74 -20.89
C LEU D 22 -48.61 11.08 -21.14
N ASN D 23 -48.91 11.65 -22.30
CA ASN D 23 -50.30 11.98 -22.74
C ASN D 23 -51.01 12.79 -21.65
N SER D 24 -50.31 13.72 -21.02
CA SER D 24 -50.92 14.72 -20.11
C SER D 24 -50.67 16.15 -20.64
N LYS D 25 -51.60 17.03 -20.33
CA LYS D 25 -51.60 18.46 -20.70
C LYS D 25 -51.22 19.23 -19.44
N SER D 26 -50.43 20.29 -19.58
CA SER D 26 -50.09 21.21 -18.47
C SER D 26 -51.31 22.07 -18.19
N VAL D 27 -51.86 22.00 -17.00
CA VAL D 27 -52.93 22.92 -16.51
C VAL D 27 -52.22 24.22 -16.12
N ARG D 28 -51.08 24.11 -15.45
CA ARG D 28 -50.16 25.21 -15.10
C ARG D 28 -48.71 24.75 -15.26
N GLN D 29 -47.84 25.63 -15.73
CA GLN D 29 -46.39 25.51 -15.58
C GLN D 29 -45.97 26.62 -14.62
N TRP D 30 -45.86 26.30 -13.34
CA TRP D 30 -45.54 27.28 -12.28
C TRP D 30 -44.05 27.57 -12.30
N LYS D 31 -43.70 28.85 -12.38
CA LYS D 31 -42.29 29.30 -12.26
C LYS D 31 -41.71 28.91 -10.90
N HIS D 32 -40.41 28.56 -10.89
CA HIS D 32 -39.64 28.19 -9.68
C HIS D 32 -40.00 29.18 -8.57
N GLY D 33 -40.32 28.71 -7.37
CA GLY D 33 -40.59 29.57 -6.20
C GLY D 33 -42.06 29.95 -6.02
N THR D 34 -42.95 29.74 -7.00
CA THR D 34 -44.40 30.02 -6.85
C THR D 34 -44.95 29.32 -5.62
N LYS D 35 -45.80 29.98 -4.84
CA LYS D 35 -46.42 29.40 -3.62
C LYS D 35 -47.83 28.93 -4.00
N VAL D 36 -48.20 27.72 -3.56
CA VAL D 36 -49.47 27.05 -3.95
C VAL D 36 -50.06 26.33 -2.75
N LYS D 37 -51.34 26.00 -2.85
CA LYS D 37 -52.04 25.06 -1.95
C LYS D 37 -52.31 23.76 -2.73
N LEU D 38 -51.97 22.64 -2.13
CA LEU D 38 -52.08 21.31 -2.74
C LEU D 38 -52.60 20.34 -1.69
N THR D 39 -52.97 19.14 -2.14
CA THR D 39 -53.19 18.00 -1.24
C THR D 39 -52.32 16.84 -1.73
N LYS D 40 -51.76 16.05 -0.82
CA LYS D 40 -51.04 14.79 -1.15
C LYS D 40 -52.01 13.83 -1.85
N HIS D 41 -51.67 13.40 -3.07
CA HIS D 41 -52.50 12.56 -3.96
C HIS D 41 -52.07 11.11 -3.78
N ASN D 42 -50.76 10.86 -3.83
CA ASN D 42 -50.14 9.55 -3.49
C ASN D 42 -48.67 9.78 -3.13
N SER D 43 -47.90 8.72 -3.04
CA SER D 43 -46.49 8.73 -2.58
C SER D 43 -45.65 9.63 -3.50
N HIS D 44 -46.04 9.84 -4.76
CA HIS D 44 -45.20 10.55 -5.75
C HIS D 44 -45.86 11.81 -6.29
N TRP D 45 -47.12 12.09 -5.94
CA TRP D 45 -47.86 13.21 -6.58
C TRP D 45 -48.65 14.01 -5.54
N TYR D 46 -48.82 15.31 -5.81
CA TYR D 46 -49.71 16.25 -5.09
C TYR D 46 -50.80 16.61 -6.11
N THR D 47 -51.97 17.02 -5.64
CA THR D 47 -53.08 17.52 -6.48
C THR D 47 -53.55 18.86 -5.93
N GLY D 48 -54.17 19.67 -6.76
CA GLY D 48 -54.89 20.87 -6.31
C GLY D 48 -55.82 21.34 -7.40
N VAL D 49 -56.49 22.49 -7.20
CA VAL D 49 -57.45 23.09 -8.18
C VAL D 49 -57.03 24.54 -8.44
N VAL D 50 -57.30 25.02 -9.65
CA VAL D 50 -57.10 26.42 -10.07
C VAL D 50 -58.31 26.82 -10.89
N LYS D 51 -58.47 28.10 -11.17
CA LYS D 51 -59.65 28.61 -11.94
C LYS D 51 -59.20 29.00 -13.34
N ASP D 52 -59.69 28.28 -14.36
CA ASP D 52 -59.65 28.71 -15.78
C ASP D 52 -60.97 29.42 -16.07
N GLY D 53 -60.97 30.75 -15.97
CA GLY D 53 -62.17 31.60 -15.97
C GLY D 53 -63.07 31.28 -14.78
N ASN D 54 -64.25 30.73 -15.05
CA ASN D 54 -65.26 30.39 -14.01
C ASN D 54 -65.09 28.93 -13.58
N LYS D 55 -64.34 28.13 -14.35
CA LYS D 55 -64.28 26.65 -14.17
C LYS D 55 -63.11 26.30 -13.24
N SER D 56 -63.40 25.49 -12.21
CA SER D 56 -62.40 24.80 -11.36
C SER D 56 -61.76 23.68 -12.19
N VAL D 57 -60.43 23.63 -12.26
CA VAL D 57 -59.68 22.59 -13.00
C VAL D 57 -58.71 21.93 -12.03
N ARG D 58 -58.75 20.60 -11.95
CA ARG D 58 -57.85 19.84 -11.06
C ARG D 58 -56.53 19.53 -11.80
N GLY D 59 -55.43 19.50 -11.06
CA GLY D 59 -54.09 19.23 -11.62
C GLY D 59 -53.27 18.41 -10.65
N TYR D 60 -52.16 17.87 -11.15
CA TYR D 60 -51.27 16.97 -10.40
C TYR D 60 -49.84 17.42 -10.66
N ILE D 61 -49.03 17.48 -9.61
CA ILE D 61 -47.60 17.89 -9.73
C ILE D 61 -46.74 16.91 -8.94
N TYR D 62 -45.63 16.51 -9.54
CA TYR D 62 -44.70 15.50 -9.00
C TYR D 62 -44.16 15.97 -7.65
N HIS D 63 -43.97 15.04 -6.73
CA HIS D 63 -43.66 15.35 -5.32
C HIS D 63 -42.37 16.19 -5.21
N SER D 64 -41.36 15.91 -6.04
CA SER D 64 -40.02 16.57 -5.98
C SER D 64 -40.12 17.98 -6.58
N MET D 65 -41.25 18.36 -7.17
CA MET D 65 -41.43 19.72 -7.73
C MET D 65 -42.22 20.62 -6.76
N ALA D 66 -42.45 20.17 -5.52
CA ALA D 66 -43.23 20.93 -4.52
C ALA D 66 -42.63 20.70 -3.14
N LYS D 67 -42.06 21.75 -2.54
CA LYS D 67 -41.52 21.72 -1.15
C LYS D 67 -42.64 22.15 -0.21
N VAL D 68 -43.10 21.24 0.64
CA VAL D 68 -44.21 21.48 1.60
C VAL D 68 -43.64 22.32 2.74
N THR D 69 -44.13 23.56 2.92
CA THR D 69 -43.66 24.49 3.98
C THR D 69 -44.56 24.40 5.23
N SER D 70 -45.84 24.03 5.09
CA SER D 70 -46.79 23.86 6.22
C SER D 70 -48.01 23.00 5.88
N LYS D 71 -48.65 22.47 6.92
CA LYS D 71 -49.82 21.56 6.83
C LYS D 71 -51.10 22.24 7.36
N ASN D 72 -52.15 22.34 6.55
CA ASN D 72 -53.44 22.95 6.97
C ASN D 72 -54.30 21.93 7.75
N SER D 73 -55.34 22.38 8.45
CA SER D 73 -56.21 21.54 9.31
C SER D 73 -57.08 20.64 8.43
N ASP D 74 -57.41 21.12 7.24
CA ASP D 74 -58.32 20.39 6.33
C ASP D 74 -57.56 19.27 5.62
N GLY D 75 -56.28 19.01 5.97
CA GLY D 75 -55.45 17.95 5.36
C GLY D 75 -54.66 18.39 4.13
N SER D 76 -54.93 19.58 3.60
CA SER D 76 -54.18 20.19 2.49
C SER D 76 -52.83 20.70 3.02
N VAL D 77 -51.95 21.08 2.10
CA VAL D 77 -50.60 21.60 2.45
C VAL D 77 -50.35 22.85 1.63
N ASN D 78 -49.39 23.65 2.10
CA ASN D 78 -48.92 24.89 1.43
C ASN D 78 -47.51 24.59 0.93
N ALA D 79 -47.20 24.84 -0.32
CA ALA D 79 -45.90 24.40 -0.86
C ALA D 79 -45.34 25.44 -1.82
N THR D 80 -44.03 25.38 -1.99
CA THR D 80 -43.27 26.21 -2.94
C THR D 80 -42.84 25.32 -4.09
N ILE D 81 -43.09 25.77 -5.32
CA ILE D 81 -42.70 25.02 -6.54
C ILE D 81 -41.18 25.00 -6.64
N ASN D 82 -40.62 23.81 -6.82
CA ASN D 82 -39.18 23.54 -7.09
C ASN D 82 -39.06 23.07 -8.53
N ALA D 83 -38.74 23.95 -9.46
CA ALA D 83 -38.71 23.65 -10.91
C ALA D 83 -37.58 22.68 -11.26
N HIS D 84 -37.92 21.66 -12.06
CA HIS D 84 -37.04 20.65 -12.68
C HIS D 84 -37.87 19.80 -13.64
N ALA D 85 -37.18 19.07 -14.51
CA ALA D 85 -37.79 18.20 -15.52
C ALA D 85 -37.23 16.77 -15.33
N PHE D 86 -37.56 15.91 -16.27
CA PHE D 86 -37.11 14.49 -16.32
C PHE D 86 -36.79 14.13 -17.78
N CYS D 87 -35.84 13.21 -17.97
CA CYS D 87 -35.76 12.36 -19.19
C CYS D 87 -35.77 10.90 -18.74
N TRP D 88 -36.29 10.00 -19.57
CA TRP D 88 -36.53 8.58 -19.22
C TRP D 88 -35.90 7.69 -20.28
N ASP D 89 -35.49 6.50 -19.86
CA ASP D 89 -34.89 5.50 -20.78
C ASP D 89 -36.00 4.74 -21.53
N ASN D 90 -37.23 5.17 -21.46
CA ASN D 90 -38.40 4.47 -22.03
C ASN D 90 -39.39 5.54 -22.50
N LYS D 91 -40.26 5.21 -23.46
CA LYS D 91 -41.28 6.14 -23.96
C LYS D 91 -42.60 6.00 -23.20
N LYS D 92 -42.61 5.32 -22.05
CA LYS D 92 -43.79 5.33 -21.14
C LYS D 92 -43.72 6.60 -20.27
N LEU D 93 -42.53 7.18 -20.10
CA LEU D 93 -42.21 8.32 -19.19
C LEU D 93 -42.73 7.94 -17.80
N ASN D 94 -42.52 6.68 -17.43
CA ASN D 94 -43.06 6.13 -16.18
C ASN D 94 -42.09 5.06 -15.72
N GLY D 95 -41.37 5.34 -14.65
CA GLY D 95 -40.41 4.41 -14.05
C GLY D 95 -39.22 4.16 -14.96
N GLY D 96 -38.65 2.96 -14.84
CA GLY D 96 -37.41 2.58 -15.52
C GLY D 96 -36.28 3.43 -14.99
N ASP D 97 -35.35 3.77 -15.85
CA ASP D 97 -34.22 4.66 -15.50
C ASP D 97 -34.62 6.07 -15.94
N PHE D 98 -34.68 7.01 -15.00
CA PHE D 98 -34.98 8.43 -15.34
C PHE D 98 -33.93 9.29 -14.66
N ILE D 99 -33.70 10.49 -15.22
CA ILE D 99 -32.71 11.47 -14.70
C ILE D 99 -33.46 12.77 -14.38
N ASN D 100 -33.31 13.27 -13.15
CA ASN D 100 -33.76 14.61 -12.74
C ASN D 100 -32.91 15.64 -13.51
N LEU D 101 -33.52 16.40 -14.41
CA LEU D 101 -32.83 17.45 -15.19
C LEU D 101 -33.05 18.78 -14.45
N LYS D 102 -31.97 19.39 -13.96
CA LYS D 102 -32.03 20.68 -13.20
C LYS D 102 -32.68 21.74 -14.11
N ARG D 103 -33.43 22.67 -13.53
CA ARG D 103 -33.97 23.83 -14.28
C ARG D 103 -32.80 24.50 -15.00
N GLY D 104 -32.97 24.85 -16.25
CA GLY D 104 -31.90 25.51 -17.01
C GLY D 104 -30.97 24.52 -17.68
N PHE D 105 -31.12 23.21 -17.47
CA PHE D 105 -30.25 22.17 -18.10
C PHE D 105 -30.17 22.46 -19.61
N LYS D 106 -28.94 22.57 -20.13
CA LYS D 106 -28.65 22.85 -21.55
C LYS D 106 -28.43 21.52 -22.28
N GLY D 107 -29.20 21.26 -23.34
CA GLY D 107 -29.14 19.97 -24.02
C GLY D 107 -29.17 20.13 -25.52
N ILE D 108 -28.92 19.04 -26.23
CA ILE D 108 -29.08 18.90 -27.71
C ILE D 108 -29.99 17.71 -27.95
N THR D 109 -30.99 17.86 -28.80
CA THR D 109 -31.87 16.74 -29.18
C THR D 109 -32.06 16.80 -30.69
N HIS D 110 -32.93 15.95 -31.22
CA HIS D 110 -33.13 15.78 -32.68
C HIS D 110 -34.61 15.79 -32.94
N PRO D 111 -35.03 16.15 -34.17
CA PRO D 111 -36.42 16.07 -34.60
C PRO D 111 -37.01 14.75 -34.15
N ALA D 112 -38.12 14.83 -33.43
CA ALA D 112 -38.88 13.68 -32.87
C ALA D 112 -40.28 13.69 -33.51
N SER D 113 -40.51 12.83 -34.52
CA SER D 113 -41.82 12.63 -35.20
C SER D 113 -42.88 12.19 -34.18
N ASP D 114 -42.51 11.28 -33.27
CA ASP D 114 -43.41 10.69 -32.24
C ASP D 114 -43.43 11.58 -30.99
N GLY D 115 -42.61 12.65 -30.97
CA GLY D 115 -42.61 13.64 -29.86
C GLY D 115 -41.84 13.17 -28.64
N PHE D 116 -41.09 12.09 -28.76
CA PHE D 116 -40.17 11.64 -27.69
C PHE D 116 -38.76 12.08 -28.08
N TYR D 117 -38.31 13.20 -27.55
CA TYR D 117 -37.05 13.86 -27.98
C TYR D 117 -35.89 13.10 -27.36
N PRO D 118 -35.01 12.54 -28.23
CA PRO D 118 -33.87 11.74 -27.78
C PRO D 118 -32.73 12.59 -27.21
N LEU D 119 -32.20 12.15 -26.07
CA LEU D 119 -31.09 12.77 -25.31
C LEU D 119 -30.00 11.72 -25.19
N TYR D 120 -28.90 11.86 -25.94
CA TYR D 120 -27.74 10.94 -25.79
C TYR D 120 -26.83 11.44 -24.66
N PHE D 121 -26.79 10.68 -23.56
CA PHE D 121 -25.85 10.89 -22.42
C PHE D 121 -24.60 10.03 -22.64
N ALA D 122 -23.50 10.67 -23.05
CA ALA D 122 -22.17 10.07 -23.33
C ALA D 122 -21.79 9.05 -22.24
N SER D 123 -21.85 9.46 -20.96
CA SER D 123 -21.36 8.65 -19.83
C SER D 123 -22.28 7.44 -19.55
N ARG D 124 -23.52 7.42 -20.02
CA ARG D 124 -24.48 6.32 -19.65
C ARG D 124 -24.63 5.30 -20.79
N LYS D 125 -24.40 5.73 -22.05
CA LYS D 125 -24.41 4.87 -23.27
C LYS D 125 -25.84 4.38 -23.56
N LYS D 126 -26.85 5.15 -23.18
CA LYS D 126 -28.23 4.88 -23.66
C LYS D 126 -28.93 6.19 -24.03
N THR D 127 -29.97 6.05 -24.82
CA THR D 127 -30.87 7.15 -25.22
C THR D 127 -31.91 7.33 -24.13
N PHE D 128 -32.10 8.57 -23.70
CA PHE D 128 -33.20 9.02 -22.81
C PHE D 128 -34.18 9.85 -23.66
N TYR D 129 -35.41 9.99 -23.18
CA TYR D 129 -36.48 10.74 -23.88
C TYR D 129 -37.08 11.79 -22.93
N ILE D 130 -37.38 12.92 -23.53
CA ILE D 130 -37.98 14.11 -22.87
C ILE D 130 -39.16 14.56 -23.74
N PRO D 131 -40.34 14.80 -23.14
CA PRO D 131 -41.47 15.35 -23.88
C PRO D 131 -41.29 16.85 -24.20
N ARG D 132 -41.94 17.31 -25.26
CA ARG D 132 -41.86 18.68 -25.83
C ARG D 132 -42.12 19.76 -24.76
N TYR D 133 -43.08 19.52 -23.87
CA TYR D 133 -43.56 20.54 -22.91
C TYR D 133 -42.52 20.81 -21.82
N MET D 134 -41.41 20.08 -21.74
CA MET D 134 -40.45 20.27 -20.61
C MET D 134 -39.24 21.14 -21.02
N PHE D 135 -39.18 21.65 -22.24
CA PHE D 135 -38.01 22.43 -22.73
C PHE D 135 -38.45 23.49 -23.74
N ASP D 136 -37.59 24.50 -23.89
CA ASP D 136 -37.71 25.51 -24.98
C ASP D 136 -36.58 25.28 -25.96
N ILE D 137 -36.85 25.56 -27.22
CA ILE D 137 -35.86 25.59 -28.33
C ILE D 137 -35.30 27.03 -28.37
N LYS D 138 -34.01 27.23 -28.06
CA LYS D 138 -33.38 28.57 -28.14
C LYS D 138 -33.43 29.06 -29.60
N LYS D 139 -33.89 30.29 -29.85
CA LYS D 139 -34.19 30.80 -31.22
C LYS D 139 -32.94 31.44 -31.83
N MET E 1 23.24 -27.32 -31.06
CA MET E 1 22.82 -26.93 -32.45
C MET E 1 21.30 -27.20 -32.61
N MET E 2 20.90 -28.41 -33.02
CA MET E 2 19.50 -28.80 -33.31
C MET E 2 18.86 -29.35 -32.03
N GLU E 3 17.55 -29.18 -31.82
CA GLU E 3 16.81 -29.74 -30.65
C GLU E 3 15.57 -30.45 -31.13
N ASN E 4 15.01 -31.30 -30.26
CA ASN E 4 13.68 -31.91 -30.42
C ASN E 4 12.84 -31.55 -29.21
N ILE E 5 11.53 -31.50 -29.42
CA ILE E 5 10.51 -31.08 -28.43
C ILE E 5 9.49 -32.21 -28.42
N ASN E 6 9.18 -32.72 -27.25
CA ASN E 6 8.08 -33.70 -27.10
C ASN E 6 6.79 -32.91 -26.93
N ILE E 7 5.76 -33.24 -27.68
CA ILE E 7 4.51 -32.46 -27.69
C ILE E 7 3.35 -33.43 -27.57
N VAL E 8 2.26 -32.97 -26.97
CA VAL E 8 0.99 -33.73 -26.99
C VAL E 8 -0.11 -32.77 -27.45
N ILE E 9 -0.88 -33.25 -28.41
CA ILE E 9 -2.01 -32.49 -28.99
C ILE E 9 -3.04 -32.37 -27.87
N LYS E 10 -3.57 -31.15 -27.70
CA LYS E 10 -4.48 -30.78 -26.61
C LYS E 10 -5.81 -31.52 -26.70
N ASP E 11 -6.42 -31.68 -25.53
CA ASP E 11 -7.69 -32.38 -25.30
C ASP E 11 -8.81 -31.33 -25.48
N VAL E 12 -8.68 -30.42 -26.47
CA VAL E 12 -9.63 -29.28 -26.66
C VAL E 12 -10.04 -29.13 -28.13
N GLY E 13 -11.20 -28.50 -28.34
CA GLY E 13 -11.67 -27.88 -29.59
C GLY E 13 -11.33 -26.39 -29.60
N TYR E 14 -11.07 -25.78 -30.77
CA TYR E 14 -10.55 -24.40 -30.92
C TYR E 14 -11.67 -23.48 -31.42
N PHE E 15 -12.12 -22.59 -30.53
CA PHE E 15 -13.10 -21.51 -30.76
C PHE E 15 -12.30 -20.24 -30.99
N GLN E 16 -11.98 -19.98 -32.26
CA GLN E 16 -11.08 -18.88 -32.66
C GLN E 16 -11.90 -17.61 -32.91
N ASP E 17 -11.23 -16.47 -32.86
CA ASP E 17 -11.83 -15.14 -33.09
C ASP E 17 -12.12 -14.96 -34.60
N LYS E 18 -11.64 -15.87 -35.46
CA LYS E 18 -11.88 -15.87 -36.93
C LYS E 18 -12.08 -17.30 -37.40
N PRO E 19 -12.78 -17.56 -38.55
CA PRO E 19 -12.93 -18.91 -39.11
C PRO E 19 -11.70 -19.31 -39.94
N GLN E 20 -10.54 -19.26 -39.30
CA GLN E 20 -9.25 -19.60 -39.94
C GLN E 20 -8.30 -20.03 -38.80
N PHE E 21 -7.24 -20.77 -39.12
CA PHE E 21 -6.33 -21.32 -38.10
C PHE E 21 -5.07 -20.46 -38.00
N LEU E 22 -4.73 -19.75 -39.06
CA LEU E 22 -3.55 -18.88 -39.16
C LEU E 22 -3.90 -17.48 -38.67
N ASN E 23 -3.07 -16.88 -37.82
CA ASN E 23 -3.26 -15.50 -37.32
C ASN E 23 -4.65 -15.33 -36.69
N SER E 24 -5.15 -16.36 -36.00
CA SER E 24 -6.36 -16.30 -35.16
C SER E 24 -6.00 -16.61 -33.71
N LYS E 25 -6.73 -16.01 -32.78
CA LYS E 25 -6.58 -16.11 -31.31
C LYS E 25 -7.67 -17.05 -30.83
N SER E 26 -7.38 -17.86 -29.81
CA SER E 26 -8.41 -18.73 -29.18
C SER E 26 -9.28 -17.86 -28.26
N VAL E 27 -10.58 -17.83 -28.52
CA VAL E 27 -11.56 -17.18 -27.60
C VAL E 27 -11.88 -18.18 -26.50
N ARG E 28 -12.09 -19.44 -26.86
CA ARG E 28 -12.18 -20.59 -25.91
C ARG E 28 -11.38 -21.77 -26.47
N GLN E 29 -10.79 -22.53 -25.56
CA GLN E 29 -10.25 -23.87 -25.85
C GLN E 29 -11.09 -24.85 -25.02
N TRP E 30 -12.21 -25.25 -25.57
CA TRP E 30 -13.18 -26.14 -24.88
C TRP E 30 -12.62 -27.55 -24.75
N LYS E 31 -12.63 -28.09 -23.53
CA LYS E 31 -12.26 -29.50 -23.25
C LYS E 31 -13.23 -30.42 -23.98
N HIS E 32 -12.71 -31.55 -24.45
CA HIS E 32 -13.48 -32.64 -25.07
C HIS E 32 -14.71 -32.90 -24.17
N GLY E 33 -15.91 -33.01 -24.75
CA GLY E 33 -17.16 -33.30 -24.02
C GLY E 33 -17.99 -32.07 -23.64
N THR E 34 -17.43 -30.85 -23.72
CA THR E 34 -18.10 -29.59 -23.33
C THR E 34 -19.36 -29.41 -24.17
N LYS E 35 -20.45 -28.98 -23.53
CA LYS E 35 -21.75 -28.73 -24.20
C LYS E 35 -21.77 -27.26 -24.60
N VAL E 36 -22.15 -26.96 -25.84
CA VAL E 36 -22.15 -25.57 -26.38
C VAL E 36 -23.38 -25.41 -27.26
N LYS E 37 -23.72 -24.16 -27.52
CA LYS E 37 -24.75 -23.76 -28.51
C LYS E 37 -24.00 -23.03 -29.62
N LEU E 38 -24.31 -23.37 -30.85
CA LEU E 38 -23.61 -22.82 -32.03
C LEU E 38 -24.62 -22.65 -33.16
N THR E 39 -24.20 -21.92 -34.18
CA THR E 39 -24.94 -21.80 -35.46
C THR E 39 -23.98 -22.13 -36.61
N LYS E 40 -24.46 -22.79 -37.66
CA LYS E 40 -23.63 -23.09 -38.86
C LYS E 40 -23.21 -21.74 -39.45
N HIS E 41 -21.90 -21.52 -39.64
CA HIS E 41 -21.36 -20.27 -40.22
C HIS E 41 -21.14 -20.43 -41.72
N ASN E 42 -20.50 -21.53 -42.11
CA ASN E 42 -20.31 -21.93 -43.53
C ASN E 42 -20.14 -23.45 -43.56
N SER E 43 -19.62 -24.00 -44.65
CA SER E 43 -19.66 -25.45 -44.88
C SER E 43 -18.69 -26.14 -43.91
N HIS E 44 -17.68 -25.43 -43.41
CA HIS E 44 -16.61 -26.01 -42.55
C HIS E 44 -16.58 -25.42 -41.14
N TRP E 45 -17.42 -24.43 -40.82
CA TRP E 45 -17.27 -23.72 -39.55
C TRP E 45 -18.62 -23.46 -38.89
N TYR E 46 -18.64 -23.56 -37.56
CA TYR E 46 -19.73 -23.08 -36.69
C TYR E 46 -19.27 -21.77 -36.09
N THR E 47 -20.23 -20.95 -35.72
CA THR E 47 -20.02 -19.73 -34.92
C THR E 47 -20.90 -19.76 -33.68
N GLY E 48 -20.53 -18.98 -32.68
CA GLY E 48 -21.31 -18.78 -31.46
C GLY E 48 -20.78 -17.59 -30.72
N VAL E 49 -21.41 -17.31 -29.58
CA VAL E 49 -21.03 -16.14 -28.74
C VAL E 49 -20.83 -16.64 -27.30
N VAL E 50 -19.86 -16.05 -26.61
CA VAL E 50 -19.57 -16.28 -25.17
C VAL E 50 -19.40 -14.90 -24.52
N LYS E 51 -19.42 -14.83 -23.19
CA LYS E 51 -19.24 -13.54 -22.49
C LYS E 51 -17.85 -13.50 -21.85
N ASP E 52 -17.02 -12.55 -22.24
CA ASP E 52 -15.75 -12.20 -21.53
C ASP E 52 -16.07 -11.01 -20.65
N GLY E 53 -16.35 -11.26 -19.37
CA GLY E 53 -16.89 -10.23 -18.45
C GLY E 53 -18.30 -9.82 -18.84
N ASN E 54 -18.48 -8.56 -19.23
CA ASN E 54 -19.81 -8.00 -19.64
C ASN E 54 -19.94 -8.01 -21.16
N LYS E 55 -18.89 -8.33 -21.91
CA LYS E 55 -18.86 -8.23 -23.40
C LYS E 55 -19.16 -9.58 -24.04
N SER E 56 -20.21 -9.66 -24.86
CA SER E 56 -20.43 -10.69 -25.93
C SER E 56 -19.23 -10.70 -26.89
N VAL E 57 -18.60 -11.86 -27.09
CA VAL E 57 -17.43 -12.07 -27.99
C VAL E 57 -17.79 -13.22 -28.93
N ARG E 58 -17.56 -13.04 -30.21
CA ARG E 58 -17.93 -14.09 -31.20
C ARG E 58 -16.73 -14.98 -31.45
N GLY E 59 -17.01 -16.26 -31.68
CA GLY E 59 -15.96 -17.22 -32.02
C GLY E 59 -16.42 -18.12 -33.14
N TYR E 60 -15.46 -18.86 -33.70
CA TYR E 60 -15.66 -19.81 -34.82
C TYR E 60 -14.93 -21.08 -34.45
N ILE E 61 -15.59 -22.23 -34.62
CA ILE E 61 -14.98 -23.57 -34.36
C ILE E 61 -15.27 -24.48 -35.57
N TYR E 62 -14.28 -25.27 -35.96
CA TYR E 62 -14.30 -26.16 -37.16
C TYR E 62 -15.38 -27.23 -36.99
N HIS E 63 -16.08 -27.54 -38.09
CA HIS E 63 -17.26 -28.43 -38.10
C HIS E 63 -16.95 -29.79 -37.42
N SER E 64 -15.76 -30.35 -37.63
CA SER E 64 -15.38 -31.69 -37.12
C SER E 64 -15.08 -31.65 -35.60
N MET E 65 -15.00 -30.46 -34.99
CA MET E 65 -14.74 -30.33 -33.54
C MET E 65 -16.05 -30.12 -32.76
N ALA E 66 -17.20 -30.29 -33.42
CA ALA E 66 -18.53 -30.06 -32.83
C ALA E 66 -19.48 -31.18 -33.26
N LYS E 67 -19.85 -32.08 -32.36
CA LYS E 67 -20.85 -33.14 -32.67
C LYS E 67 -22.24 -32.57 -32.40
N VAL E 68 -23.07 -32.36 -33.41
CA VAL E 68 -24.43 -31.82 -33.22
C VAL E 68 -25.35 -32.93 -32.67
N THR E 69 -25.83 -32.76 -31.43
CA THR E 69 -26.72 -33.72 -30.70
C THR E 69 -28.21 -33.33 -30.87
N SER E 70 -28.55 -32.04 -31.11
CA SER E 70 -29.94 -31.56 -31.43
C SER E 70 -29.92 -30.19 -32.12
N LYS E 71 -31.04 -29.85 -32.75
CA LYS E 71 -31.26 -28.61 -33.53
C LYS E 71 -32.36 -27.77 -32.84
N ASN E 72 -32.15 -26.48 -32.65
CA ASN E 72 -33.13 -25.60 -31.99
C ASN E 72 -34.05 -25.05 -33.09
N SER E 73 -35.22 -24.54 -32.71
CA SER E 73 -36.24 -23.96 -33.62
C SER E 73 -35.67 -22.71 -34.29
N ASP E 74 -34.81 -21.96 -33.60
CA ASP E 74 -34.23 -20.66 -34.06
C ASP E 74 -33.09 -20.88 -35.07
N GLY E 75 -32.80 -22.12 -35.49
CA GLY E 75 -31.72 -22.47 -36.45
C GLY E 75 -30.37 -22.75 -35.79
N SER E 76 -30.20 -22.44 -34.50
CA SER E 76 -28.97 -22.83 -33.75
C SER E 76 -28.99 -24.35 -33.47
N VAL E 77 -27.86 -24.87 -33.04
CA VAL E 77 -27.74 -26.31 -32.71
C VAL E 77 -27.07 -26.41 -31.34
N ASN E 78 -27.31 -27.54 -30.68
CA ASN E 78 -26.64 -27.92 -29.40
C ASN E 78 -25.59 -28.98 -29.73
N ALA E 79 -24.39 -28.84 -29.24
CA ALA E 79 -23.29 -29.74 -29.68
C ALA E 79 -22.35 -30.08 -28.53
N THR E 80 -21.65 -31.19 -28.74
CA THR E 80 -20.59 -31.65 -27.83
C THR E 80 -19.27 -31.42 -28.54
N ILE E 81 -18.35 -30.77 -27.86
CA ILE E 81 -16.99 -30.58 -28.39
C ILE E 81 -16.32 -31.94 -28.58
N ASN E 82 -15.78 -32.14 -29.78
CA ASN E 82 -15.00 -33.33 -30.21
C ASN E 82 -13.58 -32.85 -30.41
N ALA E 83 -12.74 -32.94 -29.39
CA ALA E 83 -11.40 -32.32 -29.42
C ALA E 83 -10.55 -33.05 -30.47
N HIS E 84 -9.85 -32.30 -31.30
CA HIS E 84 -8.75 -32.77 -32.20
C HIS E 84 -8.01 -31.55 -32.73
N ALA E 85 -6.84 -31.75 -33.33
CA ALA E 85 -6.05 -30.66 -33.93
C ALA E 85 -5.78 -31.01 -35.40
N PHE E 86 -4.95 -30.20 -36.05
CA PHE E 86 -4.55 -30.40 -37.47
C PHE E 86 -3.05 -30.13 -37.57
N CYS E 87 -2.42 -30.75 -38.57
CA CYS E 87 -1.19 -30.19 -39.19
C CYS E 87 -1.41 -30.11 -40.70
N TRP E 88 -0.73 -29.17 -41.34
CA TRP E 88 -0.90 -28.86 -42.78
C TRP E 88 0.44 -29.00 -43.50
N ASP E 89 0.39 -29.30 -44.80
CA ASP E 89 1.60 -29.38 -45.65
C ASP E 89 2.02 -27.98 -46.10
N ASN E 90 1.47 -26.93 -45.50
CA ASN E 90 1.66 -25.52 -45.93
C ASN E 90 1.56 -24.64 -44.70
N LYS E 91 2.24 -23.50 -44.66
CA LYS E 91 2.17 -22.53 -43.55
C LYS E 91 1.01 -21.53 -43.71
N LYS E 92 0.05 -21.78 -44.59
CA LYS E 92 -1.21 -20.99 -44.63
C LYS E 92 -2.21 -21.58 -43.64
N LEU E 93 -1.99 -22.84 -43.24
CA LEU E 93 -2.90 -23.66 -42.40
C LEU E 93 -4.29 -23.60 -43.02
N ASN E 94 -4.36 -23.71 -44.35
CA ASN E 94 -5.61 -23.49 -45.10
C ASN E 94 -5.61 -24.38 -46.33
N GLY E 95 -6.40 -25.45 -46.29
CA GLY E 95 -6.49 -26.44 -47.39
C GLY E 95 -5.16 -27.12 -47.66
N GLY E 96 -4.87 -27.43 -48.92
CA GLY E 96 -3.74 -28.28 -49.27
C GLY E 96 -3.93 -29.66 -48.68
N ASP E 97 -2.86 -30.28 -48.21
CA ASP E 97 -2.95 -31.59 -47.54
C ASP E 97 -2.95 -31.30 -46.04
N PHE E 98 -3.92 -31.79 -45.30
CA PHE E 98 -3.89 -31.65 -43.82
C PHE E 98 -4.25 -33.00 -43.20
N ILE E 99 -3.84 -33.20 -41.96
CA ILE E 99 -4.06 -34.47 -41.20
C ILE E 99 -4.79 -34.12 -39.89
N ASN E 100 -5.86 -34.85 -39.61
CA ASN E 100 -6.60 -34.77 -38.33
C ASN E 100 -5.76 -35.48 -37.28
N LEU E 101 -5.18 -34.73 -36.34
CA LEU E 101 -4.36 -35.28 -35.23
C LEU E 101 -5.30 -35.49 -34.03
N LYS E 102 -5.54 -36.74 -33.64
CA LYS E 102 -6.46 -37.11 -32.54
C LYS E 102 -6.02 -36.40 -31.26
N ARG E 103 -6.98 -36.09 -30.38
CA ARG E 103 -6.65 -35.54 -29.04
C ARG E 103 -5.67 -36.50 -28.35
N GLY E 104 -4.62 -35.94 -27.74
CA GLY E 104 -3.61 -36.73 -26.99
C GLY E 104 -2.53 -37.31 -27.89
N PHE E 105 -2.58 -37.03 -29.20
CA PHE E 105 -1.57 -37.51 -30.17
C PHE E 105 -0.21 -37.05 -29.65
N LYS E 106 0.74 -37.98 -29.56
CA LYS E 106 2.10 -37.72 -29.05
C LYS E 106 2.98 -37.49 -30.26
N GLY E 107 3.72 -36.39 -30.28
CA GLY E 107 4.55 -36.06 -31.43
C GLY E 107 5.92 -35.58 -31.00
N ILE E 108 6.80 -35.44 -31.99
CA ILE E 108 8.13 -34.80 -31.87
C ILE E 108 8.17 -33.66 -32.87
N THR E 109 8.71 -32.53 -32.50
CA THR E 109 8.89 -31.38 -33.41
C THR E 109 10.15 -30.67 -33.01
N HIS E 110 10.45 -29.54 -33.64
CA HIS E 110 11.68 -28.77 -33.40
C HIS E 110 11.30 -27.36 -33.05
N PRO E 111 12.11 -26.66 -32.22
CA PRO E 111 11.92 -25.24 -31.96
C PRO E 111 11.76 -24.50 -33.30
N ALA E 112 10.63 -23.81 -33.46
CA ALA E 112 10.23 -23.04 -34.66
C ALA E 112 10.15 -21.56 -34.26
N SER E 113 11.11 -20.75 -34.71
CA SER E 113 11.12 -19.28 -34.49
C SER E 113 9.90 -18.65 -35.19
N ASP E 114 9.46 -19.22 -36.33
CA ASP E 114 8.37 -18.64 -37.16
C ASP E 114 7.00 -19.18 -36.69
N GLY E 115 6.96 -20.06 -35.68
CA GLY E 115 5.72 -20.54 -35.06
C GLY E 115 5.08 -21.69 -35.82
N PHE E 116 5.69 -22.14 -36.92
CA PHE E 116 5.20 -23.29 -37.71
C PHE E 116 6.07 -24.50 -37.40
N TYR E 117 5.61 -25.29 -36.43
CA TYR E 117 6.33 -26.42 -35.81
C TYR E 117 6.26 -27.60 -36.75
N PRO E 118 7.42 -28.08 -37.24
CA PRO E 118 7.49 -29.15 -38.23
C PRO E 118 7.23 -30.54 -37.63
N LEU E 119 6.37 -31.29 -38.31
CA LEU E 119 6.10 -32.72 -38.07
C LEU E 119 6.57 -33.52 -39.29
N TYR E 120 7.59 -34.37 -39.12
CA TYR E 120 8.10 -35.31 -40.16
C TYR E 120 7.45 -36.68 -39.91
N PHE E 121 6.48 -37.06 -40.75
CA PHE E 121 5.75 -38.36 -40.60
C PHE E 121 6.56 -39.45 -41.32
N ALA E 122 6.81 -40.57 -40.60
CA ALA E 122 7.44 -41.81 -41.12
C ALA E 122 6.91 -42.12 -42.53
N SER E 123 5.61 -42.33 -42.67
CA SER E 123 4.95 -42.83 -43.92
C SER E 123 4.84 -41.72 -44.97
N ARG E 124 5.29 -40.52 -44.65
CA ARG E 124 5.08 -39.34 -45.53
C ARG E 124 6.47 -38.82 -45.92
N LYS E 125 6.55 -38.03 -46.98
CA LYS E 125 7.84 -37.62 -47.59
C LYS E 125 7.91 -36.11 -47.56
N LYS E 126 7.00 -35.46 -46.84
CA LYS E 126 7.01 -33.99 -46.80
C LYS E 126 6.76 -33.53 -45.37
N THR E 127 7.16 -32.30 -45.09
CA THR E 127 6.98 -31.65 -43.78
C THR E 127 5.53 -31.20 -43.64
N PHE E 128 4.89 -31.53 -42.51
CA PHE E 128 3.62 -30.89 -42.09
C PHE E 128 3.94 -29.87 -40.99
N TYR E 129 3.02 -28.95 -40.72
CA TYR E 129 3.20 -27.90 -39.69
C TYR E 129 1.97 -27.85 -38.77
N ILE E 130 2.25 -27.54 -37.50
CA ILE E 130 1.24 -27.37 -36.42
C ILE E 130 1.52 -26.04 -35.74
N PRO E 131 0.49 -25.16 -35.54
CA PRO E 131 0.67 -23.91 -34.82
C PRO E 131 0.84 -24.15 -33.31
N ARG E 132 1.47 -23.23 -32.59
CA ARG E 132 1.83 -23.42 -31.16
C ARG E 132 0.59 -23.74 -30.31
N TYR E 133 -0.55 -23.12 -30.57
CA TYR E 133 -1.74 -23.15 -29.68
C TYR E 133 -2.41 -24.52 -29.74
N MET E 134 -1.97 -25.46 -30.58
CA MET E 134 -2.69 -26.76 -30.69
C MET E 134 -1.99 -27.86 -29.88
N PHE E 135 -0.88 -27.57 -29.20
CA PHE E 135 -0.15 -28.62 -28.44
C PHE E 135 0.43 -28.07 -27.14
N ASP E 136 0.71 -28.98 -26.22
CA ASP E 136 1.52 -28.72 -25.00
C ASP E 136 2.92 -29.29 -25.21
N ILE E 137 3.95 -28.57 -24.74
CA ILE E 137 5.34 -29.06 -24.61
C ILE E 137 5.47 -29.76 -23.25
N LYS E 138 5.77 -31.07 -23.21
CA LYS E 138 6.09 -31.78 -21.95
C LYS E 138 7.39 -31.23 -21.37
N LYS E 139 7.40 -30.71 -20.14
CA LYS E 139 8.56 -30.00 -19.52
C LYS E 139 9.54 -30.98 -18.83
N MET F 1 38.82 -43.19 10.68
CA MET F 1 38.47 -43.96 9.46
C MET F 1 36.96 -43.85 9.25
N MET F 2 36.37 -44.81 8.53
CA MET F 2 34.92 -44.91 8.23
C MET F 2 34.17 -45.35 9.50
N GLU F 3 32.87 -45.06 9.60
CA GLU F 3 32.03 -45.41 10.77
C GLU F 3 30.76 -46.15 10.33
N ASN F 4 30.23 -47.00 11.19
CA ASN F 4 28.90 -47.60 10.99
C ASN F 4 28.04 -47.25 12.22
N ILE F 5 26.73 -47.26 12.03
CA ILE F 5 25.71 -46.83 13.03
C ILE F 5 24.69 -47.97 13.11
N ASN F 6 24.49 -48.56 14.28
CA ASN F 6 23.39 -49.53 14.52
C ASN F 6 22.13 -48.72 14.77
N ILE F 7 21.06 -49.01 14.03
CA ILE F 7 19.79 -48.24 14.10
C ILE F 7 18.64 -49.22 14.31
N VAL F 8 17.53 -48.73 14.85
CA VAL F 8 16.28 -49.52 15.04
C VAL F 8 15.16 -48.61 14.58
N ILE F 9 14.33 -49.13 13.68
CA ILE F 9 13.17 -48.41 13.09
C ILE F 9 12.20 -48.21 14.25
N LYS F 10 11.73 -46.98 14.41
CA LYS F 10 10.86 -46.53 15.53
C LYS F 10 9.58 -47.34 15.52
N ASP F 11 9.00 -47.45 16.71
CA ASP F 11 7.72 -48.15 16.95
C ASP F 11 6.55 -47.20 16.74
N VAL F 12 6.60 -46.34 15.70
CA VAL F 12 5.60 -45.25 15.45
C VAL F 12 5.12 -45.20 13.99
N GLY F 13 3.92 -44.64 13.80
CA GLY F 13 3.39 -44.11 12.53
C GLY F 13 3.69 -42.61 12.42
N TYR F 14 3.93 -42.10 11.21
CA TYR F 14 4.36 -40.70 10.95
C TYR F 14 3.15 -39.86 10.48
N PHE F 15 2.69 -38.95 11.34
CA PHE F 15 1.63 -37.95 11.07
C PHE F 15 2.36 -36.68 10.60
N GLN F 16 2.61 -36.54 9.29
CA GLN F 16 3.48 -35.44 8.81
C GLN F 16 2.62 -34.22 8.49
N ASP F 17 3.26 -33.05 8.36
CA ASP F 17 2.54 -31.80 8.05
C ASP F 17 2.17 -31.74 6.57
N LYS F 18 2.68 -32.66 5.75
CA LYS F 18 2.39 -32.77 4.29
C LYS F 18 2.22 -34.24 3.94
N PRO F 19 1.44 -34.63 2.91
CA PRO F 19 1.35 -36.01 2.47
C PRO F 19 2.57 -36.42 1.62
N GLN F 20 3.77 -36.26 2.18
CA GLN F 20 5.07 -36.64 1.58
C GLN F 20 6.05 -36.97 2.73
N PHE F 21 7.06 -37.80 2.46
CA PHE F 21 8.08 -38.18 3.45
C PHE F 21 9.29 -37.24 3.40
N LEU F 22 9.53 -36.59 2.27
CA LEU F 22 10.71 -35.68 2.09
C LEU F 22 10.29 -34.25 2.40
N ASN F 23 11.11 -33.52 3.15
CA ASN F 23 10.89 -32.08 3.50
C ASN F 23 9.54 -31.93 4.18
N SER F 24 9.20 -32.85 5.10
CA SER F 24 8.00 -32.74 5.96
C SER F 24 8.43 -32.85 7.44
N LYS F 25 7.63 -32.24 8.31
CA LYS F 25 7.79 -32.26 9.79
C LYS F 25 6.78 -33.26 10.36
N SER F 26 7.21 -34.06 11.33
CA SER F 26 6.28 -34.90 12.11
C SER F 26 5.45 -34.00 13.04
N VAL F 27 4.15 -33.93 12.79
CA VAL F 27 3.16 -33.28 13.68
C VAL F 27 3.01 -34.21 14.90
N ARG F 28 2.90 -35.51 14.64
CA ARG F 28 2.87 -36.56 15.68
C ARG F 28 3.67 -37.77 15.18
N GLN F 29 4.36 -38.44 16.09
CA GLN F 29 4.88 -39.81 15.88
C GLN F 29 4.10 -40.70 16.84
N TRP F 30 3.00 -41.22 16.35
CA TRP F 30 2.07 -42.00 17.17
C TRP F 30 2.64 -43.39 17.41
N LYS F 31 2.73 -43.79 18.68
CA LYS F 31 3.18 -45.13 19.08
C LYS F 31 2.23 -46.15 18.46
N HIS F 32 2.74 -47.29 18.01
CA HIS F 32 1.92 -48.46 17.55
C HIS F 32 0.77 -48.68 18.52
N GLY F 33 -0.45 -48.78 17.99
CA GLY F 33 -1.67 -49.09 18.77
C GLY F 33 -2.44 -47.84 19.19
N THR F 34 -1.90 -46.64 19.01
CA THR F 34 -2.64 -45.39 19.27
C THR F 34 -3.93 -45.38 18.43
N LYS F 35 -5.04 -44.94 19.02
CA LYS F 35 -6.34 -44.90 18.33
C LYS F 35 -6.59 -43.46 17.91
N VAL F 36 -6.98 -43.22 16.66
CA VAL F 36 -7.09 -41.86 16.07
C VAL F 36 -8.38 -41.76 15.24
N LYS F 37 -8.74 -40.53 14.89
CA LYS F 37 -9.81 -40.25 13.93
C LYS F 37 -9.19 -39.63 12.67
N LEU F 38 -9.51 -40.19 11.50
CA LEU F 38 -8.93 -39.72 10.22
C LEU F 38 -10.02 -39.66 9.16
N THR F 39 -9.71 -39.02 8.04
CA THR F 39 -10.52 -39.10 6.79
C THR F 39 -9.54 -39.40 5.65
N LYS F 40 -9.97 -40.21 4.68
CA LYS F 40 -9.15 -40.57 3.50
C LYS F 40 -8.79 -39.29 2.76
N HIS F 41 -7.51 -39.02 2.53
CA HIS F 41 -7.06 -37.80 1.82
C HIS F 41 -6.89 -38.10 0.31
N ASN F 42 -6.18 -39.17 -0.05
CA ASN F 42 -6.06 -39.66 -1.45
C ASN F 42 -5.86 -41.17 -1.39
N SER F 43 -5.44 -41.78 -2.49
CA SER F 43 -5.31 -43.26 -2.58
C SER F 43 -4.31 -43.78 -1.54
N HIS F 44 -3.34 -43.00 -1.07
CA HIS F 44 -2.20 -43.50 -0.26
C HIS F 44 -2.13 -42.84 1.12
N TRP F 45 -2.99 -41.88 1.39
CA TRP F 45 -2.86 -41.05 2.60
C TRP F 45 -4.21 -40.83 3.27
N TYR F 46 -4.17 -40.80 4.62
CA TYR F 46 -5.24 -40.30 5.50
C TYR F 46 -4.81 -38.91 5.94
N THR F 47 -5.78 -38.09 6.34
CA THR F 47 -5.53 -36.82 7.05
C THR F 47 -6.37 -36.75 8.32
N GLY F 48 -5.98 -35.83 9.21
CA GLY F 48 -6.71 -35.48 10.43
C GLY F 48 -6.15 -34.23 11.07
N VAL F 49 -6.74 -33.85 12.21
CA VAL F 49 -6.41 -32.59 12.93
C VAL F 49 -6.10 -32.95 14.40
N VAL F 50 -5.11 -32.28 15.00
CA VAL F 50 -4.80 -32.43 16.44
C VAL F 50 -4.63 -31.02 17.01
N LYS F 51 -4.48 -30.90 18.33
CA LYS F 51 -4.33 -29.58 18.99
C LYS F 51 -2.88 -29.40 19.47
N ASP F 52 -2.16 -28.44 18.88
CA ASP F 52 -0.87 -27.92 19.44
C ASP F 52 -1.22 -26.66 20.23
N GLY F 53 -1.44 -26.81 21.54
CA GLY F 53 -1.98 -25.73 22.39
C GLY F 53 -3.43 -25.46 22.06
N ASN F 54 -3.76 -24.25 21.61
CA ASN F 54 -5.13 -23.85 21.19
C ASN F 54 -5.21 -23.78 19.67
N LYS F 55 -4.14 -24.16 18.98
CA LYS F 55 -4.06 -24.16 17.49
C LYS F 55 -4.46 -25.56 16.97
N SER F 56 -5.38 -25.62 16.00
CA SER F 56 -5.71 -26.82 15.20
C SER F 56 -4.61 -27.03 14.17
N VAL F 57 -4.03 -28.21 14.07
CA VAL F 57 -2.90 -28.51 13.14
C VAL F 57 -3.27 -29.72 12.30
N ARG F 58 -3.13 -29.61 10.99
CA ARG F 58 -3.49 -30.71 10.07
C ARG F 58 -2.26 -31.59 9.87
N GLY F 59 -2.47 -32.90 9.86
CA GLY F 59 -1.42 -33.87 9.48
C GLY F 59 -1.89 -34.90 8.45
N TYR F 60 -0.93 -35.64 7.92
CA TYR F 60 -1.17 -36.71 6.92
C TYR F 60 -0.40 -37.95 7.36
N ILE F 61 -1.06 -39.11 7.27
CA ILE F 61 -0.37 -40.39 7.63
C ILE F 61 -0.63 -41.42 6.54
N TYR F 62 0.38 -42.21 6.22
CA TYR F 62 0.40 -43.16 5.09
C TYR F 62 -0.62 -44.28 5.35
N HIS F 63 -1.33 -44.70 4.29
CA HIS F 63 -2.51 -45.60 4.38
C HIS F 63 -2.16 -46.87 5.16
N SER F 64 -0.97 -47.43 4.98
CA SER F 64 -0.55 -48.72 5.59
C SER F 64 -0.23 -48.53 7.08
N MET F 65 -0.16 -47.30 7.56
CA MET F 65 0.17 -47.00 8.97
C MET F 65 -1.11 -46.79 9.79
N ALA F 66 -2.27 -46.96 9.16
CA ALA F 66 -3.57 -46.77 9.83
C ALA F 66 -4.51 -47.92 9.49
N LYS F 67 -4.84 -48.74 10.48
CA LYS F 67 -5.83 -49.84 10.31
C LYS F 67 -7.23 -49.30 10.66
N VAL F 68 -8.13 -49.23 9.69
CA VAL F 68 -9.52 -48.72 9.91
C VAL F 68 -10.34 -49.81 10.62
N THR F 69 -10.83 -49.49 11.83
CA THR F 69 -11.63 -50.41 12.67
C THR F 69 -13.12 -50.07 12.60
N SER F 70 -13.49 -48.80 12.42
CA SER F 70 -14.91 -48.44 12.18
C SER F 70 -15.03 -47.16 11.33
N LYS F 71 -16.25 -46.90 10.87
CA LYS F 71 -16.62 -45.86 9.88
C LYS F 71 -17.65 -44.90 10.51
N ASN F 72 -17.35 -43.61 10.55
CA ASN F 72 -18.26 -42.60 11.16
C ASN F 72 -19.23 -42.05 10.10
N SER F 73 -20.34 -41.45 10.53
CA SER F 73 -21.44 -40.95 9.67
C SER F 73 -20.96 -39.85 8.74
N ASP F 74 -20.05 -39.01 9.22
CA ASP F 74 -19.54 -37.81 8.50
C ASP F 74 -18.46 -38.18 7.48
N GLY F 75 -18.24 -39.47 7.18
CA GLY F 75 -17.20 -39.91 6.23
C GLY F 75 -15.82 -40.12 6.87
N SER F 76 -15.60 -39.68 8.10
CA SER F 76 -14.35 -39.99 8.84
C SER F 76 -14.31 -41.46 9.24
N VAL F 77 -13.14 -41.92 9.65
CA VAL F 77 -12.96 -43.31 10.13
C VAL F 77 -12.19 -43.28 11.45
N ASN F 78 -12.34 -44.37 12.19
CA ASN F 78 -11.61 -44.58 13.46
C ASN F 78 -10.54 -45.61 13.17
N ALA F 79 -9.30 -45.33 13.50
CA ALA F 79 -8.18 -46.21 13.09
C ALA F 79 -7.22 -46.45 14.26
N THR F 80 -6.55 -47.59 14.18
CA THR F 80 -5.41 -47.98 15.05
C THR F 80 -4.13 -47.76 14.26
N ILE F 81 -3.19 -47.01 14.83
CA ILE F 81 -1.87 -46.83 14.20
C ILE F 81 -1.13 -48.17 14.14
N ASN F 82 -0.67 -48.53 12.94
CA ASN F 82 0.19 -49.69 12.59
C ASN F 82 1.58 -49.14 12.25
N ALA F 83 2.50 -49.14 13.20
CA ALA F 83 3.82 -48.50 13.04
C ALA F 83 4.65 -49.31 12.03
N HIS F 84 5.33 -48.59 11.13
CA HIS F 84 6.36 -49.12 10.20
C HIS F 84 7.03 -47.92 9.55
N ALA F 85 8.15 -48.15 8.89
CA ALA F 85 8.93 -47.11 8.21
C ALA F 85 9.16 -47.54 6.75
N PHE F 86 9.94 -46.76 6.02
CA PHE F 86 10.29 -47.06 4.61
C PHE F 86 11.77 -46.75 4.39
N CYS F 87 12.36 -47.44 3.43
CA CYS F 87 13.55 -46.91 2.75
C CYS F 87 13.31 -46.93 1.25
N TRP F 88 13.95 -46.02 0.55
CA TRP F 88 13.73 -45.77 -0.89
C TRP F 88 15.05 -45.90 -1.65
N ASP F 89 14.97 -46.35 -2.89
CA ASP F 89 16.14 -46.44 -3.80
C ASP F 89 16.47 -45.05 -4.33
N ASN F 90 15.86 -43.99 -3.80
CA ASN F 90 16.03 -42.60 -4.29
C ASN F 90 15.98 -41.63 -3.10
N LYS F 91 16.54 -40.42 -3.22
CA LYS F 91 16.45 -39.40 -2.16
C LYS F 91 15.23 -38.47 -2.32
N LYS F 92 14.27 -38.80 -3.18
CA LYS F 92 12.98 -38.06 -3.26
C LYS F 92 12.02 -38.64 -2.19
N LEU F 93 12.32 -39.84 -1.71
CA LEU F 93 11.46 -40.62 -0.77
C LEU F 93 10.03 -40.61 -1.33
N ASN F 94 9.91 -40.82 -2.63
CA ASN F 94 8.59 -40.78 -3.31
C ASN F 94 8.64 -41.77 -4.45
N GLY F 95 7.94 -42.88 -4.35
CA GLY F 95 7.89 -43.87 -5.42
C GLY F 95 9.26 -44.48 -5.70
N GLY F 96 9.50 -44.87 -6.95
CA GLY F 96 10.60 -45.76 -7.30
C GLY F 96 10.43 -47.10 -6.60
N ASP F 97 11.54 -47.64 -6.12
CA ASP F 97 11.57 -48.92 -5.37
C ASP F 97 11.67 -48.51 -3.90
N PHE F 98 10.77 -49.00 -3.07
CA PHE F 98 10.81 -48.74 -1.62
C PHE F 98 10.47 -50.03 -0.89
N ILE F 99 11.00 -50.19 0.32
CA ILE F 99 10.80 -51.39 1.17
C ILE F 99 10.08 -50.96 2.46
N ASN F 100 8.99 -51.62 2.77
CA ASN F 100 8.30 -51.51 4.07
C ASN F 100 9.26 -52.08 5.13
N LEU F 101 9.77 -51.24 6.04
CA LEU F 101 10.63 -51.68 7.16
C LEU F 101 9.74 -51.84 8.40
N LYS F 102 9.57 -53.06 8.89
CA LYS F 102 8.72 -53.34 10.07
C LYS F 102 9.22 -52.56 11.29
N ARG F 103 8.32 -52.18 12.17
CA ARG F 103 8.70 -51.53 13.45
C ARG F 103 9.72 -52.41 14.18
N GLY F 104 10.80 -51.79 14.65
CA GLY F 104 11.86 -52.52 15.36
C GLY F 104 12.85 -53.19 14.42
N PHE F 105 12.72 -53.00 13.12
CA PHE F 105 13.72 -53.49 12.14
C PHE F 105 15.11 -52.99 12.57
N LYS F 106 16.07 -53.91 12.68
CA LYS F 106 17.46 -53.58 13.07
C LYS F 106 18.30 -53.49 11.80
N GLY F 107 18.92 -52.34 11.59
CA GLY F 107 19.78 -52.10 10.44
C GLY F 107 21.13 -51.52 10.83
N ILE F 108 22.01 -51.48 9.85
CA ILE F 108 23.33 -50.81 9.95
C ILE F 108 23.34 -49.75 8.86
N THR F 109 23.80 -48.56 9.18
CA THR F 109 23.95 -47.45 8.24
C THR F 109 25.25 -46.72 8.56
N HIS F 110 25.47 -45.57 7.95
CA HIS F 110 26.75 -44.80 7.98
C HIS F 110 26.41 -43.33 8.14
N PRO F 111 27.30 -42.54 8.79
CA PRO F 111 27.13 -41.11 8.93
C PRO F 111 26.69 -40.51 7.59
N ALA F 112 25.51 -39.88 7.64
CA ALA F 112 24.90 -39.14 6.52
C ALA F 112 24.93 -37.64 6.88
N SER F 113 25.81 -36.88 6.21
CA SER F 113 25.80 -35.38 6.12
C SER F 113 24.47 -34.90 5.54
N ASP F 114 24.01 -35.53 4.44
CA ASP F 114 22.83 -35.05 3.67
C ASP F 114 21.57 -35.58 4.36
N GLY F 115 21.70 -36.44 5.36
CA GLY F 115 20.54 -36.89 6.15
C GLY F 115 19.81 -38.05 5.50
N PHE F 116 20.33 -38.57 4.38
CA PHE F 116 19.81 -39.79 3.72
C PHE F 116 20.74 -40.94 4.12
N TYR F 117 20.33 -41.67 5.16
CA TYR F 117 21.12 -42.76 5.76
C TYR F 117 21.05 -43.98 4.84
N PRO F 118 22.21 -44.43 4.31
CA PRO F 118 22.25 -45.54 3.38
C PRO F 118 22.06 -46.91 4.05
N LEU F 119 21.23 -47.74 3.44
CA LEU F 119 21.03 -49.14 3.82
C LEU F 119 21.43 -50.00 2.61
N TYR F 120 22.48 -50.82 2.73
CA TYR F 120 22.87 -51.80 1.70
C TYR F 120 22.13 -53.11 1.95
N PHE F 121 21.20 -53.47 1.07
CA PHE F 121 20.51 -54.78 1.17
C PHE F 121 21.32 -55.82 0.39
N ALA F 122 21.79 -56.86 1.08
CA ALA F 122 22.58 -58.00 0.54
C ALA F 122 21.89 -58.59 -0.70
N SER F 123 20.63 -58.98 -0.59
CA SER F 123 19.85 -59.66 -1.67
C SER F 123 19.51 -58.70 -2.81
N ARG F 124 19.67 -57.40 -2.60
CA ARG F 124 19.51 -56.39 -3.67
C ARG F 124 20.92 -55.94 -4.05
N LYS F 125 21.08 -55.21 -5.13
CA LYS F 125 22.43 -54.74 -5.52
C LYS F 125 22.40 -53.22 -5.52
N LYS F 126 21.60 -52.65 -4.63
CA LYS F 126 21.43 -51.16 -4.61
C LYS F 126 21.36 -50.65 -3.18
N THR F 127 21.70 -49.38 -3.06
CA THR F 127 21.64 -48.60 -1.81
C THR F 127 20.21 -48.07 -1.70
N PHE F 128 19.55 -48.31 -0.57
CA PHE F 128 18.28 -47.65 -0.18
C PHE F 128 18.60 -46.56 0.85
N TYR F 129 17.70 -45.59 0.99
CA TYR F 129 17.90 -44.48 1.93
C TYR F 129 16.72 -44.41 2.90
N ILE F 130 17.04 -44.04 4.14
CA ILE F 130 16.07 -43.87 5.25
C ILE F 130 16.35 -42.51 5.88
N PRO F 131 15.33 -41.64 6.02
CA PRO F 131 15.53 -40.32 6.64
C PRO F 131 15.71 -40.48 8.17
N ARG F 132 16.44 -39.55 8.78
CA ARG F 132 16.85 -39.57 10.23
C ARG F 132 15.67 -39.82 11.14
N TYR F 133 14.51 -39.22 10.84
CA TYR F 133 13.33 -39.21 11.73
C TYR F 133 12.67 -40.59 11.80
N MET F 134 13.06 -41.60 11.03
CA MET F 134 12.35 -42.91 11.03
C MET F 134 13.06 -43.93 11.92
N PHE F 135 14.16 -43.57 12.58
CA PHE F 135 14.92 -44.55 13.40
C PHE F 135 15.55 -43.92 14.63
N ASP F 136 15.97 -44.77 15.56
CA ASP F 136 16.73 -44.39 16.78
C ASP F 136 18.10 -45.07 16.71
N ILE F 137 19.08 -44.44 17.34
CA ILE F 137 20.46 -44.98 17.54
C ILE F 137 20.53 -45.43 19.01
N LYS F 138 20.63 -46.74 19.26
CA LYS F 138 20.76 -47.29 20.64
C LYS F 138 22.06 -46.78 21.28
N LYS F 139 21.97 -46.33 22.53
CA LYS F 139 23.09 -45.66 23.26
C LYS F 139 24.05 -46.72 23.82
N MET G 1 -21.13 19.17 -21.14
CA MET G 1 -22.58 19.03 -21.37
C MET G 1 -22.84 17.86 -22.36
N MET G 2 -23.36 18.15 -23.57
CA MET G 2 -23.58 17.17 -24.67
C MET G 2 -22.96 17.78 -25.93
N GLU G 3 -22.48 16.94 -26.85
CA GLU G 3 -21.86 17.41 -28.11
C GLU G 3 -22.47 16.71 -29.31
N ASN G 4 -22.36 17.36 -30.47
CA ASN G 4 -22.71 16.81 -31.79
C ASN G 4 -21.46 16.82 -32.65
N ILE G 5 -21.32 15.81 -33.51
CA ILE G 5 -20.28 15.81 -34.57
C ILE G 5 -20.94 15.51 -35.92
N ASN G 6 -20.42 16.18 -36.94
CA ASN G 6 -20.79 15.92 -38.34
C ASN G 6 -19.92 14.76 -38.80
N ILE G 7 -20.54 13.81 -39.52
CA ILE G 7 -19.83 12.64 -40.09
C ILE G 7 -20.15 12.52 -41.57
N VAL G 8 -19.21 11.99 -42.34
CA VAL G 8 -19.41 11.59 -43.76
C VAL G 8 -19.01 10.11 -43.87
N ILE G 9 -19.94 9.26 -44.32
CA ILE G 9 -19.69 7.83 -44.61
C ILE G 9 -18.63 7.79 -45.70
N LYS G 10 -17.62 6.95 -45.51
CA LYS G 10 -16.42 6.89 -46.37
C LYS G 10 -16.82 6.33 -47.73
N ASP G 11 -15.99 6.60 -48.72
CA ASP G 11 -16.18 6.12 -50.11
C ASP G 11 -15.54 4.73 -50.25
N VAL G 12 -15.65 3.87 -49.23
CA VAL G 12 -14.93 2.55 -49.28
C VAL G 12 -15.85 1.36 -49.00
N GLY G 13 -15.37 0.17 -49.40
CA GLY G 13 -15.81 -1.15 -48.89
C GLY G 13 -14.88 -1.62 -47.78
N TYR G 14 -15.39 -2.36 -46.80
CA TYR G 14 -14.67 -2.81 -45.58
C TYR G 14 -14.21 -4.25 -45.71
N PHE G 15 -12.91 -4.43 -45.88
CA PHE G 15 -12.22 -5.76 -45.86
C PHE G 15 -11.75 -5.97 -44.43
N GLN G 16 -12.58 -6.61 -43.61
CA GLN G 16 -12.33 -6.70 -42.15
C GLN G 16 -11.50 -7.94 -41.84
N ASP G 17 -10.88 -8.00 -40.65
CA ASP G 17 -10.05 -9.17 -40.25
C ASP G 17 -10.95 -10.34 -39.84
N LYS G 18 -12.26 -10.13 -39.74
CA LYS G 18 -13.27 -11.18 -39.41
C LYS G 18 -14.50 -10.96 -40.26
N PRO G 19 -15.35 -12.00 -40.52
CA PRO G 19 -16.62 -11.82 -41.23
C PRO G 19 -17.74 -11.31 -40.31
N GLN G 20 -17.48 -10.17 -39.67
CA GLN G 20 -18.37 -9.49 -38.73
C GLN G 20 -17.98 -8.00 -38.67
N PHE G 21 -18.91 -7.14 -38.28
CA PHE G 21 -18.66 -5.68 -38.20
C PHE G 21 -18.29 -5.27 -36.77
N LEU G 22 -18.67 -6.09 -35.80
CA LEU G 22 -18.44 -5.85 -34.36
C LEU G 22 -17.05 -6.36 -34.00
N ASN G 23 -16.21 -5.51 -33.39
CA ASN G 23 -14.87 -5.88 -32.88
C ASN G 23 -14.02 -6.45 -34.01
N SER G 24 -14.15 -5.90 -35.21
CA SER G 24 -13.27 -6.26 -36.35
C SER G 24 -12.46 -5.02 -36.74
N LYS G 25 -11.25 -5.25 -37.23
CA LYS G 25 -10.31 -4.21 -37.70
C LYS G 25 -10.33 -4.25 -39.21
N SER G 26 -10.28 -3.10 -39.87
CA SER G 26 -10.12 -3.05 -41.36
C SER G 26 -8.70 -3.47 -41.75
N VAL G 27 -8.57 -4.56 -42.48
CA VAL G 27 -7.31 -4.97 -43.17
C VAL G 27 -7.12 -4.07 -44.39
N ARG G 28 -8.19 -3.78 -45.12
CA ARG G 28 -8.20 -2.81 -46.22
C ARG G 28 -9.51 -2.03 -46.19
N GLN G 29 -9.44 -0.76 -46.56
CA GLN G 29 -10.62 0.08 -46.87
C GLN G 29 -10.46 0.48 -48.34
N TRP G 30 -11.09 -0.31 -49.20
CA TRP G 30 -10.94 -0.20 -50.67
C TRP G 30 -11.90 0.85 -51.23
N LYS G 31 -11.35 1.83 -51.90
CA LYS G 31 -12.11 2.90 -52.58
C LYS G 31 -13.12 2.26 -53.54
N HIS G 32 -14.29 2.88 -53.65
CA HIS G 32 -15.33 2.51 -54.64
C HIS G 32 -14.66 2.25 -55.99
N GLY G 33 -14.95 1.11 -56.62
CA GLY G 33 -14.48 0.80 -57.99
C GLY G 33 -13.17 0.02 -58.00
N THR G 34 -12.51 -0.21 -56.84
CA THR G 34 -11.29 -1.05 -56.72
C THR G 34 -11.63 -2.46 -57.22
N LYS G 35 -10.74 -3.09 -57.98
CA LYS G 35 -10.96 -4.45 -58.52
C LYS G 35 -10.10 -5.40 -57.69
N VAL G 36 -10.68 -6.50 -57.23
CA VAL G 36 -10.07 -7.46 -56.25
C VAL G 36 -10.34 -8.89 -56.68
N LYS G 37 -9.56 -9.85 -56.17
CA LYS G 37 -9.86 -11.30 -56.25
C LYS G 37 -10.39 -11.77 -54.89
N LEU G 38 -11.49 -12.52 -54.88
CA LEU G 38 -12.17 -12.97 -53.65
C LEU G 38 -12.62 -14.40 -53.86
N THR G 39 -13.01 -15.05 -52.77
CA THR G 39 -13.66 -16.38 -52.77
C THR G 39 -14.90 -16.23 -51.91
N LYS G 40 -16.01 -16.85 -52.30
CA LYS G 40 -17.25 -16.81 -51.49
C LYS G 40 -16.93 -17.52 -50.17
N HIS G 41 -17.17 -16.87 -49.05
CA HIS G 41 -16.90 -17.38 -47.68
C HIS G 41 -18.17 -18.05 -47.14
N ASN G 42 -19.30 -17.34 -47.19
CA ASN G 42 -20.65 -17.88 -46.87
C ASN G 42 -21.70 -17.05 -47.63
N SER G 43 -22.96 -17.15 -47.22
CA SER G 43 -24.12 -16.56 -47.91
C SER G 43 -23.98 -15.04 -47.93
N HIS G 44 -23.27 -14.45 -46.97
CA HIS G 44 -23.24 -12.98 -46.79
C HIS G 44 -21.82 -12.41 -46.93
N TRP G 45 -20.80 -13.25 -47.07
CA TRP G 45 -19.42 -12.72 -47.01
C TRP G 45 -18.55 -13.32 -48.10
N TYR G 46 -17.59 -12.52 -48.55
CA TYR G 46 -16.46 -12.93 -49.41
C TYR G 46 -15.23 -12.91 -48.52
N THR G 47 -14.24 -13.74 -48.84
CA THR G 47 -12.88 -13.66 -48.24
C THR G 47 -11.84 -13.49 -49.34
N GLY G 48 -10.68 -12.95 -48.97
CA GLY G 48 -9.48 -12.97 -49.80
C GLY G 48 -8.24 -12.72 -48.97
N VAL G 49 -7.12 -12.52 -49.66
CA VAL G 49 -5.79 -12.35 -49.03
C VAL G 49 -5.09 -11.20 -49.71
N VAL G 50 -4.41 -10.39 -48.91
CA VAL G 50 -3.53 -9.29 -49.38
C VAL G 50 -2.16 -9.47 -48.70
N LYS G 51 -1.17 -8.70 -49.12
CA LYS G 51 0.19 -8.75 -48.53
C LYS G 51 0.39 -7.47 -47.73
N ASP G 52 0.61 -7.60 -46.42
CA ASP G 52 1.15 -6.51 -45.55
C ASP G 52 2.67 -6.74 -45.43
N GLY G 53 3.47 -6.09 -46.28
CA GLY G 53 4.91 -6.40 -46.46
C GLY G 53 5.10 -7.81 -47.00
N ASN G 54 5.64 -8.73 -46.21
CA ASN G 54 5.88 -10.13 -46.65
C ASN G 54 4.90 -11.08 -45.94
N LYS G 55 3.95 -10.54 -45.16
CA LYS G 55 2.89 -11.36 -44.49
C LYS G 55 1.64 -11.39 -45.39
N SER G 56 1.14 -12.58 -45.72
CA SER G 56 -0.24 -12.81 -46.22
C SER G 56 -1.21 -12.51 -45.09
N VAL G 57 -2.22 -11.68 -45.33
CA VAL G 57 -3.28 -11.37 -44.34
C VAL G 57 -4.62 -11.66 -44.97
N ARG G 58 -5.48 -12.34 -44.22
CA ARG G 58 -6.83 -12.71 -44.69
C ARG G 58 -7.84 -11.66 -44.24
N GLY G 59 -8.76 -11.36 -45.15
CA GLY G 59 -9.85 -10.41 -44.91
C GLY G 59 -11.19 -10.96 -45.37
N TYR G 60 -12.24 -10.27 -44.94
CA TYR G 60 -13.65 -10.63 -45.21
C TYR G 60 -14.39 -9.35 -45.58
N ILE G 61 -15.14 -9.38 -46.68
CA ILE G 61 -15.95 -8.21 -47.14
C ILE G 61 -17.39 -8.67 -47.42
N TYR G 62 -18.36 -7.89 -46.94
CA TYR G 62 -19.80 -8.19 -47.02
C TYR G 62 -20.23 -8.27 -48.50
N HIS G 63 -21.14 -9.20 -48.79
CA HIS G 63 -21.52 -9.53 -50.17
C HIS G 63 -21.95 -8.28 -50.94
N SER G 64 -22.69 -7.35 -50.32
CA SER G 64 -23.25 -6.18 -51.04
C SER G 64 -22.12 -5.18 -51.35
N MET G 65 -20.90 -5.37 -50.86
CA MET G 65 -19.76 -4.42 -51.11
C MET G 65 -18.84 -4.95 -52.21
N ALA G 66 -19.22 -6.06 -52.84
CA ALA G 66 -18.41 -6.71 -53.89
C ALA G 66 -19.34 -7.13 -55.02
N LYS G 67 -19.19 -6.52 -56.19
CA LYS G 67 -19.94 -6.87 -57.42
C LYS G 67 -19.13 -7.90 -58.18
N VAL G 68 -19.61 -9.15 -58.31
CA VAL G 68 -18.86 -10.21 -59.03
C VAL G 68 -19.03 -10.02 -60.57
N THR G 69 -17.93 -9.86 -61.29
CA THR G 69 -17.87 -9.53 -62.74
C THR G 69 -17.36 -10.74 -63.53
N SER G 70 -16.57 -11.64 -62.93
CA SER G 70 -16.12 -12.91 -63.56
C SER G 70 -15.68 -13.95 -62.51
N LYS G 71 -15.67 -15.21 -62.93
CA LYS G 71 -15.40 -16.41 -62.11
C LYS G 71 -14.13 -17.11 -62.62
N ASN G 72 -13.14 -17.30 -61.75
CA ASN G 72 -11.89 -18.01 -62.09
C ASN G 72 -12.13 -19.53 -61.98
N SER G 73 -11.30 -20.34 -62.64
CA SER G 73 -11.47 -21.81 -62.69
C SER G 73 -11.17 -22.46 -61.33
N ASP G 74 -10.42 -21.80 -60.44
CA ASP G 74 -10.04 -22.32 -59.09
C ASP G 74 -11.13 -22.05 -58.04
N GLY G 75 -12.32 -21.63 -58.44
CA GLY G 75 -13.43 -21.29 -57.50
C GLY G 75 -13.41 -19.86 -56.99
N SER G 76 -12.34 -19.09 -57.18
CA SER G 76 -12.32 -17.66 -56.83
C SER G 76 -13.13 -16.83 -57.83
N VAL G 77 -13.35 -15.55 -57.53
CA VAL G 77 -14.07 -14.62 -58.41
C VAL G 77 -13.28 -13.31 -58.47
N ASN G 78 -13.51 -12.54 -59.53
CA ASN G 78 -12.98 -11.16 -59.66
C ASN G 78 -14.15 -10.21 -59.43
N ALA G 79 -13.93 -9.14 -58.68
CA ALA G 79 -15.07 -8.30 -58.27
C ALA G 79 -14.63 -6.86 -58.16
N THR G 80 -15.62 -5.96 -58.24
CA THR G 80 -15.44 -4.51 -58.13
C THR G 80 -16.05 -4.08 -56.81
N ILE G 81 -15.34 -3.28 -56.04
CA ILE G 81 -15.83 -2.78 -54.73
C ILE G 81 -16.93 -1.76 -54.98
N ASN G 82 -18.09 -2.05 -54.39
CA ASN G 82 -19.26 -1.17 -54.24
C ASN G 82 -19.26 -0.62 -52.80
N ALA G 83 -18.75 0.59 -52.60
CA ALA G 83 -18.59 1.26 -51.29
C ALA G 83 -19.97 1.60 -50.70
N HIS G 84 -20.20 1.21 -49.46
CA HIS G 84 -21.37 1.66 -48.64
C HIS G 84 -21.12 1.31 -47.18
N ALA G 85 -21.82 1.92 -46.25
CA ALA G 85 -21.70 1.56 -44.83
C ALA G 85 -23.04 1.00 -44.35
N PHE G 86 -23.15 0.77 -43.05
CA PHE G 86 -24.38 0.29 -42.40
C PHE G 86 -24.54 1.05 -41.08
N CYS G 87 -25.79 1.16 -40.60
CA CYS G 87 -26.08 1.38 -39.17
C CYS G 87 -27.12 0.37 -38.70
N TRP G 88 -27.06 0.01 -37.44
CA TRP G 88 -27.86 -1.10 -36.88
C TRP G 88 -28.70 -0.57 -35.73
N ASP G 89 -29.87 -1.17 -35.49
CA ASP G 89 -30.72 -0.80 -34.33
C ASP G 89 -30.24 -1.52 -33.07
N ASN G 90 -29.06 -2.14 -33.10
CA ASN G 90 -28.50 -2.94 -31.98
C ASN G 90 -26.98 -2.76 -31.96
N LYS G 91 -26.34 -2.94 -30.82
CA LYS G 91 -24.86 -2.77 -30.71
C LYS G 91 -24.12 -4.10 -31.00
N LYS G 92 -24.83 -5.15 -31.45
CA LYS G 92 -24.21 -6.40 -31.97
C LYS G 92 -23.66 -6.17 -33.41
N LEU G 93 -24.18 -5.16 -34.12
CA LEU G 93 -23.92 -4.86 -35.56
C LEU G 93 -24.10 -6.15 -36.34
N ASN G 94 -25.17 -6.86 -36.02
CA ASN G 94 -25.44 -8.21 -36.59
C ASN G 94 -26.96 -8.38 -36.67
N GLY G 95 -27.53 -8.31 -37.84
CA GLY G 95 -28.97 -8.59 -38.00
C GLY G 95 -29.83 -7.53 -37.32
N GLY G 96 -31.03 -7.92 -36.94
CA GLY G 96 -32.09 -6.98 -36.53
C GLY G 96 -32.45 -6.06 -37.66
N ASP G 97 -32.66 -4.78 -37.35
CA ASP G 97 -32.96 -3.75 -38.36
C ASP G 97 -31.66 -3.03 -38.68
N PHE G 98 -31.22 -3.05 -39.94
CA PHE G 98 -30.01 -2.31 -40.36
C PHE G 98 -30.36 -1.53 -41.63
N ILE G 99 -29.64 -0.44 -41.85
CA ILE G 99 -29.86 0.49 -42.99
C ILE G 99 -28.56 0.58 -43.79
N ASN G 100 -28.65 0.34 -45.09
CA ASN G 100 -27.56 0.56 -46.06
C ASN G 100 -27.34 2.07 -46.19
N LEU G 101 -26.21 2.60 -45.73
CA LEU G 101 -25.90 4.05 -45.82
C LEU G 101 -25.00 4.25 -47.03
N LYS G 102 -25.45 5.01 -48.03
CA LYS G 102 -24.71 5.20 -49.28
C LYS G 102 -23.37 5.88 -48.99
N ARG G 103 -22.36 5.60 -49.81
CA ARG G 103 -21.06 6.28 -49.73
C ARG G 103 -21.30 7.78 -49.74
N GLY G 104 -20.63 8.54 -48.86
CA GLY G 104 -20.74 10.01 -48.81
C GLY G 104 -22.00 10.48 -48.10
N PHE G 105 -22.83 9.58 -47.59
CA PHE G 105 -23.98 9.90 -46.67
C PHE G 105 -23.48 10.86 -45.59
N LYS G 106 -24.17 11.99 -45.42
CA LYS G 106 -23.82 13.05 -44.44
C LYS G 106 -24.75 12.88 -43.24
N GLY G 107 -24.20 12.88 -42.03
CA GLY G 107 -24.97 12.61 -40.82
C GLY G 107 -24.47 13.41 -39.63
N ILE G 108 -25.18 13.28 -38.53
CA ILE G 108 -24.85 13.90 -37.23
C ILE G 108 -24.89 12.80 -36.19
N THR G 109 -23.96 12.81 -35.26
CA THR G 109 -23.91 11.84 -34.16
C THR G 109 -23.34 12.54 -32.94
N HIS G 110 -23.15 11.79 -31.87
CA HIS G 110 -22.62 12.26 -30.58
C HIS G 110 -21.35 11.48 -30.31
N PRO G 111 -20.31 12.11 -29.76
CA PRO G 111 -19.10 11.38 -29.37
C PRO G 111 -19.53 10.26 -28.40
N ALA G 112 -19.08 9.04 -28.72
CA ALA G 112 -19.52 7.75 -28.13
C ALA G 112 -18.28 7.09 -27.53
N SER G 113 -18.20 7.10 -26.20
CA SER G 113 -17.13 6.44 -25.41
C SER G 113 -17.11 4.94 -25.71
N ASP G 114 -18.26 4.28 -25.96
CA ASP G 114 -18.33 2.81 -26.21
C ASP G 114 -18.13 2.49 -27.71
N GLY G 115 -17.96 3.49 -28.57
CA GLY G 115 -17.63 3.30 -30.00
C GLY G 115 -18.87 3.02 -30.85
N PHE G 116 -20.08 3.09 -30.28
CA PHE G 116 -21.34 2.86 -31.03
C PHE G 116 -22.02 4.20 -31.22
N TYR G 117 -21.69 4.86 -32.30
CA TYR G 117 -22.09 6.27 -32.55
C TYR G 117 -23.56 6.28 -32.92
N PRO G 118 -24.41 6.96 -32.12
CA PRO G 118 -25.85 6.97 -32.30
C PRO G 118 -26.27 7.86 -33.47
N LEU G 119 -27.22 7.37 -34.24
CA LEU G 119 -27.87 8.11 -35.35
C LEU G 119 -29.36 8.22 -35.04
N TYR G 120 -29.86 9.43 -34.83
CA TYR G 120 -31.30 9.71 -34.59
C TYR G 120 -31.89 10.16 -35.92
N PHE G 121 -32.57 9.26 -36.62
CA PHE G 121 -33.27 9.55 -37.89
C PHE G 121 -34.66 10.18 -37.59
N ALA G 122 -34.97 11.28 -38.27
CA ALA G 122 -36.27 12.00 -38.13
C ALA G 122 -37.45 11.01 -38.29
N SER G 123 -37.47 10.24 -39.39
CA SER G 123 -38.62 9.38 -39.81
C SER G 123 -38.66 8.10 -38.98
N ARG G 124 -37.63 7.84 -38.16
CA ARG G 124 -37.52 6.58 -37.38
C ARG G 124 -37.76 6.90 -35.91
N LYS G 125 -38.14 5.91 -35.12
CA LYS G 125 -38.55 6.10 -33.71
C LYS G 125 -37.52 5.41 -32.82
N LYS G 126 -36.39 4.99 -33.36
CA LYS G 126 -35.35 4.33 -32.54
C LYS G 126 -33.95 4.78 -32.97
N THR G 127 -33.00 4.53 -32.10
CA THR G 127 -31.59 4.88 -32.27
C THR G 127 -30.95 3.80 -33.16
N PHE G 128 -30.22 4.20 -34.20
CA PHE G 128 -29.30 3.30 -34.96
C PHE G 128 -27.88 3.61 -34.51
N TYR G 129 -26.95 2.67 -34.73
CA TYR G 129 -25.54 2.77 -34.32
C TYR G 129 -24.65 2.48 -35.53
N ILE G 130 -23.56 3.26 -35.66
CA ILE G 130 -22.52 3.11 -36.71
C ILE G 130 -21.16 3.07 -36.01
N PRO G 131 -20.29 2.07 -36.32
CA PRO G 131 -18.95 2.01 -35.74
C PRO G 131 -18.01 3.05 -36.36
N ARG G 132 -16.97 3.42 -35.62
CA ARG G 132 -16.06 4.56 -35.94
C ARG G 132 -15.46 4.43 -37.33
N TYR G 133 -15.04 3.22 -37.69
CA TYR G 133 -14.25 2.91 -38.92
C TYR G 133 -15.08 3.15 -40.19
N MET G 134 -16.36 3.47 -40.09
CA MET G 134 -17.22 3.62 -41.29
C MET G 134 -17.39 5.10 -41.69
N PHE G 135 -16.79 6.06 -40.97
CA PHE G 135 -17.05 7.50 -41.24
C PHE G 135 -15.82 8.35 -40.92
N ASP G 136 -15.80 9.55 -41.52
CA ASP G 136 -14.85 10.64 -41.22
C ASP G 136 -15.62 11.66 -40.37
N ILE G 137 -14.94 12.31 -39.43
CA ILE G 137 -15.50 13.37 -38.56
C ILE G 137 -15.14 14.76 -39.11
N LYS G 138 -16.16 15.56 -39.44
CA LYS G 138 -16.09 17.04 -39.58
C LYS G 138 -16.45 17.68 -38.21
N LYS G 139 -15.48 18.19 -37.43
CA LYS G 139 -15.77 18.85 -36.11
C LYS G 139 -15.39 20.33 -36.17
N MET H 1 -8.19 4.17 16.31
CA MET H 1 -9.57 3.70 16.04
C MET H 1 -9.48 2.39 15.24
N MET H 2 -10.51 2.02 14.49
CA MET H 2 -10.48 0.91 13.48
C MET H 2 -10.00 1.47 12.13
N GLU H 3 -9.49 0.61 11.22
CA GLU H 3 -8.88 1.00 9.92
C GLU H 3 -9.51 0.17 8.79
N ASN H 4 -9.44 0.62 7.54
CA ASN H 4 -9.82 -0.18 6.34
C ASN H 4 -8.64 -0.21 5.35
N ILE H 5 -8.60 -1.24 4.48
CA ILE H 5 -7.49 -1.50 3.54
C ILE H 5 -8.07 -1.75 2.16
N ASN H 6 -7.57 -1.07 1.14
CA ASN H 6 -7.91 -1.34 -0.28
C ASN H 6 -7.03 -2.49 -0.76
N ILE H 7 -7.63 -3.53 -1.32
CA ILE H 7 -6.87 -4.75 -1.74
C ILE H 7 -7.28 -5.07 -3.18
N VAL H 8 -6.35 -5.71 -3.90
CA VAL H 8 -6.54 -6.27 -5.28
C VAL H 8 -6.09 -7.73 -5.20
N ILE H 9 -6.96 -8.66 -5.59
CA ILE H 9 -6.63 -10.11 -5.66
C ILE H 9 -5.56 -10.25 -6.75
N LYS H 10 -4.46 -10.96 -6.44
CA LYS H 10 -3.29 -11.15 -7.32
C LYS H 10 -3.67 -11.89 -8.60
N ASP H 11 -2.84 -11.73 -9.64
CA ASP H 11 -3.03 -12.29 -11.00
C ASP H 11 -2.39 -13.69 -11.08
N VAL H 12 -2.54 -14.53 -10.04
CA VAL H 12 -1.70 -15.75 -9.87
C VAL H 12 -2.55 -16.95 -9.41
N GLY H 13 -1.99 -18.15 -9.65
CA GLY H 13 -2.37 -19.44 -9.05
C GLY H 13 -1.44 -19.77 -7.91
N TYR H 14 -1.91 -20.47 -6.88
CA TYR H 14 -1.20 -20.73 -5.60
C TYR H 14 -0.71 -22.18 -5.62
N PHE H 15 0.60 -22.31 -5.73
CA PHE H 15 1.34 -23.59 -5.60
C PHE H 15 1.84 -23.65 -4.16
N GLN H 16 1.06 -24.23 -3.27
CA GLN H 16 1.33 -24.19 -1.81
C GLN H 16 2.23 -25.34 -1.41
N ASP H 17 2.86 -25.26 -0.24
CA ASP H 17 3.73 -26.36 0.26
C ASP H 17 2.90 -27.55 0.77
N LYS H 18 1.59 -27.42 0.87
CA LYS H 18 0.65 -28.46 1.36
C LYS H 18 -0.63 -28.31 0.57
N PRO H 19 -1.44 -29.37 0.42
CA PRO H 19 -2.73 -29.30 -0.29
C PRO H 19 -3.86 -28.74 0.59
N GLN H 20 -3.63 -27.54 1.11
CA GLN H 20 -4.52 -26.83 2.06
C GLN H 20 -4.14 -25.34 1.95
N PHE H 21 -5.10 -24.43 2.10
CA PHE H 21 -4.89 -22.97 2.02
C PHE H 21 -4.54 -22.41 3.40
N LEU H 22 -4.99 -23.11 4.44
CA LEU H 22 -4.73 -22.78 5.86
C LEU H 22 -3.35 -23.28 6.27
N ASN H 23 -2.56 -22.40 6.87
CA ASN H 23 -1.23 -22.75 7.45
C ASN H 23 -0.33 -23.33 6.36
N SER H 24 -0.37 -22.79 5.14
CA SER H 24 0.54 -23.21 4.04
C SER H 24 1.32 -21.99 3.50
N LYS H 25 2.51 -22.25 2.97
CA LYS H 25 3.41 -21.25 2.34
C LYS H 25 3.29 -21.43 0.82
N SER H 26 3.35 -20.35 0.06
CA SER H 26 3.45 -20.42 -1.42
C SER H 26 4.87 -20.84 -1.83
N VAL H 27 4.97 -21.98 -2.53
CA VAL H 27 6.23 -22.43 -3.19
C VAL H 27 6.39 -21.64 -4.49
N ARG H 28 5.30 -21.42 -5.22
CA ARG H 28 5.26 -20.57 -6.44
C ARG H 28 3.95 -19.78 -6.43
N GLN H 29 3.99 -18.51 -6.84
CA GLN H 29 2.77 -17.77 -7.21
C GLN H 29 2.83 -17.51 -8.70
N TRP H 30 2.32 -18.46 -9.47
CA TRP H 30 2.43 -18.47 -10.94
C TRP H 30 1.43 -17.48 -11.56
N LYS H 31 1.93 -16.58 -12.39
CA LYS H 31 1.13 -15.66 -13.22
C LYS H 31 0.11 -16.48 -14.04
N HIS H 32 -1.09 -15.95 -14.20
CA HIS H 32 -2.11 -16.45 -15.15
C HIS H 32 -1.45 -16.80 -16.49
N GLY H 33 -1.80 -17.97 -17.08
CA GLY H 33 -1.31 -18.47 -18.39
C GLY H 33 0.07 -19.15 -18.34
N THR H 34 0.73 -19.26 -17.18
CA THR H 34 1.96 -20.04 -16.97
C THR H 34 1.71 -21.50 -17.32
N LYS H 35 2.66 -22.15 -17.99
CA LYS H 35 2.54 -23.57 -18.39
C LYS H 35 3.25 -24.41 -17.33
N VAL H 36 2.63 -25.50 -16.91
CA VAL H 36 3.23 -26.36 -15.84
C VAL H 36 2.99 -27.82 -16.16
N LYS H 37 3.80 -28.64 -15.53
CA LYS H 37 3.58 -30.10 -15.43
C LYS H 37 3.17 -30.42 -13.98
N LEU H 38 2.18 -31.29 -13.84
CA LEU H 38 1.58 -31.68 -12.55
C LEU H 38 1.14 -33.12 -12.65
N THR H 39 0.78 -33.69 -11.51
CA THR H 39 0.10 -35.01 -11.43
C THR H 39 -1.10 -34.78 -10.51
N LYS H 40 -2.19 -35.49 -10.78
CA LYS H 40 -3.40 -35.41 -9.97
C LYS H 40 -3.00 -35.92 -8.58
N HIS H 41 -3.27 -35.16 -7.53
CA HIS H 41 -2.93 -35.53 -6.14
C HIS H 41 -4.15 -36.13 -5.44
N ASN H 42 -5.31 -35.50 -5.59
CA ASN H 42 -6.62 -36.02 -5.13
C ASN H 42 -7.73 -35.33 -5.94
N SER H 43 -8.98 -35.45 -5.50
CA SER H 43 -10.17 -34.96 -6.22
C SER H 43 -10.12 -33.43 -6.40
N HIS H 44 -9.43 -32.67 -5.54
CA HIS H 44 -9.44 -31.19 -5.58
C HIS H 44 -8.06 -30.63 -5.80
N TRP H 45 -7.00 -31.45 -5.81
CA TRP H 45 -5.62 -30.91 -5.82
C TRP H 45 -4.75 -31.61 -6.86
N TYR H 46 -3.83 -30.85 -7.46
CA TYR H 46 -2.69 -31.33 -8.29
C TYR H 46 -1.40 -31.10 -7.49
N THR H 47 -0.36 -31.86 -7.80
CA THR H 47 0.99 -31.68 -7.22
C THR H 47 2.01 -31.64 -8.35
N GLY H 48 3.15 -30.99 -8.11
CA GLY H 48 4.36 -31.12 -8.94
C GLY H 48 5.59 -30.68 -8.16
N VAL H 49 6.69 -30.51 -8.86
CA VAL H 49 8.00 -30.16 -8.25
C VAL H 49 8.66 -29.06 -9.08
N VAL H 50 9.35 -28.18 -8.37
CA VAL H 50 10.16 -27.09 -8.96
C VAL H 50 11.53 -27.15 -8.29
N LYS H 51 12.49 -26.41 -8.82
CA LYS H 51 13.87 -26.35 -8.28
C LYS H 51 14.05 -25.00 -7.58
N ASP H 52 14.28 -25.02 -6.27
CA ASP H 52 14.79 -23.83 -5.53
C ASP H 52 16.30 -24.02 -5.41
N GLY H 53 17.04 -23.40 -6.33
CA GLY H 53 18.49 -23.65 -6.51
C GLY H 53 18.77 -25.07 -6.94
N ASN H 54 19.41 -25.88 -6.09
CA ASN H 54 19.74 -27.29 -6.39
C ASN H 54 18.68 -28.23 -5.81
N LYS H 55 17.73 -27.71 -5.03
CA LYS H 55 16.81 -28.53 -4.20
C LYS H 55 15.46 -28.65 -4.91
N SER H 56 14.98 -29.89 -5.12
CA SER H 56 13.60 -30.21 -5.54
C SER H 56 12.64 -29.86 -4.40
N VAL H 57 11.61 -29.07 -4.69
CA VAL H 57 10.52 -28.74 -3.74
C VAL H 57 9.18 -29.16 -4.35
N ARG H 58 8.38 -29.91 -3.57
CA ARG H 58 7.01 -30.34 -3.92
C ARG H 58 5.99 -29.24 -3.55
N GLY H 59 5.04 -29.01 -4.44
CA GLY H 59 3.95 -28.04 -4.25
C GLY H 59 2.64 -28.67 -4.62
N TYR H 60 1.55 -28.03 -4.20
CA TYR H 60 0.15 -28.46 -4.42
C TYR H 60 -0.65 -27.26 -4.92
N ILE H 61 -1.43 -27.43 -5.98
CA ILE H 61 -2.29 -26.34 -6.53
C ILE H 61 -3.71 -26.88 -6.66
N TYR H 62 -4.68 -26.09 -6.21
CA TYR H 62 -6.13 -26.38 -6.28
C TYR H 62 -6.55 -26.54 -7.74
N HIS H 63 -7.41 -27.52 -7.99
CA HIS H 63 -7.77 -27.98 -9.35
C HIS H 63 -8.28 -26.83 -10.21
N SER H 64 -8.96 -25.85 -9.62
CA SER H 64 -9.61 -24.74 -10.36
C SER H 64 -8.56 -23.70 -10.77
N MET H 65 -7.33 -23.82 -10.27
CA MET H 65 -6.24 -22.90 -10.71
C MET H 65 -5.35 -23.57 -11.76
N ALA H 66 -5.70 -24.76 -12.25
CA ALA H 66 -4.93 -25.45 -13.30
C ALA H 66 -5.88 -25.99 -14.37
N LYS H 67 -5.84 -25.40 -15.57
CA LYS H 67 -6.58 -25.94 -16.73
C LYS H 67 -5.74 -27.05 -17.34
N VAL H 68 -6.13 -28.31 -17.16
CA VAL H 68 -5.45 -29.49 -17.79
C VAL H 68 -5.87 -29.59 -19.27
N THR H 69 -4.92 -29.47 -20.19
CA THR H 69 -5.14 -29.44 -21.67
C THR H 69 -4.67 -30.75 -22.35
N SER H 70 -3.80 -31.54 -21.70
CA SER H 70 -3.25 -32.82 -22.22
C SER H 70 -2.65 -33.68 -21.09
N LYS H 71 -2.64 -35.00 -21.31
CA LYS H 71 -2.04 -36.01 -20.40
C LYS H 71 -0.80 -36.64 -21.07
N ASN H 72 0.30 -36.70 -20.34
CA ASN H 72 1.55 -37.40 -20.72
C ASN H 72 1.42 -38.90 -20.45
N SER H 73 2.24 -39.72 -21.09
CA SER H 73 2.18 -41.21 -21.00
C SER H 73 2.52 -41.71 -19.59
N ASP H 74 3.36 -40.96 -18.86
CA ASP H 74 3.90 -41.32 -17.53
C ASP H 74 2.89 -40.99 -16.42
N GLY H 75 1.66 -40.62 -16.75
CA GLY H 75 0.57 -40.29 -15.81
C GLY H 75 0.49 -38.80 -15.46
N SER H 76 1.55 -38.00 -15.71
CA SER H 76 1.55 -36.55 -15.45
C SER H 76 0.64 -35.83 -16.47
N VAL H 77 0.32 -34.55 -16.19
CA VAL H 77 -0.56 -33.73 -17.06
C VAL H 77 0.13 -32.41 -17.32
N ASN H 78 -0.21 -31.82 -18.46
CA ASN H 78 0.25 -30.48 -18.88
C ASN H 78 -0.92 -29.51 -18.74
N ALA H 79 -0.67 -28.39 -18.09
CA ALA H 79 -1.75 -27.47 -17.67
C ALA H 79 -1.28 -26.03 -17.81
N THR H 80 -2.25 -25.13 -17.86
CA THR H 80 -1.98 -23.67 -17.85
C THR H 80 -2.68 -23.09 -16.62
N ILE H 81 -1.99 -22.20 -15.92
CA ILE H 81 -2.47 -21.64 -14.63
C ILE H 81 -3.63 -20.68 -14.92
N ASN H 82 -4.74 -20.90 -14.24
CA ASN H 82 -5.97 -20.06 -14.27
C ASN H 82 -6.00 -19.31 -12.94
N ALA H 83 -5.57 -18.05 -12.94
CA ALA H 83 -5.31 -17.29 -11.69
C ALA H 83 -6.65 -16.88 -11.07
N HIS H 84 -6.79 -17.09 -9.76
CA HIS H 84 -7.97 -16.65 -8.99
C HIS H 84 -7.68 -16.89 -7.52
N ALA H 85 -8.43 -16.26 -6.63
CA ALA H 85 -8.33 -16.46 -5.17
C ALA H 85 -9.66 -16.98 -4.62
N PHE H 86 -9.72 -17.21 -3.33
CA PHE H 86 -10.93 -17.64 -2.61
C PHE H 86 -11.09 -16.74 -1.41
N CYS H 87 -12.34 -16.60 -0.96
CA CYS H 87 -12.64 -16.20 0.43
C CYS H 87 -13.62 -17.24 1.00
N TRP H 88 -13.57 -17.52 2.30
CA TRP H 88 -14.37 -18.58 2.97
C TRP H 88 -15.19 -17.98 4.09
N ASP H 89 -16.36 -18.56 4.40
CA ASP H 89 -17.24 -18.10 5.50
C ASP H 89 -16.76 -18.72 6.82
N ASN H 90 -15.57 -19.32 6.83
CA ASN H 90 -15.00 -20.02 8.01
C ASN H 90 -13.48 -19.79 8.01
N LYS H 91 -12.82 -19.84 9.16
CA LYS H 91 -11.36 -19.59 9.20
C LYS H 91 -10.58 -20.91 9.05
N LYS H 92 -11.24 -22.01 8.68
CA LYS H 92 -10.54 -23.28 8.35
C LYS H 92 -10.09 -23.23 6.88
N LEU H 93 -10.68 -22.34 6.08
CA LEU H 93 -10.38 -22.14 4.63
C LEU H 93 -10.51 -23.49 3.92
N ASN H 94 -11.59 -24.20 4.25
CA ASN H 94 -11.80 -25.61 3.86
C ASN H 94 -13.29 -25.87 3.86
N GLY H 95 -13.88 -25.98 2.68
CA GLY H 95 -15.33 -26.19 2.53
C GLY H 95 -16.14 -25.05 3.12
N GLY H 96 -17.31 -25.36 3.66
CA GLY H 96 -18.29 -24.34 4.03
C GLY H 96 -18.79 -23.62 2.80
N ASP H 97 -19.05 -22.32 2.94
CA ASP H 97 -19.39 -21.45 1.79
C ASP H 97 -18.09 -20.73 1.40
N PHE H 98 -17.67 -20.83 0.14
CA PHE H 98 -16.52 -20.03 -0.35
C PHE H 98 -16.91 -19.40 -1.68
N ILE H 99 -16.22 -18.30 -2.03
CA ILE H 99 -16.41 -17.55 -3.31
C ILE H 99 -15.10 -17.55 -4.08
N ASN H 100 -15.15 -17.96 -5.34
CA ASN H 100 -14.08 -17.76 -6.35
C ASN H 100 -13.98 -16.27 -6.61
N LEU H 101 -12.91 -15.62 -6.17
CA LEU H 101 -12.61 -14.19 -6.45
C LEU H 101 -11.77 -14.10 -7.71
N LYS H 102 -12.28 -13.47 -8.78
CA LYS H 102 -11.55 -13.35 -10.06
C LYS H 102 -10.20 -12.63 -9.84
N ARG H 103 -9.18 -13.00 -10.62
CA ARG H 103 -7.88 -12.28 -10.63
C ARG H 103 -8.15 -10.79 -10.85
N GLY H 104 -7.52 -9.92 -10.05
CA GLY H 104 -7.67 -8.46 -10.17
C GLY H 104 -8.89 -7.89 -9.45
N PHE H 105 -9.71 -8.75 -8.80
CA PHE H 105 -10.88 -8.33 -7.99
C PHE H 105 -10.42 -7.28 -6.99
N LYS H 106 -11.10 -6.13 -6.97
CA LYS H 106 -10.83 -5.02 -6.02
C LYS H 106 -11.78 -5.15 -4.82
N GLY H 107 -11.24 -5.10 -3.60
CA GLY H 107 -12.07 -5.12 -2.38
C GLY H 107 -11.52 -4.24 -1.27
N ILE H 108 -12.23 -4.25 -0.14
CA ILE H 108 -11.91 -3.48 1.08
C ILE H 108 -11.93 -4.48 2.24
N THR H 109 -10.94 -4.44 3.11
CA THR H 109 -10.88 -5.31 4.31
C THR H 109 -10.36 -4.46 5.45
N HIS H 110 -10.00 -5.09 6.57
CA HIS H 110 -9.65 -4.43 7.85
C HIS H 110 -8.47 -5.18 8.42
N PRO H 111 -7.58 -4.46 9.17
CA PRO H 111 -6.45 -5.08 9.83
C PRO H 111 -6.90 -6.33 10.60
N ALA H 112 -6.26 -7.45 10.30
CA ALA H 112 -6.50 -8.77 10.91
C ALA H 112 -5.20 -9.21 11.61
N SER H 113 -5.17 -9.21 12.94
CA SER H 113 -4.02 -9.71 13.73
C SER H 113 -3.90 -11.23 13.57
N ASP H 114 -5.03 -11.93 13.36
CA ASP H 114 -5.08 -13.42 13.21
C ASP H 114 -4.89 -13.81 11.74
N GLY H 115 -4.80 -12.85 10.82
CA GLY H 115 -4.43 -13.10 9.41
C GLY H 115 -5.61 -13.54 8.56
N PHE H 116 -6.82 -13.53 9.12
CA PHE H 116 -8.07 -13.83 8.37
C PHE H 116 -8.73 -12.50 8.05
N TYR H 117 -8.45 -11.96 6.86
CA TYR H 117 -8.89 -10.60 6.47
C TYR H 117 -10.37 -10.69 6.13
N PRO H 118 -11.25 -9.97 6.88
CA PRO H 118 -12.69 -10.03 6.67
C PRO H 118 -13.14 -9.27 5.41
N LEU H 119 -14.06 -9.85 4.66
CA LEU H 119 -14.69 -9.27 3.45
C LEU H 119 -16.21 -9.22 3.70
N TYR H 120 -16.75 -8.01 3.85
N TYR H 120 -16.76 -8.03 3.86
CA TYR H 120 -18.20 -7.76 4.02
CA TYR H 120 -18.23 -7.86 3.96
C TYR H 120 -18.77 -7.52 2.59
C TYR H 120 -18.75 -7.54 2.57
N PHE H 121 -19.49 -8.50 2.04
CA PHE H 121 -20.19 -8.43 0.72
C PHE H 121 -21.64 -7.99 0.97
N ALA H 122 -22.03 -6.83 0.43
CA ALA H 122 -23.36 -6.19 0.63
C ALA H 122 -24.52 -7.16 0.35
N SER H 123 -24.47 -7.95 -0.73
CA SER H 123 -25.62 -8.78 -1.20
C SER H 123 -25.65 -10.09 -0.42
N ARG H 124 -24.71 -10.31 0.49
CA ARG H 124 -24.73 -11.49 1.39
C ARG H 124 -24.83 -10.99 2.83
N LYS H 125 -25.30 -11.82 3.74
CA LYS H 125 -25.59 -11.39 5.13
C LYS H 125 -24.37 -11.70 6.00
N LYS H 126 -23.22 -12.04 5.42
CA LYS H 126 -22.14 -12.62 6.25
C LYS H 126 -20.75 -12.22 5.80
N THR H 127 -19.82 -12.49 6.72
CA THR H 127 -18.38 -12.23 6.62
C THR H 127 -17.76 -13.43 5.92
N PHE H 128 -16.93 -13.17 4.92
CA PHE H 128 -15.98 -14.14 4.34
C PHE H 128 -14.55 -13.72 4.70
N TYR H 129 -13.59 -14.63 4.60
CA TYR H 129 -12.17 -14.39 5.00
C TYR H 129 -11.24 -14.78 3.86
N ILE H 130 -10.12 -14.05 3.76
CA ILE H 130 -9.08 -14.24 2.71
C ILE H 130 -7.74 -14.15 3.41
N PRO H 131 -6.84 -15.15 3.21
CA PRO H 131 -5.49 -15.11 3.79
C PRO H 131 -4.62 -14.05 3.09
N ARG H 132 -3.58 -13.57 3.77
CA ARG H 132 -2.73 -12.40 3.35
C ARG H 132 -2.16 -12.59 1.94
N TYR H 133 -1.73 -13.82 1.62
CA TYR H 133 -0.91 -14.15 0.44
C TYR H 133 -1.73 -14.06 -0.84
N MET H 134 -3.04 -13.82 -0.77
CA MET H 134 -3.89 -13.86 -1.99
C MET H 134 -4.17 -12.46 -2.53
N PHE H 135 -3.68 -11.41 -1.89
CA PHE H 135 -3.99 -10.02 -2.32
C PHE H 135 -2.77 -9.11 -2.14
N ASP H 136 -2.78 -8.04 -2.92
CA ASP H 136 -1.93 -6.86 -2.67
C ASP H 136 -2.78 -5.74 -2.05
N ILE H 137 -2.17 -4.98 -1.16
CA ILE H 137 -2.67 -3.68 -0.64
C ILE H 137 -2.44 -2.58 -1.71
N LYS H 138 -3.51 -2.01 -2.26
CA LYS H 138 -3.44 -0.85 -3.18
C LYS H 138 -4.07 0.35 -2.47
N MET I 2 -60.66 46.79 9.78
CA MET I 2 -60.05 45.68 10.60
C MET I 2 -60.29 44.34 9.90
N GLU I 3 -59.26 43.50 9.83
CA GLU I 3 -59.26 42.18 9.14
C GLU I 3 -58.57 41.14 10.03
N ASN I 4 -58.85 39.85 9.79
CA ASN I 4 -58.21 38.70 10.47
C ASN I 4 -57.61 37.80 9.38
N ILE I 5 -56.52 37.10 9.71
CA ILE I 5 -55.77 36.20 8.79
C ILE I 5 -55.58 34.87 9.52
N ASN I 6 -55.99 33.76 8.90
CA ASN I 6 -55.68 32.41 9.42
C ASN I 6 -54.24 32.06 9.01
N ILE I 7 -53.44 31.62 9.97
CA ILE I 7 -52.02 31.35 9.69
C ILE I 7 -51.72 29.97 10.22
N VAL I 8 -50.69 29.35 9.64
CA VAL I 8 -50.15 28.07 10.16
C VAL I 8 -48.64 28.23 10.30
N ILE I 9 -48.10 27.87 11.45
CA ILE I 9 -46.64 27.92 11.71
C ILE I 9 -45.96 26.86 10.83
N LYS I 10 -44.90 27.22 10.12
CA LYS I 10 -44.23 26.35 9.11
C LYS I 10 -43.66 25.09 9.74
N ASP I 11 -43.52 24.05 8.92
CA ASP I 11 -43.01 22.74 9.37
C ASP I 11 -41.47 22.74 9.25
N VAL I 12 -40.80 23.84 9.60
CA VAL I 12 -39.34 24.08 9.37
C VAL I 12 -38.63 24.63 10.61
N GLY I 13 -37.31 24.42 10.62
CA GLY I 13 -36.32 25.13 11.44
C GLY I 13 -35.72 26.27 10.62
N TYR I 14 -35.28 27.35 11.28
CA TYR I 14 -34.81 28.57 10.59
C TYR I 14 -33.29 28.64 10.70
N PHE I 15 -32.65 28.44 9.56
CA PHE I 15 -31.19 28.62 9.34
C PHE I 15 -31.01 30.02 8.76
N GLN I 16 -30.77 31.00 9.64
CA GLN I 16 -30.82 32.44 9.29
C GLN I 16 -29.41 32.89 8.92
N ASP I 17 -29.27 33.97 8.18
CA ASP I 17 -27.93 34.50 7.77
C ASP I 17 -27.22 35.16 8.96
N LYS I 18 -27.92 35.39 10.07
CA LYS I 18 -27.36 35.98 11.30
C LYS I 18 -27.99 35.26 12.47
N PRO I 19 -27.34 35.21 13.65
CA PRO I 19 -27.93 34.63 14.86
C PRO I 19 -28.94 35.55 15.57
N GLN I 20 -29.98 35.91 14.83
CA GLN I 20 -31.06 36.80 15.30
C GLN I 20 -32.30 36.46 14.47
N PHE I 21 -33.50 36.62 15.05
CA PHE I 21 -34.79 36.43 14.35
C PHE I 21 -35.26 37.68 13.60
N LEU I 22 -34.88 38.87 14.08
CA LEU I 22 -35.36 40.15 13.49
C LEU I 22 -34.37 40.62 12.43
N ASN I 23 -34.85 41.05 11.26
CA ASN I 23 -34.04 41.52 10.10
C ASN I 23 -32.93 40.51 9.77
N SER I 24 -33.24 39.22 9.77
CA SER I 24 -32.38 38.15 9.18
C SER I 24 -33.15 37.49 8.05
N LYS I 25 -32.40 37.06 7.04
CA LYS I 25 -32.88 36.26 5.89
C LYS I 25 -32.69 34.79 6.22
N SER I 26 -33.62 33.96 5.76
CA SER I 26 -33.51 32.48 5.80
C SER I 26 -32.54 32.01 4.71
N VAL I 27 -31.43 31.39 5.12
CA VAL I 27 -30.47 30.68 4.21
C VAL I 27 -31.12 29.36 3.80
N ARG I 28 -31.65 28.62 4.79
CA ARG I 28 -32.46 27.39 4.63
C ARG I 28 -33.63 27.41 5.61
N GLN I 29 -34.82 27.02 5.14
CA GLN I 29 -35.94 26.60 6.01
C GLN I 29 -36.00 25.08 5.89
N TRP I 30 -35.28 24.39 6.78
CA TRP I 30 -35.13 22.92 6.79
C TRP I 30 -36.40 22.29 7.33
N LYS I 31 -37.03 21.44 6.51
CA LYS I 31 -38.13 20.50 6.88
C LYS I 31 -37.80 19.75 8.17
N HIS I 32 -38.79 19.62 9.05
CA HIS I 32 -38.69 18.85 10.33
C HIS I 32 -38.02 17.52 10.01
N GLY I 33 -37.00 17.15 10.78
CA GLY I 33 -36.30 15.85 10.66
C GLY I 33 -35.06 15.87 9.77
N THR I 34 -34.84 16.91 8.95
CA THR I 34 -33.61 17.08 8.14
C THR I 34 -32.38 16.86 9.03
N LYS I 35 -31.37 16.15 8.50
CA LYS I 35 -30.10 15.88 9.22
C LYS I 35 -29.06 16.88 8.75
N VAL I 36 -28.35 17.51 9.71
CA VAL I 36 -27.42 18.64 9.43
C VAL I 36 -26.16 18.50 10.25
N LYS I 37 -25.13 19.21 9.81
CA LYS I 37 -23.85 19.35 10.55
C LYS I 37 -23.73 20.80 11.03
N LEU I 38 -23.37 21.00 12.30
CA LEU I 38 -23.40 22.35 12.92
C LEU I 38 -22.25 22.46 13.91
N THR I 39 -21.88 23.70 14.26
CA THR I 39 -21.02 23.96 15.45
C THR I 39 -21.75 24.91 16.39
N LYS I 40 -21.56 24.73 17.70
CA LYS I 40 -22.13 25.64 18.73
C LYS I 40 -21.50 27.02 18.56
N HIS I 41 -22.32 28.05 18.38
CA HIS I 41 -21.95 29.47 18.13
C HIS I 41 -21.93 30.28 19.44
N ASN I 42 -22.99 30.20 20.23
CA ASN I 42 -23.08 30.79 21.59
C ASN I 42 -24.06 29.96 22.42
N SER I 43 -24.57 30.52 23.51
CA SER I 43 -25.36 29.77 24.51
C SER I 43 -26.69 29.30 23.90
N HIS I 44 -27.22 30.01 22.89
CA HIS I 44 -28.56 29.76 22.31
C HIS I 44 -28.50 29.45 20.80
N TRP I 45 -27.33 29.50 20.17
CA TRP I 45 -27.27 29.40 18.69
C TRP I 45 -26.21 28.41 18.23
N TYR I 46 -26.49 27.79 17.09
CA TYR I 46 -25.59 26.90 16.35
C TYR I 46 -25.30 27.63 15.04
N THR I 47 -24.16 27.31 14.42
CA THR I 47 -23.87 27.79 13.05
C THR I 47 -23.44 26.59 12.19
N GLY I 48 -23.53 26.75 10.87
CA GLY I 48 -22.90 25.85 9.90
C GLY I 48 -22.81 26.49 8.53
N VAL I 49 -22.44 25.71 7.52
CA VAL I 49 -22.24 26.19 6.12
C VAL I 49 -22.92 25.21 5.17
N VAL I 50 -23.51 25.73 4.10
CA VAL I 50 -24.16 24.98 2.99
C VAL I 50 -23.67 25.60 1.67
N LYS I 51 -23.97 24.99 0.53
CA LYS I 51 -23.46 25.44 -0.79
C LYS I 51 -24.63 26.02 -1.57
N ASP I 52 -24.58 27.32 -1.91
CA ASP I 52 -25.50 27.97 -2.88
C ASP I 52 -24.73 28.04 -4.22
N GLY I 53 -24.94 27.06 -5.10
CA GLY I 53 -24.08 26.84 -6.28
C GLY I 53 -22.68 26.46 -5.84
N ASN I 54 -21.68 27.29 -6.18
CA ASN I 54 -20.25 27.06 -5.84
C ASN I 54 -19.88 27.80 -4.55
N LYS I 55 -20.76 28.69 -4.08
CA LYS I 55 -20.52 29.63 -2.95
C LYS I 55 -20.88 28.95 -1.61
N SER I 56 -19.95 28.99 -0.64
CA SER I 56 -20.21 28.61 0.77
C SER I 56 -21.05 29.72 1.41
N VAL I 57 -22.12 29.37 2.10
CA VAL I 57 -23.01 30.36 2.79
C VAL I 57 -23.17 29.90 4.23
N ARG I 58 -22.86 30.79 5.18
CA ARG I 58 -22.96 30.51 6.63
C ARG I 58 -24.39 30.79 7.10
N GLY I 59 -24.86 30.01 8.08
CA GLY I 59 -26.19 30.19 8.67
C GLY I 59 -26.13 29.93 10.14
N TYR I 60 -27.16 30.38 10.85
CA TYR I 60 -27.29 30.24 12.33
C TYR I 60 -28.68 29.67 12.60
N ILE I 61 -28.77 28.74 13.53
CA ILE I 61 -30.08 28.14 13.89
C ILE I 61 -30.15 28.04 15.40
N TYR I 62 -31.32 28.37 15.95
CA TYR I 62 -31.59 28.41 17.41
C TYR I 62 -31.50 26.99 17.98
N HIS I 63 -31.00 26.88 19.21
CA HIS I 63 -30.57 25.60 19.83
C HIS I 63 -31.75 24.63 19.97
N SER I 64 -32.95 25.14 20.19
CA SER I 64 -34.16 24.31 20.41
C SER I 64 -34.68 23.80 19.06
N MET I 65 -34.17 24.32 17.95
CA MET I 65 -34.59 23.86 16.60
C MET I 65 -33.62 22.82 16.02
N ALA I 66 -32.67 22.32 16.82
CA ALA I 66 -31.63 21.38 16.38
C ALA I 66 -31.36 20.41 17.51
N LYS I 67 -31.86 19.16 17.36
CA LYS I 67 -31.62 18.07 18.33
C LYS I 67 -30.25 17.45 18.01
N VAL I 68 -29.27 17.65 18.87
CA VAL I 68 -27.89 17.15 18.66
C VAL I 68 -27.88 15.66 19.03
N THR I 69 -27.58 14.80 18.05
CA THR I 69 -27.60 13.31 18.17
C THR I 69 -26.18 12.78 18.40
N SER I 70 -25.14 13.39 17.83
CA SER I 70 -23.74 12.94 18.04
C SER I 70 -22.72 14.08 17.87
N LYS I 71 -21.53 13.84 18.40
CA LYS I 71 -20.41 14.79 18.52
C LYS I 71 -19.26 14.32 17.65
N ASN I 72 -18.86 15.13 16.68
CA ASN I 72 -17.67 14.89 15.83
C ASN I 72 -16.38 15.23 16.58
N SER I 73 -15.26 14.71 16.06
CA SER I 73 -13.90 14.82 16.62
C SER I 73 -13.38 16.25 16.46
N ASP I 74 -13.82 16.94 15.41
CA ASP I 74 -13.36 18.31 15.02
C ASP I 74 -14.12 19.37 15.82
N GLY I 75 -14.94 18.96 16.80
CA GLY I 75 -15.72 19.86 17.68
C GLY I 75 -17.09 20.22 17.14
N SER I 76 -17.40 19.92 15.86
CA SER I 76 -18.76 20.07 15.27
C SER I 76 -19.69 18.98 15.79
N VAL I 77 -20.98 19.08 15.47
CA VAL I 77 -22.02 18.10 15.92
C VAL I 77 -22.94 17.77 14.75
N ASN I 78 -23.57 16.60 14.86
CA ASN I 78 -24.59 16.13 13.88
C ASN I 78 -25.92 16.24 14.59
N ALA I 79 -26.92 16.76 13.90
CA ALA I 79 -28.21 17.09 14.54
C ALA I 79 -29.37 16.83 13.59
N THR I 80 -30.55 16.67 14.17
CA THR I 80 -31.86 16.59 13.47
C THR I 80 -32.67 17.87 13.72
N ILE I 81 -33.18 18.49 12.67
CA ILE I 81 -33.98 19.73 12.76
C ILE I 81 -35.28 19.40 13.49
N ASN I 82 -35.52 20.07 14.62
CA ASN I 82 -36.81 20.10 15.35
C ASN I 82 -37.56 21.37 14.97
N ALA I 83 -38.43 21.30 13.96
CA ALA I 83 -39.20 22.47 13.45
C ALA I 83 -40.12 23.00 14.55
N HIS I 84 -40.06 24.33 14.73
CA HIS I 84 -40.95 25.13 15.62
C HIS I 84 -40.66 26.60 15.33
N ALA I 85 -41.55 27.48 15.76
CA ALA I 85 -41.41 28.94 15.59
C ALA I 85 -41.49 29.58 16.96
N PHE I 86 -41.47 30.91 17.03
CA PHE I 86 -41.63 31.69 18.28
C PHE I 86 -42.62 32.82 18.04
N CYS I 87 -43.27 33.30 19.11
CA CYS I 87 -43.84 34.67 19.16
C CYS I 87 -43.31 35.36 20.42
N TRP I 88 -43.13 36.69 20.35
CA TRP I 88 -42.47 37.49 21.42
C TRP I 88 -43.41 38.58 21.93
N ASP I 89 -43.27 38.95 23.20
CA ASP I 89 -44.05 40.06 23.81
C ASP I 89 -43.39 41.39 23.46
N ASN I 90 -42.40 41.42 22.56
CA ASN I 90 -41.62 42.64 22.18
C ASN I 90 -41.27 42.58 20.69
N LYS I 91 -40.96 43.70 20.05
CA LYS I 91 -40.65 43.70 18.61
C LYS I 91 -39.13 43.72 18.36
N LYS I 92 -38.32 43.42 19.36
CA LYS I 92 -36.88 43.08 19.19
C LYS I 92 -36.74 41.61 18.75
N LEU I 93 -37.74 40.79 19.07
CA LEU I 93 -37.77 39.31 18.87
C LEU I 93 -36.52 38.74 19.54
N ASN I 94 -36.18 39.25 20.71
CA ASN I 94 -34.91 38.95 21.41
C ASN I 94 -35.19 39.08 22.89
N GLY I 95 -35.23 37.95 23.59
CA GLY I 95 -35.51 37.85 25.03
C GLY I 95 -36.90 38.36 25.35
N GLY I 96 -37.06 38.90 26.55
CA GLY I 96 -38.38 39.19 27.12
C GLY I 96 -39.15 37.91 27.29
N ASP I 97 -40.45 37.96 27.04
CA ASP I 97 -41.33 36.78 27.16
C ASP I 97 -41.62 36.26 25.75
N PHE I 98 -41.36 34.99 25.49
CA PHE I 98 -41.60 34.36 24.16
C PHE I 98 -42.22 32.98 24.38
N ILE I 99 -42.96 32.52 23.37
CA ILE I 99 -43.69 31.22 23.42
C ILE I 99 -43.17 30.34 22.28
N ASN I 100 -42.76 29.11 22.61
CA ASN I 100 -42.40 28.10 21.57
C ASN I 100 -43.68 27.66 20.87
N LEU I 101 -43.89 28.03 19.60
CA LEU I 101 -45.07 27.61 18.80
C LEU I 101 -44.71 26.34 18.03
N LYS I 102 -45.37 25.21 18.35
CA LYS I 102 -45.14 23.90 17.67
C LYS I 102 -45.40 24.07 16.18
N ARG I 103 -44.67 23.31 15.37
CA ARG I 103 -44.89 23.25 13.90
C ARG I 103 -46.38 22.99 13.66
N GLY I 104 -46.98 23.68 12.70
CA GLY I 104 -48.40 23.48 12.35
C GLY I 104 -49.36 24.20 13.29
N PHE I 105 -48.90 24.88 14.34
CA PHE I 105 -49.72 25.73 15.22
C PHE I 105 -50.63 26.60 14.34
N LYS I 106 -51.93 26.56 14.59
CA LYS I 106 -52.92 27.38 13.85
C LYS I 106 -53.24 28.61 14.71
N GLY I 107 -53.04 29.78 14.15
CA GLY I 107 -53.32 31.06 14.82
C GLY I 107 -54.18 31.93 13.94
N ILE I 108 -54.75 32.96 14.55
CA ILE I 108 -55.42 34.09 13.87
C ILE I 108 -54.60 35.34 14.20
N THR I 109 -54.34 36.16 13.20
CA THR I 109 -53.57 37.41 13.35
C THR I 109 -54.25 38.46 12.49
N HIS I 110 -53.64 39.63 12.35
CA HIS I 110 -54.23 40.78 11.64
C HIS I 110 -53.16 41.38 10.74
N PRO I 111 -53.55 41.99 9.61
CA PRO I 111 -52.61 42.70 8.74
C PRO I 111 -51.71 43.62 9.57
N ALA I 112 -50.39 43.43 9.47
CA ALA I 112 -49.33 44.20 10.19
C ALA I 112 -48.43 44.91 9.16
N SER I 113 -48.53 46.23 9.05
CA SER I 113 -47.72 47.09 8.13
C SER I 113 -46.21 46.96 8.43
N ASP I 114 -45.87 46.82 9.71
CA ASP I 114 -44.47 46.80 10.19
C ASP I 114 -43.96 45.35 10.21
N GLY I 115 -44.77 44.38 9.81
CA GLY I 115 -44.36 42.96 9.73
C GLY I 115 -44.31 42.23 11.07
N PHE I 116 -44.84 42.81 12.16
CA PHE I 116 -44.95 42.11 13.46
C PHE I 116 -46.41 41.68 13.65
N TYR I 117 -46.72 40.44 13.31
CA TYR I 117 -48.12 39.94 13.27
C TYR I 117 -48.54 39.60 14.70
N PRO I 118 -49.65 40.20 15.19
CA PRO I 118 -50.10 39.99 16.57
C PRO I 118 -50.84 38.69 16.84
N LEU I 119 -50.52 38.03 17.95
CA LEU I 119 -51.26 36.84 18.44
C LEU I 119 -51.74 37.13 19.87
N TYR I 120 -53.05 37.25 20.10
CA TYR I 120 -53.61 37.35 21.47
C TYR I 120 -53.80 35.95 22.06
N PHE I 121 -53.10 35.61 23.15
CA PHE I 121 -53.27 34.34 23.88
C PHE I 121 -54.26 34.57 25.03
N ALA I 122 -55.42 33.93 24.97
CA ALA I 122 -56.48 34.04 25.98
C ALA I 122 -55.88 33.89 27.37
N SER I 123 -55.05 32.86 27.59
CA SER I 123 -54.58 32.46 28.93
C SER I 123 -53.41 33.34 29.42
N ARG I 124 -52.78 34.11 28.54
CA ARG I 124 -51.62 34.95 28.92
C ARG I 124 -52.08 36.39 29.15
N LYS I 125 -53.23 36.75 28.56
CA LYS I 125 -53.87 38.09 28.58
C LYS I 125 -52.94 39.16 27.99
N LYS I 126 -52.03 38.80 27.08
CA LYS I 126 -51.24 39.82 26.34
C LYS I 126 -50.99 39.36 24.91
N THR I 127 -50.62 40.33 24.08
CA THR I 127 -50.40 40.18 22.64
C THR I 127 -48.92 39.86 22.44
N PHE I 128 -48.64 38.76 21.74
CA PHE I 128 -47.30 38.34 21.27
C PHE I 128 -47.18 38.63 19.77
N TYR I 129 -45.96 38.70 19.25
CA TYR I 129 -45.68 39.03 17.83
C TYR I 129 -44.87 37.90 17.17
N ILE I 130 -45.15 37.67 15.89
CA ILE I 130 -44.50 36.63 15.04
C ILE I 130 -44.15 37.27 13.69
N PRO I 131 -42.88 37.17 13.24
CA PRO I 131 -42.50 37.67 11.91
C PRO I 131 -43.10 36.80 10.77
N ARG I 132 -43.34 37.42 9.62
CA ARG I 132 -44.05 36.85 8.43
C ARG I 132 -43.46 35.50 8.02
N TYR I 133 -42.15 35.35 8.12
CA TYR I 133 -41.39 34.21 7.56
C TYR I 133 -41.61 32.94 8.38
N MET I 134 -42.27 33.03 9.54
CA MET I 134 -42.45 31.84 10.43
C MET I 134 -43.82 31.19 10.18
N PHE I 135 -44.62 31.68 9.24
CA PHE I 135 -45.97 31.12 9.02
C PHE I 135 -46.35 31.22 7.55
N ASP I 136 -47.36 30.43 7.18
CA ASP I 136 -48.03 30.50 5.85
C ASP I 136 -49.48 30.96 6.03
N ILE I 137 -50.03 31.53 4.98
CA ILE I 137 -51.46 31.94 4.88
C ILE I 137 -52.07 31.01 3.83
N LYS I 138 -52.96 30.10 4.24
CA LYS I 138 -53.66 29.15 3.33
C LYS I 138 -54.44 29.96 2.29
N LYS I 139 -54.31 29.61 1.00
CA LYS I 139 -54.86 30.39 -0.13
C LYS I 139 -56.36 30.08 -0.30
N MET J 1 15.32 22.71 27.03
CA MET J 1 16.17 23.50 27.97
C MET J 1 15.51 23.47 29.35
N MET J 2 16.30 23.11 30.35
CA MET J 2 15.90 22.97 31.77
C MET J 2 15.91 24.37 32.39
N GLU J 3 15.11 24.62 33.44
CA GLU J 3 14.99 25.97 34.03
C GLU J 3 15.23 25.89 35.53
N ASN J 4 15.68 26.99 36.15
CA ASN J 4 15.63 27.09 37.64
C ASN J 4 14.74 28.30 38.00
N ILE J 5 14.23 28.31 39.23
CA ILE J 5 13.37 29.40 39.75
C ILE J 5 13.92 29.78 41.13
N ASN J 6 14.14 31.07 41.36
CA ASN J 6 14.49 31.61 42.70
C ASN J 6 13.18 31.73 43.50
N ILE J 7 13.16 31.22 44.71
CA ILE J 7 11.96 31.23 45.57
C ILE J 7 12.33 31.78 46.95
N VAL J 8 11.33 32.31 47.65
CA VAL J 8 11.45 32.76 49.05
C VAL J 8 10.28 32.14 49.78
N ILE J 9 10.55 31.43 50.85
CA ILE J 9 9.53 30.85 51.76
C ILE J 9 8.80 32.02 52.40
N LYS J 10 7.47 32.01 52.37
CA LYS J 10 6.61 33.16 52.79
C LYS J 10 6.76 33.41 54.28
N ASP J 11 6.35 34.59 54.73
CA ASP J 11 6.53 35.03 56.14
C ASP J 11 5.22 34.70 56.88
N VAL J 12 4.60 33.55 56.59
CA VAL J 12 3.27 33.14 57.11
C VAL J 12 3.27 31.73 57.72
N GLY J 13 2.24 31.47 58.55
CA GLY J 13 1.77 30.15 59.01
C GLY J 13 0.50 29.77 58.25
N TYR J 14 0.24 28.48 58.08
CA TYR J 14 -0.76 27.96 57.10
C TYR J 14 -1.97 27.39 57.86
N PHE J 15 -3.09 28.06 57.67
CA PHE J 15 -4.42 27.72 58.23
C PHE J 15 -5.19 27.10 57.07
N GLN J 16 -5.11 25.78 56.97
CA GLN J 16 -5.59 25.01 55.79
C GLN J 16 -7.04 24.60 56.06
N ASP J 17 -7.79 24.29 54.98
CA ASP J 17 -9.21 23.85 55.05
C ASP J 17 -9.29 22.41 55.59
N LYS J 18 -8.15 21.70 55.72
CA LYS J 18 -8.05 20.31 56.25
C LYS J 18 -6.76 20.18 57.04
N PRO J 19 -6.66 19.23 58.00
CA PRO J 19 -5.40 18.99 58.73
C PRO J 19 -4.37 18.16 57.95
N GLN J 20 -4.01 18.68 56.79
CA GLN J 20 -3.08 18.02 55.84
C GLN J 20 -2.49 19.14 54.99
N PHE J 21 -1.25 18.94 54.54
CA PHE J 21 -0.52 19.89 53.66
C PHE J 21 -0.78 19.58 52.19
N LEU J 22 -1.01 18.30 51.89
CA LEU J 22 -1.30 17.80 50.52
C LEU J 22 -2.79 17.96 50.17
N ASN J 23 -3.11 18.48 48.99
CA ASN J 23 -4.51 18.64 48.49
C ASN J 23 -5.35 19.42 49.51
N SER J 24 -4.82 20.50 50.07
CA SER J 24 -5.56 21.45 50.95
C SER J 24 -5.38 22.88 50.43
N LYS J 25 -6.37 23.72 50.67
CA LYS J 25 -6.38 25.17 50.35
C LYS J 25 -6.13 25.94 51.65
N SER J 26 -5.47 27.09 51.52
CA SER J 26 -5.23 28.03 52.64
C SER J 26 -6.51 28.85 52.89
N VAL J 27 -7.09 28.71 54.07
CA VAL J 27 -8.21 29.55 54.58
C VAL J 27 -7.60 30.90 54.98
N ARG J 28 -6.50 30.86 55.72
CA ARG J 28 -5.63 32.04 56.04
C ARG J 28 -4.14 31.69 55.86
N GLN J 29 -3.38 32.66 55.39
CA GLN J 29 -1.92 32.68 55.46
C GLN J 29 -1.56 33.84 56.40
N TRP J 30 -1.49 33.55 57.70
CA TRP J 30 -1.26 34.54 58.77
C TRP J 30 0.23 34.89 58.85
N LYS J 31 0.52 36.19 58.76
CA LYS J 31 1.85 36.79 58.94
C LYS J 31 2.40 36.39 60.32
N HIS J 32 3.70 36.13 60.38
CA HIS J 32 4.48 35.89 61.61
C HIS J 32 4.01 36.87 62.70
N GLY J 33 3.71 36.40 63.90
CA GLY J 33 3.35 37.25 65.05
C GLY J 33 1.85 37.48 65.23
N THR J 34 1.02 37.18 64.22
CA THR J 34 -0.46 37.26 64.32
C THR J 34 -0.96 36.52 65.59
N LYS J 35 -1.90 37.10 66.32
CA LYS J 35 -2.51 36.46 67.52
C LYS J 35 -3.79 35.79 67.07
N VAL J 36 -4.01 34.55 67.48
CA VAL J 36 -5.21 33.75 67.06
C VAL J 36 -5.77 32.99 68.27
N LYS J 37 -7.02 32.54 68.14
CA LYS J 37 -7.67 31.61 69.10
C LYS J 37 -7.88 30.28 68.38
N LEU J 38 -7.53 29.17 69.05
CA LEU J 38 -7.52 27.82 68.45
C LEU J 38 -7.99 26.83 69.51
N THR J 39 -8.35 25.64 69.05
CA THR J 39 -8.58 24.44 69.91
C THR J 39 -7.66 23.33 69.38
N LYS J 40 -7.11 22.52 70.28
CA LYS J 40 -6.25 21.36 69.90
C LYS J 40 -7.14 20.35 69.15
N HIS J 41 -6.76 19.97 67.93
CA HIS J 41 -7.54 19.08 67.05
C HIS J 41 -7.02 17.64 67.17
N ASN J 42 -5.70 17.46 67.16
CA ASN J 42 -5.01 16.17 67.43
C ASN J 42 -3.56 16.47 67.86
N SER J 43 -2.70 15.45 67.88
CA SER J 43 -1.32 15.53 68.41
C SER J 43 -0.49 16.56 67.65
N HIS J 44 -0.81 16.82 66.37
CA HIS J 44 0.01 17.67 65.47
C HIS J 44 -0.74 18.90 64.97
N TRP J 45 -2.04 19.03 65.22
CA TRP J 45 -2.84 20.09 64.57
C TRP J 45 -3.75 20.82 65.58
N TYR J 46 -3.96 22.09 65.29
CA TYR J 46 -4.89 23.01 65.96
C TYR J 46 -5.98 23.29 64.93
N THR J 47 -7.17 23.64 65.42
CA THR J 47 -8.27 24.10 64.55
C THR J 47 -8.82 25.41 65.12
N GLY J 48 -9.42 26.20 64.26
CA GLY J 48 -10.15 27.39 64.67
C GLY J 48 -11.15 27.80 63.61
N VAL J 49 -11.83 28.90 63.86
CA VAL J 49 -12.89 29.41 62.95
C VAL J 49 -12.59 30.86 62.64
N VAL J 50 -12.86 31.29 61.41
CA VAL J 50 -12.75 32.70 60.96
C VAL J 50 -13.97 32.99 60.11
N LYS J 51 -14.21 34.26 59.80
CA LYS J 51 -15.44 34.72 59.10
C LYS J 51 -15.06 35.13 57.68
N ASP J 52 -15.56 34.42 56.67
CA ASP J 52 -15.53 34.88 55.26
C ASP J 52 -16.92 35.46 54.96
N GLY J 53 -17.05 36.78 55.08
CA GLY J 53 -18.35 37.49 55.07
C GLY J 53 -19.18 37.11 56.28
N ASN J 54 -20.33 36.47 56.05
CA ASN J 54 -21.29 36.06 57.11
C ASN J 54 -21.09 34.57 57.45
N LYS J 55 -20.21 33.88 56.72
CA LYS J 55 -19.95 32.42 56.83
C LYS J 55 -18.78 32.17 57.81
N SER J 56 -19.00 31.36 58.84
CA SER J 56 -17.93 30.72 59.66
C SER J 56 -17.22 29.67 58.80
N VAL J 57 -15.89 29.69 58.75
CA VAL J 57 -15.06 28.72 57.96
C VAL J 57 -14.07 28.11 58.94
N ARG J 58 -13.94 26.78 58.93
CA ARG J 58 -13.01 26.07 59.84
C ARG J 58 -11.66 25.90 59.13
N GLY J 59 -10.58 26.09 59.90
CA GLY J 59 -9.22 25.83 59.40
C GLY J 59 -8.43 25.02 60.38
N TYR J 60 -7.26 24.56 59.95
CA TYR J 60 -6.35 23.68 60.73
C TYR J 60 -4.95 24.23 60.51
N ILE J 61 -4.17 24.34 61.59
CA ILE J 61 -2.76 24.84 61.50
C ILE J 61 -1.86 23.89 62.29
N TYR J 62 -0.72 23.54 61.69
CA TYR J 62 0.27 22.63 62.27
C TYR J 62 0.81 23.20 63.58
N HIS J 63 1.04 22.33 64.53
CA HIS J 63 1.35 22.73 65.94
C HIS J 63 2.58 23.62 65.99
N SER J 64 3.59 23.41 65.14
CA SER J 64 4.88 24.15 65.25
C SER J 64 4.72 25.57 64.69
N MET J 65 3.60 25.86 64.03
CA MET J 65 3.32 27.19 63.43
C MET J 65 2.44 28.01 64.38
N ALA J 66 2.11 27.49 65.56
CA ALA J 66 1.30 28.23 66.55
C ALA J 66 1.92 28.07 67.93
N LYS J 67 2.54 29.13 68.45
CA LYS J 67 3.11 29.15 69.83
C LYS J 67 1.94 29.44 70.78
N VAL J 68 1.54 28.46 71.58
CA VAL J 68 0.38 28.64 72.51
C VAL J 68 0.90 29.39 73.74
N THR J 69 0.35 30.59 73.98
CA THR J 69 0.78 31.54 75.05
C THR J 69 -0.18 31.48 76.25
N SER J 70 -1.46 31.13 76.06
CA SER J 70 -2.43 30.98 77.19
C SER J 70 -3.56 30.00 76.88
N LYS J 71 -4.19 29.51 77.94
CA LYS J 71 -5.35 28.59 77.94
C LYS J 71 -6.63 29.31 78.39
N ASN J 72 -7.68 29.27 77.58
CA ASN J 72 -9.01 29.80 77.95
C ASN J 72 -9.78 28.74 78.74
N SER J 73 -10.84 29.11 79.48
CA SER J 73 -11.57 28.18 80.38
C SER J 73 -12.50 27.27 79.56
N ASP J 74 -12.92 27.70 78.37
CA ASP J 74 -13.78 26.91 77.45
C ASP J 74 -12.93 25.82 76.75
N GLY J 75 -11.66 25.65 77.08
CA GLY J 75 -10.82 24.59 76.47
C GLY J 75 -10.01 25.06 75.26
N SER J 76 -10.33 26.21 74.68
CA SER J 76 -9.56 26.83 73.58
C SER J 76 -8.24 27.41 74.11
N VAL J 77 -7.37 27.85 73.21
CA VAL J 77 -6.06 28.46 73.56
C VAL J 77 -5.88 29.73 72.72
N ASN J 78 -5.04 30.62 73.23
CA ASN J 78 -4.58 31.82 72.48
C ASN J 78 -3.15 31.51 72.03
N ALA J 79 -2.81 31.80 70.80
CA ALA J 79 -1.48 31.50 70.28
C ALA J 79 -0.99 32.64 69.38
N THR J 80 0.33 32.69 69.18
CA THR J 80 0.92 33.60 68.18
C THR J 80 1.52 32.76 67.07
N ILE J 81 1.27 33.16 65.83
CA ILE J 81 1.74 32.46 64.62
C ILE J 81 3.26 32.57 64.53
N ASN J 82 3.89 31.41 64.48
CA ASN J 82 5.34 31.22 64.21
C ASN J 82 5.46 30.79 62.75
N ALA J 83 5.71 31.73 61.83
CA ALA J 83 5.76 31.45 60.37
C ALA J 83 6.97 30.59 60.01
N HIS J 84 6.72 29.52 59.25
CA HIS J 84 7.76 28.62 58.66
C HIS J 84 7.06 27.76 57.61
N ALA J 85 7.82 27.17 56.70
CA ALA J 85 7.32 26.18 55.72
C ALA J 85 7.95 24.79 56.00
N PHE J 86 7.61 23.83 55.15
CA PHE J 86 8.19 22.46 55.18
C PHE J 86 8.60 22.06 53.76
N CYS J 87 9.63 21.22 53.65
CA CYS J 87 9.82 20.39 52.43
C CYS J 87 9.94 18.94 52.90
N TRP J 88 9.43 18.00 52.11
CA TRP J 88 9.35 16.57 52.48
C TRP J 88 10.15 15.73 51.48
N ASP J 89 10.69 14.62 51.92
CA ASP J 89 11.42 13.68 51.02
C ASP J 89 10.40 12.77 50.30
N ASN J 90 9.12 13.08 50.33
CA ASN J 90 8.04 12.28 49.71
C ASN J 90 6.94 13.23 49.22
N LYS J 91 6.11 12.81 48.29
CA LYS J 91 5.05 13.69 47.73
C LYS J 91 3.70 13.45 48.43
N LYS J 92 3.71 12.78 49.58
CA LYS J 92 2.50 12.66 50.45
C LYS J 92 2.40 13.93 51.31
N LEU J 93 3.53 14.64 51.49
CA LEU J 93 3.74 15.78 52.43
C LEU J 93 3.25 15.33 53.82
N ASN J 94 3.59 14.10 54.19
CA ASN J 94 3.06 13.40 55.39
C ASN J 94 4.15 12.48 55.93
N GLY J 95 4.78 12.87 57.03
CA GLY J 95 5.90 12.14 57.66
C GLY J 95 7.08 11.98 56.73
N GLY J 96 7.74 10.82 56.84
CA GLY J 96 9.05 10.58 56.22
C GLY J 96 10.04 11.53 56.82
N ASP J 97 10.97 12.02 56.01
CA ASP J 97 11.94 13.05 56.40
C ASP J 97 11.39 14.39 55.88
N PHE J 98 11.27 15.38 56.74
CA PHE J 98 10.86 16.75 56.37
C PHE J 98 11.80 17.73 57.05
N ILE J 99 11.94 18.90 56.48
CA ILE J 99 12.80 19.97 57.04
C ILE J 99 11.91 21.18 57.30
N ASN J 100 12.05 21.76 58.48
CA ASN J 100 11.47 23.08 58.85
C ASN J 100 12.27 24.15 58.09
N LEU J 101 11.66 24.77 57.09
CA LEU J 101 12.27 25.87 56.34
C LEU J 101 11.88 27.17 57.02
N LYS J 102 12.83 27.93 57.55
CA LYS J 102 12.52 29.20 58.23
C LYS J 102 11.87 30.17 57.25
N ARG J 103 11.05 31.06 57.80
CA ARG J 103 10.44 32.18 57.03
C ARG J 103 11.55 32.94 56.32
N GLY J 104 11.32 33.27 55.06
CA GLY J 104 12.26 34.03 54.22
C GLY J 104 13.42 33.19 53.70
N PHE J 105 13.47 31.87 53.98
CA PHE J 105 14.44 30.93 53.38
C PHE J 105 14.47 31.12 51.86
N LYS J 106 15.67 31.36 51.31
CA LYS J 106 15.91 31.63 49.87
C LYS J 106 16.38 30.31 49.26
N GLY J 107 15.65 29.85 48.24
CA GLY J 107 15.85 28.53 47.61
C GLY J 107 15.91 28.65 46.10
N ILE J 108 16.38 27.60 45.44
CA ILE J 108 16.34 27.41 43.98
C ILE J 108 15.60 26.11 43.75
N THR J 109 14.62 26.12 42.86
CA THR J 109 13.82 24.93 42.51
C THR J 109 13.66 24.92 40.99
N HIS J 110 12.85 24.02 40.46
CA HIS J 110 12.71 23.79 39.01
C HIS J 110 11.23 23.67 38.70
N PRO J 111 10.81 23.98 37.45
CA PRO J 111 9.46 23.73 37.00
C PRO J 111 8.96 22.36 37.45
N ALA J 112 7.83 22.38 38.16
CA ALA J 112 7.08 21.18 38.61
C ALA J 112 5.68 21.23 37.97
N SER J 113 5.45 20.41 36.95
CA SER J 113 4.12 20.19 36.33
C SER J 113 3.16 19.59 37.37
N ASP J 114 3.64 18.71 38.26
CA ASP J 114 2.79 17.97 39.24
C ASP J 114 2.67 18.81 40.52
N GLY J 115 3.35 19.95 40.57
CA GLY J 115 3.22 20.93 41.67
C GLY J 115 4.04 20.56 42.89
N PHE J 116 4.92 19.57 42.81
CA PHE J 116 5.88 19.25 43.88
C PHE J 116 7.24 19.83 43.49
N TYR J 117 7.57 21.01 44.03
CA TYR J 117 8.81 21.74 43.67
C TYR J 117 10.02 21.09 44.34
N PRO J 118 10.97 20.54 43.55
CA PRO J 118 12.17 19.91 44.09
C PRO J 118 13.23 20.87 44.65
N LEU J 119 13.73 20.53 45.81
CA LEU J 119 14.81 21.28 46.49
C LEU J 119 15.96 20.30 46.73
N TYR J 120 17.10 20.54 46.07
CA TYR J 120 18.35 19.81 46.30
C TYR J 120 19.12 20.45 47.46
N PHE J 121 19.17 19.76 48.59
CA PHE J 121 20.05 20.16 49.72
C PHE J 121 21.43 19.58 49.39
N ALA J 122 22.52 20.36 49.52
CA ALA J 122 23.89 19.90 49.24
C ALA J 122 24.33 18.92 50.34
N SER J 123 24.16 19.32 51.60
CA SER J 123 24.67 18.61 52.80
C SER J 123 23.91 17.29 53.04
N ARG J 124 22.68 17.17 52.57
CA ARG J 124 21.96 15.87 52.48
C ARG J 124 21.89 15.52 51.00
N LYS J 125 21.78 14.25 50.65
CA LYS J 125 22.04 13.90 49.25
C LYS J 125 20.71 13.49 48.62
N LYS J 126 19.61 14.07 49.09
CA LYS J 126 18.31 13.70 48.48
C LYS J 126 17.50 14.94 48.14
N THR J 127 16.44 14.67 47.40
CA THR J 127 15.49 15.71 46.94
C THR J 127 14.41 15.81 48.02
N PHE J 128 14.08 17.03 48.41
CA PHE J 128 12.86 17.34 49.18
C PHE J 128 11.86 18.08 48.26
N TYR J 129 10.59 18.13 48.66
CA TYR J 129 9.47 18.72 47.88
C TYR J 129 8.73 19.73 48.74
N ILE J 130 8.38 20.83 48.08
CA ILE J 130 7.65 21.95 48.69
C ILE J 130 6.47 22.29 47.78
N PRO J 131 5.24 22.35 48.34
CA PRO J 131 4.07 22.78 47.57
C PRO J 131 4.12 24.27 47.24
N ARG J 132 3.49 24.66 46.14
CA ARG J 132 3.53 26.02 45.54
C ARG J 132 3.15 27.09 46.56
N TYR J 133 2.20 26.80 47.43
CA TYR J 133 1.55 27.78 48.33
C TYR J 133 2.47 28.19 49.47
N MET J 134 3.64 27.58 49.60
CA MET J 134 4.56 27.91 50.72
C MET J 134 5.63 28.91 50.28
N PHE J 135 5.67 29.32 49.03
CA PHE J 135 6.77 30.21 48.58
C PHE J 135 6.26 31.22 47.56
N ASP J 136 7.03 32.31 47.43
CA ASP J 136 6.89 33.27 46.30
C ASP J 136 8.02 33.00 45.32
N ILE J 137 7.75 33.15 44.03
CA ILE J 137 8.77 33.17 42.95
C ILE J 137 9.32 34.60 42.80
N LYS J 138 10.63 34.78 42.90
CA LYS J 138 11.34 36.03 42.51
C LYS J 138 11.59 35.94 41.00
N LYS J 139 10.79 36.65 40.19
CA LYS J 139 10.74 36.53 38.70
C LYS J 139 11.91 37.29 38.05
N MET K 2 54.98 -4.63 -2.52
CA MET K 2 53.51 -4.94 -2.68
C MET K 2 52.89 -5.28 -1.32
N GLU K 3 51.69 -4.76 -1.06
CA GLU K 3 50.92 -5.00 0.19
C GLU K 3 49.56 -5.58 -0.16
N ASN K 4 49.04 -6.41 0.72
CA ASN K 4 47.62 -6.83 0.66
C ASN K 4 46.92 -6.28 1.90
N ILE K 5 45.59 -6.17 1.84
CA ILE K 5 44.71 -5.60 2.90
C ILE K 5 43.59 -6.62 3.11
N ASN K 6 43.40 -7.10 4.33
CA ASN K 6 42.23 -7.96 4.62
C ASN K 6 41.03 -7.04 4.86
N ILE K 7 39.87 -7.34 4.28
CA ILE K 7 38.71 -6.43 4.40
C ILE K 7 37.53 -7.29 4.78
N VAL K 8 36.55 -6.69 5.46
CA VAL K 8 35.22 -7.34 5.66
C VAL K 8 34.14 -6.36 5.17
N ILE K 9 33.27 -6.84 4.30
CA ILE K 9 32.11 -6.09 3.75
C ILE K 9 31.18 -5.77 4.92
N LYS K 10 30.76 -4.51 5.00
CA LYS K 10 30.03 -3.92 6.15
C LYS K 10 28.70 -4.64 6.33
N ASP K 11 28.23 -4.66 7.57
CA ASP K 11 26.92 -5.28 7.92
C ASP K 11 25.83 -4.24 7.71
N VAL K 12 25.86 -3.48 6.60
CA VAL K 12 24.93 -2.33 6.38
C VAL K 12 24.39 -2.33 4.95
N GLY K 13 23.28 -1.62 4.77
CA GLY K 13 22.75 -1.20 3.47
C GLY K 13 23.02 0.28 3.27
N TYR K 14 23.14 0.73 2.04
CA TYR K 14 23.67 2.09 1.72
C TYR K 14 22.50 2.96 1.27
N PHE K 15 22.18 3.97 2.10
CA PHE K 15 21.15 5.02 1.87
C PHE K 15 21.93 6.25 1.40
N GLN K 16 22.11 6.41 0.09
CA GLN K 16 23.02 7.43 -0.46
C GLN K 16 22.22 8.71 -0.78
N ASP K 17 22.90 9.85 -0.90
CA ASP K 17 22.25 11.15 -1.25
C ASP K 17 21.82 11.18 -2.71
N LYS K 18 22.27 10.23 -3.53
CA LYS K 18 21.88 10.10 -4.97
C LYS K 18 21.66 8.63 -5.26
N PRO K 19 20.87 8.26 -6.30
CA PRO K 19 20.68 6.85 -6.67
C PRO K 19 21.87 6.36 -7.49
N GLN K 20 23.07 6.44 -6.91
CA GLN K 20 24.32 6.04 -7.60
C GLN K 20 25.35 5.66 -6.53
N PHE K 21 26.27 4.77 -6.86
CA PHE K 21 27.28 4.26 -5.90
C PHE K 21 28.57 5.09 -5.97
N LEU K 22 28.88 5.71 -7.12
CA LEU K 22 30.10 6.55 -7.31
C LEU K 22 29.74 8.01 -7.06
N ASN K 23 30.59 8.75 -6.34
CA ASN K 23 30.44 10.23 -6.10
C ASN K 23 29.09 10.48 -5.40
N SER K 24 28.76 9.63 -4.45
CA SER K 24 27.60 9.79 -3.56
C SER K 24 28.09 9.68 -2.10
N LYS K 25 27.35 10.35 -1.24
CA LYS K 25 27.60 10.45 0.20
C LYS K 25 26.56 9.53 0.84
N SER K 26 26.98 8.73 1.82
CA SER K 26 26.04 7.95 2.65
C SER K 26 25.26 8.91 3.55
N VAL K 27 23.94 9.00 3.36
CA VAL K 27 23.01 9.68 4.31
C VAL K 27 22.87 8.79 5.55
N ARG K 28 22.60 7.50 5.35
CA ARG K 28 22.58 6.47 6.41
C ARG K 28 23.33 5.24 5.90
N GLN K 29 24.08 4.58 6.78
CA GLN K 29 24.53 3.19 6.57
C GLN K 29 23.72 2.31 7.55
N TRP K 30 22.55 1.88 7.12
CA TRP K 30 21.58 1.13 7.97
C TRP K 30 22.08 -0.28 8.29
N LYS K 31 22.14 -0.64 9.57
CA LYS K 31 22.53 -1.98 10.04
C LYS K 31 21.52 -2.98 9.46
N HIS K 32 21.98 -4.14 9.02
CA HIS K 32 21.12 -5.28 8.62
C HIS K 32 20.00 -5.41 9.66
N GLY K 33 18.76 -5.47 9.20
CA GLY K 33 17.58 -5.73 10.06
C GLY K 33 16.82 -4.47 10.40
N THR K 34 17.45 -3.30 10.24
CA THR K 34 16.79 -1.98 10.48
C THR K 34 15.47 -1.91 9.70
N LYS K 35 14.42 -1.41 10.34
CA LYS K 35 13.08 -1.26 9.71
C LYS K 35 12.96 0.19 9.21
N VAL K 36 12.55 0.37 7.97
CA VAL K 36 12.48 1.73 7.33
C VAL K 36 11.20 1.84 6.53
N LYS K 37 10.91 3.04 6.05
CA LYS K 37 9.74 3.35 5.19
C LYS K 37 10.27 4.02 3.91
N LEU K 38 9.94 3.47 2.75
CA LEU K 38 10.50 3.90 1.45
C LEU K 38 9.38 3.93 0.41
N THR K 39 9.67 4.56 -0.73
CA THR K 39 8.83 4.52 -1.94
C THR K 39 9.73 4.18 -3.12
N LYS K 40 9.23 3.39 -4.06
CA LYS K 40 10.00 2.95 -5.24
C LYS K 40 10.39 4.19 -6.03
N HIS K 41 11.68 4.34 -6.35
CA HIS K 41 12.23 5.50 -7.11
C HIS K 41 12.31 5.14 -8.60
N ASN K 42 12.87 3.98 -8.93
CA ASN K 42 12.95 3.44 -10.32
C ASN K 42 13.01 1.92 -10.21
N SER K 43 13.40 1.23 -11.28
CA SER K 43 13.39 -0.25 -11.34
C SER K 43 14.41 -0.83 -10.36
N HIS K 44 15.48 -0.12 -10.02
CA HIS K 44 16.59 -0.68 -9.21
C HIS K 44 16.76 0.05 -7.86
N TRP K 45 15.97 1.07 -7.56
CA TRP K 45 16.24 1.94 -6.39
C TRP K 45 14.94 2.31 -5.68
N TYR K 46 15.02 2.43 -4.35
CA TYR K 46 14.01 3.03 -3.45
C TYR K 46 14.52 4.39 -2.99
N THR K 47 13.61 5.25 -2.59
CA THR K 47 13.93 6.55 -1.99
C THR K 47 13.13 6.70 -0.69
N GLY K 48 13.58 7.58 0.19
CA GLY K 48 12.97 7.90 1.49
C GLY K 48 13.57 9.17 2.06
N VAL K 49 13.10 9.55 3.26
CA VAL K 49 13.47 10.83 3.91
C VAL K 49 13.75 10.54 5.37
N VAL K 50 14.80 11.15 5.91
CA VAL K 50 15.15 11.05 7.34
C VAL K 50 15.40 12.46 7.85
N LYS K 51 15.54 12.61 9.17
CA LYS K 51 15.72 13.93 9.82
C LYS K 51 17.18 14.02 10.28
N ASP K 52 17.95 14.92 9.69
CA ASP K 52 19.30 15.29 10.21
C ASP K 52 19.08 16.55 11.04
N GLY K 53 18.88 16.36 12.36
CA GLY K 53 18.37 17.38 13.28
C GLY K 53 16.99 17.87 12.86
N ASN K 54 16.89 19.12 12.40
CA ASN K 54 15.60 19.78 12.04
C ASN K 54 15.33 19.63 10.54
N LYS K 55 16.33 19.24 9.75
CA LYS K 55 16.22 19.23 8.27
C LYS K 55 15.87 17.82 7.76
N SER K 56 14.88 17.76 6.85
CA SER K 56 14.52 16.58 6.03
C SER K 56 15.66 16.34 5.04
N VAL K 57 16.16 15.11 4.93
CA VAL K 57 17.23 14.70 3.96
C VAL K 57 16.74 13.49 3.17
N ARG K 58 16.77 13.58 1.85
CA ARG K 58 16.34 12.50 0.92
C ARG K 58 17.54 11.59 0.66
N GLY K 59 17.27 10.28 0.63
CA GLY K 59 18.25 9.23 0.33
C GLY K 59 17.70 8.20 -0.62
N TYR K 60 18.58 7.36 -1.15
CA TYR K 60 18.29 6.34 -2.17
C TYR K 60 19.02 5.07 -1.76
N ILE K 61 18.34 3.93 -1.84
CA ILE K 61 18.92 2.63 -1.41
C ILE K 61 18.56 1.59 -2.47
N TYR K 62 19.50 0.73 -2.80
CA TYR K 62 19.39 -0.24 -3.91
C TYR K 62 18.30 -1.25 -3.53
N HIS K 63 17.56 -1.71 -4.53
CA HIS K 63 16.32 -2.52 -4.38
C HIS K 63 16.62 -3.80 -3.59
N SER K 64 17.78 -4.44 -3.81
CA SER K 64 18.09 -5.75 -3.17
C SER K 64 18.53 -5.54 -1.72
N MET K 65 18.72 -4.29 -1.27
CA MET K 65 19.07 -3.97 0.13
C MET K 65 17.82 -3.65 0.97
N ALA K 66 16.62 -3.76 0.40
CA ALA K 66 15.34 -3.44 1.07
C ALA K 66 14.34 -4.57 0.82
N LYS K 67 14.17 -5.44 1.82
CA LYS K 67 13.20 -6.57 1.79
C LYS K 67 11.84 -6.02 2.22
N VAL K 68 10.92 -5.84 1.28
CA VAL K 68 9.57 -5.24 1.55
C VAL K 68 8.78 -6.21 2.44
N THR K 69 8.34 -5.80 3.63
CA THR K 69 7.62 -6.66 4.61
C THR K 69 6.12 -6.38 4.51
N SER K 70 5.72 -5.11 4.48
CA SER K 70 4.30 -4.71 4.26
C SER K 70 4.26 -3.61 3.17
N LYS K 71 3.10 -3.41 2.56
CA LYS K 71 2.85 -2.18 1.76
C LYS K 71 1.92 -1.31 2.59
N ASN K 72 2.24 -0.04 2.74
CA ASN K 72 1.37 0.94 3.43
C ASN K 72 0.35 1.38 2.39
N SER K 73 -0.81 1.87 2.83
CA SER K 73 -1.93 2.29 1.95
C SER K 73 -1.72 3.72 1.42
N ASP K 74 -0.59 4.36 1.72
CA ASP K 74 -0.28 5.71 1.16
C ASP K 74 0.67 5.57 -0.03
N GLY K 75 0.85 4.34 -0.54
CA GLY K 75 1.74 4.05 -1.68
C GLY K 75 3.18 3.78 -1.28
N SER K 76 3.57 4.04 -0.03
CA SER K 76 4.93 3.74 0.49
C SER K 76 5.02 2.26 0.88
N VAL K 77 6.23 1.75 1.04
CA VAL K 77 6.45 0.36 1.54
C VAL K 77 7.15 0.43 2.89
N ASN K 78 6.99 -0.63 3.69
CA ASN K 78 7.71 -0.86 4.96
C ASN K 78 8.73 -1.96 4.68
N ALA K 79 10.02 -1.73 4.92
CA ALA K 79 11.03 -2.74 4.56
C ALA K 79 12.03 -2.95 5.70
N THR K 80 12.66 -4.11 5.66
CA THR K 80 13.81 -4.48 6.51
C THR K 80 15.07 -4.34 5.64
N ILE K 81 16.09 -3.66 6.17
CA ILE K 81 17.37 -3.53 5.42
C ILE K 81 18.00 -4.92 5.36
N ASN K 82 18.29 -5.36 4.13
CA ASN K 82 19.12 -6.55 3.80
C ASN K 82 20.52 -6.06 3.41
N ALA K 83 21.46 -6.07 4.35
CA ALA K 83 22.83 -5.56 4.16
C ALA K 83 23.57 -6.39 3.13
N HIS K 84 24.21 -5.71 2.17
CA HIS K 84 25.16 -6.32 1.21
C HIS K 84 25.91 -5.21 0.45
N ALA K 85 26.98 -5.56 -0.23
CA ALA K 85 27.81 -4.62 -1.01
C ALA K 85 27.88 -5.10 -2.47
N PHE K 86 28.67 -4.39 -3.27
CA PHE K 86 28.93 -4.72 -4.69
C PHE K 86 30.41 -4.52 -4.94
N CYS K 87 30.93 -5.27 -5.91
CA CYS K 87 32.13 -4.90 -6.67
C CYS K 87 31.73 -4.90 -8.17
N TRP K 88 32.42 -4.09 -8.94
CA TRP K 88 32.11 -3.88 -10.37
C TRP K 88 33.37 -4.14 -11.20
N ASP K 89 33.18 -4.54 -12.45
CA ASP K 89 34.32 -4.77 -13.37
C ASP K 89 34.75 -3.45 -13.99
N ASN K 90 34.26 -2.33 -13.46
CA ASN K 90 34.54 -0.99 -14.01
C ASN K 90 34.62 -0.01 -12.84
N LYS K 91 35.33 1.09 -13.01
CA LYS K 91 35.44 2.15 -11.98
C LYS K 91 34.31 3.19 -12.08
N LYS K 92 33.25 2.96 -12.86
CA LYS K 92 32.05 3.83 -12.84
C LYS K 92 31.08 3.37 -11.74
N LEU K 93 31.26 2.14 -11.25
CA LEU K 93 30.39 1.45 -10.27
C LEU K 93 28.97 1.52 -10.80
N ASN K 94 28.77 1.32 -12.10
CA ASN K 94 27.46 1.54 -12.75
C ASN K 94 27.31 0.56 -13.90
N GLY K 95 26.45 -0.43 -13.69
CA GLY K 95 26.22 -1.52 -14.64
C GLY K 95 27.49 -2.30 -14.94
N GLY K 96 27.61 -2.80 -16.17
CA GLY K 96 28.68 -3.72 -16.60
C GLY K 96 28.48 -5.05 -15.89
N ASP K 97 29.57 -5.66 -15.45
CA ASP K 97 29.51 -6.88 -14.63
C ASP K 97 29.64 -6.44 -13.16
N PHE K 98 28.72 -6.86 -12.29
CA PHE K 98 28.84 -6.62 -10.83
C PHE K 98 28.47 -7.87 -10.03
N ILE K 99 29.04 -7.96 -8.84
CA ILE K 99 28.85 -9.14 -7.96
C ILE K 99 28.28 -8.68 -6.61
N ASN K 100 27.16 -9.30 -6.20
CA ASN K 100 26.55 -9.09 -4.87
C ASN K 100 27.48 -9.70 -3.82
N LEU K 101 28.16 -8.88 -3.02
CA LEU K 101 29.05 -9.35 -1.93
C LEU K 101 28.21 -9.40 -0.64
N LYS K 102 28.01 -10.58 -0.08
CA LYS K 102 27.17 -10.76 1.13
C LYS K 102 27.82 -9.99 2.29
N ARG K 103 26.97 -9.54 3.23
CA ARG K 103 27.43 -8.85 4.45
C ARG K 103 28.45 -9.77 5.15
N GLY K 104 29.60 -9.22 5.53
CA GLY K 104 30.62 -9.99 6.26
C GLY K 104 31.47 -10.82 5.33
N PHE K 105 31.26 -10.72 4.02
CA PHE K 105 32.19 -11.29 3.03
C PHE K 105 33.59 -10.86 3.43
N LYS K 106 34.50 -11.83 3.57
CA LYS K 106 35.94 -11.54 3.86
C LYS K 106 36.70 -11.53 2.55
N GLY K 107 37.39 -10.45 2.28
CA GLY K 107 38.09 -10.31 1.00
C GLY K 107 39.51 -9.90 1.25
N ILE K 108 40.31 -9.93 0.20
CA ILE K 108 41.70 -9.44 0.21
C ILE K 108 41.80 -8.45 -0.93
N THR K 109 42.43 -7.32 -0.72
CA THR K 109 42.61 -6.29 -1.77
C THR K 109 43.99 -5.70 -1.57
N HIS K 110 44.30 -4.62 -2.28
CA HIS K 110 45.62 -3.97 -2.30
C HIS K 110 45.40 -2.48 -2.13
N PRO K 111 46.35 -1.76 -1.49
CA PRO K 111 46.31 -0.31 -1.38
C PRO K 111 45.95 0.34 -2.73
N ALA K 112 44.84 1.07 -2.76
CA ALA K 112 44.28 1.76 -3.94
C ALA K 112 44.30 3.26 -3.65
N SER K 113 45.23 3.99 -4.26
CA SER K 113 45.31 5.47 -4.12
C SER K 113 44.09 6.12 -4.80
N ASP K 114 43.51 5.48 -5.83
CA ASP K 114 42.34 6.02 -6.57
C ASP K 114 41.05 5.61 -5.85
N GLY K 115 41.15 4.74 -4.84
CA GLY K 115 40.02 4.39 -3.96
C GLY K 115 39.15 3.32 -4.61
N PHE K 116 39.63 2.72 -5.70
CA PHE K 116 38.96 1.57 -6.34
C PHE K 116 39.77 0.33 -5.97
N TYR K 117 39.31 -0.37 -4.93
CA TYR K 117 40.07 -1.48 -4.32
C TYR K 117 39.86 -2.73 -5.17
N PRO K 118 40.96 -3.28 -5.76
CA PRO K 118 40.89 -4.44 -6.63
C PRO K 118 40.60 -5.76 -5.91
N LEU K 119 39.71 -6.56 -6.49
CA LEU K 119 39.36 -7.92 -6.01
C LEU K 119 39.57 -8.90 -7.18
N TYR K 120 40.48 -9.86 -7.01
CA TYR K 120 40.80 -10.92 -8.01
C TYR K 120 39.96 -12.14 -7.59
N PHE K 121 38.86 -12.43 -8.29
CA PHE K 121 38.08 -13.66 -8.02
C PHE K 121 38.71 -14.82 -8.80
N ALA K 122 38.98 -15.92 -8.09
CA ALA K 122 39.71 -17.11 -8.57
C ALA K 122 39.14 -17.56 -9.92
N SER K 123 37.83 -17.37 -10.15
CA SER K 123 37.08 -18.10 -11.20
C SER K 123 36.53 -17.16 -12.27
N ARG K 124 36.95 -15.90 -12.33
CA ARG K 124 36.25 -14.94 -13.20
C ARG K 124 37.18 -14.33 -14.26
N LYS K 125 38.51 -14.30 -13.99
CA LYS K 125 39.58 -13.92 -14.97
C LYS K 125 39.61 -12.41 -15.24
N LYS K 126 38.94 -11.57 -14.45
CA LYS K 126 39.12 -10.09 -14.52
C LYS K 126 39.06 -9.49 -13.11
N THR K 127 39.59 -8.28 -13.00
CA THR K 127 39.61 -7.48 -11.75
C THR K 127 38.23 -6.83 -11.55
N PHE K 128 37.69 -6.95 -10.34
CA PHE K 128 36.55 -6.14 -9.89
C PHE K 128 37.07 -5.07 -8.94
N TYR K 129 36.25 -4.02 -8.73
CA TYR K 129 36.54 -2.88 -7.82
C TYR K 129 35.40 -2.69 -6.82
N ILE K 130 35.82 -2.47 -5.56
CA ILE K 130 34.92 -2.11 -4.42
C ILE K 130 35.38 -0.77 -3.86
N PRO K 131 34.46 0.21 -3.66
CA PRO K 131 34.80 1.49 -3.08
C PRO K 131 35.08 1.37 -1.57
N ARG K 132 35.87 2.28 -1.02
CA ARG K 132 36.34 2.23 0.39
C ARG K 132 35.14 2.09 1.35
N TYR K 133 34.07 2.83 1.12
CA TYR K 133 32.92 2.94 2.06
C TYR K 133 32.14 1.64 2.23
N MET K 134 32.42 0.60 1.46
CA MET K 134 31.61 -0.64 1.57
C MET K 134 32.32 -1.70 2.43
N PHE K 135 33.47 -1.40 3.03
CA PHE K 135 34.21 -2.41 3.83
C PHE K 135 34.94 -1.77 5.01
N ASP K 136 35.25 -2.60 6.01
CA ASP K 136 36.13 -2.26 7.16
C ASP K 136 37.44 -3.03 7.03
N ILE K 137 38.49 -2.42 7.57
CA ILE K 137 39.81 -3.02 7.82
C ILE K 137 39.90 -3.30 9.33
N LYS K 138 39.90 -4.57 9.75
CA LYS K 138 40.02 -4.97 11.18
C LYS K 138 41.32 -4.43 11.75
N LYS K 139 41.22 -3.77 12.91
CA LYS K 139 42.38 -3.36 13.76
C LYS K 139 42.84 -4.58 14.58
N MET L 2 38.30 -16.16 -1.12
CA MET L 2 39.41 -15.34 -1.70
C MET L 2 40.74 -15.69 -1.02
N GLU L 3 41.81 -15.82 -1.80
CA GLU L 3 43.08 -16.41 -1.33
C GLU L 3 44.27 -15.57 -1.79
N ASN L 4 45.37 -15.69 -1.08
CA ASN L 4 46.60 -14.89 -1.26
C ASN L 4 47.75 -15.84 -1.64
N ILE L 5 48.67 -15.43 -2.53
CA ILE L 5 49.89 -16.24 -2.87
C ILE L 5 51.12 -15.33 -2.79
N ASN L 6 52.10 -15.69 -1.97
CA ASN L 6 53.41 -15.00 -1.96
C ASN L 6 54.28 -15.63 -3.03
N ILE L 7 54.90 -14.81 -3.87
CA ILE L 7 55.69 -15.37 -4.99
C ILE L 7 57.05 -14.70 -4.93
N VAL L 8 58.04 -15.38 -5.48
CA VAL L 8 59.36 -14.74 -5.73
C VAL L 8 59.72 -14.99 -7.21
N ILE L 9 60.16 -13.95 -7.90
CA ILE L 9 60.61 -14.01 -9.31
C ILE L 9 61.90 -14.83 -9.33
N LYS L 10 61.93 -15.84 -10.21
CA LYS L 10 63.06 -16.80 -10.39
C LYS L 10 64.37 -16.06 -10.65
N ASP L 11 65.47 -16.71 -10.25
CA ASP L 11 66.87 -16.27 -10.46
C ASP L 11 67.36 -16.83 -11.79
N VAL L 12 66.52 -16.85 -12.84
CA VAL L 12 66.83 -17.45 -14.18
C VAL L 12 66.46 -16.52 -15.33
N GLY L 13 67.05 -16.81 -16.49
CA GLY L 13 66.66 -16.29 -17.82
C GLY L 13 65.91 -17.36 -18.58
N TYR L 14 65.02 -17.00 -19.51
CA TYR L 14 64.09 -17.94 -20.17
C TYR L 14 64.51 -18.11 -21.62
N PHE L 15 65.08 -19.29 -21.88
CA PHE L 15 65.46 -19.82 -23.20
C PHE L 15 64.27 -20.62 -23.70
N GLN L 16 63.36 -19.98 -24.43
CA GLN L 16 62.09 -20.58 -24.87
C GLN L 16 62.29 -21.24 -26.24
N ASP L 17 61.37 -22.13 -26.62
CA ASP L 17 61.43 -22.82 -27.94
C ASP L 17 60.96 -21.87 -29.05
N LYS L 18 60.42 -20.71 -28.72
CA LYS L 18 60.01 -19.66 -29.69
C LYS L 18 60.40 -18.32 -29.11
N PRO L 19 60.57 -17.28 -29.96
CA PRO L 19 60.82 -15.91 -29.49
C PRO L 19 59.52 -15.23 -29.01
N GLN L 20 58.78 -15.87 -28.12
CA GLN L 20 57.49 -15.38 -27.57
C GLN L 20 57.36 -15.96 -26.15
N PHE L 21 56.69 -15.24 -25.24
CA PHE L 21 56.55 -15.61 -23.81
C PHE L 21 55.27 -16.39 -23.57
N LEU L 22 54.29 -16.16 -24.44
CA LEU L 22 52.98 -16.86 -24.41
C LEU L 22 53.07 -18.09 -25.31
N ASN L 23 52.55 -19.24 -24.88
CA ASN L 23 52.46 -20.46 -25.74
C ASN L 23 53.86 -20.90 -26.20
N SER L 24 54.83 -20.82 -25.29
CA SER L 24 56.22 -21.30 -25.53
C SER L 24 56.65 -22.22 -24.39
N LYS L 25 57.53 -23.16 -24.72
CA LYS L 25 58.07 -24.13 -23.75
C LYS L 25 59.47 -23.63 -23.38
N SER L 26 59.84 -23.71 -22.11
CA SER L 26 61.21 -23.41 -21.65
C SER L 26 62.13 -24.56 -22.09
N VAL L 27 63.06 -24.29 -22.99
CA VAL L 27 64.11 -25.27 -23.36
C VAL L 27 65.13 -25.32 -22.22
N ARG L 28 65.55 -24.15 -21.75
CA ARG L 28 66.44 -23.98 -20.58
C ARG L 28 65.90 -22.85 -19.70
N GLN L 29 66.02 -22.98 -18.38
CA GLN L 29 65.89 -21.85 -17.44
C GLN L 29 67.25 -21.65 -16.80
N TRP L 30 68.05 -20.78 -17.40
CA TRP L 30 69.47 -20.62 -17.03
C TRP L 30 69.58 -19.76 -15.78
N LYS L 31 70.26 -20.27 -14.76
CA LYS L 31 70.57 -19.51 -13.53
C LYS L 31 71.34 -18.23 -13.90
N HIS L 32 71.08 -17.13 -13.22
CA HIS L 32 71.87 -15.86 -13.31
C HIS L 32 73.36 -16.19 -13.29
N GLY L 33 74.13 -15.61 -14.22
CA GLY L 33 75.60 -15.77 -14.32
C GLY L 33 76.03 -16.89 -15.27
N THR L 34 75.10 -17.74 -15.74
CA THR L 34 75.42 -18.87 -16.65
C THR L 34 76.05 -18.33 -17.94
N LYS L 35 77.08 -18.99 -18.44
CA LYS L 35 77.79 -18.54 -19.66
C LYS L 35 77.25 -19.33 -20.85
N VAL L 36 76.86 -18.63 -21.91
CA VAL L 36 76.18 -19.25 -23.07
C VAL L 36 76.81 -18.71 -24.35
N LYS L 37 76.51 -19.41 -25.45
CA LYS L 37 76.82 -18.94 -26.82
C LYS L 37 75.49 -18.68 -27.55
N LEU L 38 75.35 -17.50 -28.17
CA LEU L 38 74.07 -17.08 -28.78
C LEU L 38 74.35 -16.35 -30.09
N THR L 39 73.31 -16.11 -30.87
CA THR L 39 73.30 -15.33 -32.11
C THR L 39 72.16 -14.34 -31.98
N LYS L 40 72.36 -13.08 -32.33
CA LYS L 40 71.25 -12.09 -32.37
C LYS L 40 70.18 -12.60 -33.35
N HIS L 41 68.92 -12.72 -32.90
CA HIS L 41 67.79 -13.22 -33.74
C HIS L 41 67.00 -12.05 -34.33
N ASN L 42 66.68 -11.05 -33.52
CA ASN L 42 65.91 -9.85 -33.95
C ASN L 42 66.25 -8.75 -32.94
N SER L 43 65.54 -7.64 -32.96
CA SER L 43 65.94 -6.47 -32.13
C SER L 43 65.80 -6.81 -30.61
N HIS L 44 64.96 -7.79 -30.24
CA HIS L 44 64.61 -8.06 -28.82
C HIS L 44 65.07 -9.45 -28.37
N TRP L 45 65.56 -10.30 -29.27
CA TRP L 45 65.79 -11.72 -28.95
C TRP L 45 67.15 -12.19 -29.47
N TYR L 46 67.80 -13.06 -28.71
CA TYR L 46 68.90 -13.95 -29.15
C TYR L 46 68.32 -15.34 -29.44
N THR L 47 69.03 -16.11 -30.25
CA THR L 47 68.77 -17.55 -30.44
C THR L 47 70.07 -18.32 -30.19
N GLY L 48 69.98 -19.62 -29.93
CA GLY L 48 71.13 -20.50 -29.73
C GLY L 48 70.66 -21.94 -29.81
N VAL L 49 71.57 -22.89 -29.65
CA VAL L 49 71.26 -24.34 -29.76
C VAL L 49 71.90 -25.05 -28.55
N VAL L 50 71.21 -26.03 -27.98
CA VAL L 50 71.72 -26.89 -26.88
C VAL L 50 71.40 -28.33 -27.26
N LYS L 51 71.91 -29.31 -26.50
CA LYS L 51 71.77 -30.74 -26.82
C LYS L 51 70.86 -31.35 -25.76
N ASP L 52 69.65 -31.77 -26.12
CA ASP L 52 68.77 -32.62 -25.26
C ASP L 52 69.01 -34.07 -25.70
N GLY L 53 69.87 -34.79 -24.99
CA GLY L 53 70.37 -36.12 -25.40
C GLY L 53 71.25 -36.00 -26.64
N ASN L 54 70.83 -36.59 -27.76
CA ASN L 54 71.56 -36.53 -29.05
C ASN L 54 71.00 -35.41 -29.94
N LYS L 55 69.84 -34.86 -29.57
CA LYS L 55 69.09 -33.89 -30.39
C LYS L 55 69.62 -32.46 -30.13
N SER L 56 69.92 -31.71 -31.19
CA SER L 56 70.06 -30.23 -31.18
C SER L 56 68.67 -29.63 -30.94
N VAL L 57 68.54 -28.70 -29.99
CA VAL L 57 67.26 -27.97 -29.74
C VAL L 57 67.57 -26.47 -29.87
N ARG L 58 66.79 -25.75 -30.68
CA ARG L 58 66.97 -24.29 -30.81
C ARG L 58 66.10 -23.60 -29.75
N GLY L 59 66.61 -22.49 -29.22
CA GLY L 59 65.96 -21.70 -28.17
C GLY L 59 66.13 -20.23 -28.43
N TYR L 60 65.35 -19.40 -27.74
CA TYR L 60 65.29 -17.94 -27.94
C TYR L 60 65.22 -17.32 -26.57
N ILE L 61 66.06 -16.35 -26.30
CA ILE L 61 66.11 -15.66 -24.99
C ILE L 61 66.13 -14.17 -25.24
N TYR L 62 65.43 -13.42 -24.39
CA TYR L 62 65.18 -11.97 -24.52
C TYR L 62 66.50 -11.22 -24.32
N HIS L 63 66.71 -10.16 -25.10
CA HIS L 63 67.99 -9.40 -25.22
C HIS L 63 68.47 -8.95 -23.84
N SER L 64 67.56 -8.56 -22.94
CA SER L 64 67.93 -7.99 -21.63
C SER L 64 68.32 -9.11 -20.65
N MET L 65 68.17 -10.37 -21.05
CA MET L 65 68.56 -11.53 -20.22
C MET L 65 69.94 -12.07 -20.66
N ALA L 66 70.65 -11.37 -21.54
CA ALA L 66 71.98 -11.81 -22.01
C ALA L 66 72.93 -10.62 -22.15
N LYS L 67 73.97 -10.62 -21.32
CA LYS L 67 75.08 -9.63 -21.33
C LYS L 67 76.19 -10.19 -22.22
N VAL L 68 76.44 -9.55 -23.36
CA VAL L 68 77.49 -10.00 -24.32
C VAL L 68 78.86 -9.57 -23.77
N THR L 69 79.80 -10.51 -23.65
CA THR L 69 81.16 -10.29 -23.12
C THR L 69 82.17 -10.31 -24.26
N SER L 70 81.92 -11.09 -25.32
CA SER L 70 82.76 -11.15 -26.55
C SER L 70 81.98 -11.71 -27.72
N LYS L 71 82.53 -11.51 -28.92
CA LYS L 71 81.95 -12.00 -30.18
C LYS L 71 82.82 -13.15 -30.67
N ASN L 72 82.24 -14.18 -31.30
CA ASN L 72 82.99 -15.30 -31.91
C ASN L 72 83.21 -15.01 -33.39
N SER L 73 84.10 -15.80 -34.00
CA SER L 73 84.53 -15.72 -35.41
C SER L 73 83.33 -15.92 -36.36
N ASP L 74 82.43 -16.83 -35.98
CA ASP L 74 81.29 -17.29 -36.83
C ASP L 74 80.08 -16.35 -36.73
N GLY L 75 80.24 -15.15 -36.15
CA GLY L 75 79.13 -14.16 -36.00
C GLY L 75 78.33 -14.32 -34.69
N SER L 76 78.48 -15.44 -33.97
CA SER L 76 77.80 -15.69 -32.66
C SER L 76 78.48 -14.86 -31.56
N VAL L 77 77.90 -14.84 -30.35
CA VAL L 77 78.38 -14.05 -29.19
C VAL L 77 78.45 -14.97 -27.97
N ASN L 78 79.35 -14.64 -27.05
CA ASN L 78 79.46 -15.25 -25.70
C ASN L 78 78.80 -14.26 -24.75
N ALA L 79 77.87 -14.75 -23.96
CA ALA L 79 77.08 -13.90 -23.06
C ALA L 79 76.94 -14.59 -21.71
N THR L 80 76.65 -13.78 -20.71
CA THR L 80 76.36 -14.18 -19.31
C THR L 80 74.88 -13.90 -19.08
N ILE L 81 74.16 -14.87 -18.57
CA ILE L 81 72.70 -14.72 -18.34
C ILE L 81 72.48 -13.68 -17.23
N ASN L 82 71.59 -12.74 -17.50
CA ASN L 82 71.09 -11.72 -16.57
C ASN L 82 69.62 -12.04 -16.26
N ALA L 83 69.36 -12.71 -15.15
CA ALA L 83 68.02 -13.19 -14.77
C ALA L 83 67.08 -12.02 -14.45
N HIS L 84 65.90 -12.06 -15.06
CA HIS L 84 64.74 -11.20 -14.71
C HIS L 84 63.52 -11.77 -15.39
N ALA L 85 62.35 -11.32 -14.96
CA ALA L 85 61.06 -11.71 -15.52
C ALA L 85 60.33 -10.45 -16.01
N PHE L 86 59.10 -10.64 -16.45
CA PHE L 86 58.23 -9.54 -16.87
C PHE L 86 56.85 -9.82 -16.27
N CYS L 87 56.07 -8.76 -16.10
CA CYS L 87 54.59 -8.84 -16.09
C CYS L 87 54.06 -7.85 -17.14
N TRP L 88 52.90 -8.15 -17.68
CA TRP L 88 52.31 -7.40 -18.82
C TRP L 88 50.92 -6.91 -18.44
N ASP L 89 50.48 -5.80 -19.02
CA ASP L 89 49.10 -5.28 -18.77
C ASP L 89 48.09 -6.00 -19.67
N ASN L 90 48.51 -7.07 -20.33
CA ASN L 90 47.66 -7.82 -21.29
C ASN L 90 48.03 -9.29 -21.20
N LYS L 91 47.16 -10.18 -21.62
CA LYS L 91 47.41 -11.63 -21.51
C LYS L 91 48.00 -12.20 -22.81
N LYS L 92 48.44 -11.34 -23.73
CA LYS L 92 49.22 -11.72 -24.94
C LYS L 92 50.69 -11.86 -24.54
N LEU L 93 51.10 -11.24 -23.43
CA LEU L 93 52.51 -11.20 -22.96
C LEU L 93 53.37 -10.71 -24.12
N ASN L 94 52.86 -9.73 -24.86
CA ASN L 94 53.50 -9.22 -26.10
C ASN L 94 53.18 -7.74 -26.23
N GLY L 95 54.17 -6.90 -26.04
CA GLY L 95 54.00 -5.44 -26.06
C GLY L 95 53.02 -4.95 -25.00
N GLY L 96 52.29 -3.88 -25.34
CA GLY L 96 51.47 -3.10 -24.40
C GLY L 96 52.35 -2.49 -23.33
N ASP L 97 51.88 -2.51 -22.10
CA ASP L 97 52.68 -2.05 -20.94
C ASP L 97 53.26 -3.30 -20.27
N PHE L 98 54.56 -3.34 -20.07
CA PHE L 98 55.23 -4.44 -19.32
C PHE L 98 56.28 -3.85 -18.39
N ILE L 99 56.54 -4.55 -17.31
CA ILE L 99 57.52 -4.07 -16.28
C ILE L 99 58.57 -5.17 -16.10
N ASN L 100 59.84 -4.78 -16.16
CA ASN L 100 60.99 -5.67 -15.86
C ASN L 100 60.94 -5.95 -14.36
N LEU L 101 60.67 -7.20 -13.97
CA LEU L 101 60.71 -7.64 -12.55
C LEU L 101 62.11 -8.19 -12.26
N LYS L 102 62.87 -7.53 -11.40
CA LYS L 102 64.25 -7.95 -11.05
C LYS L 102 64.19 -9.35 -10.44
N ARG L 103 65.25 -10.14 -10.63
CA ARG L 103 65.42 -11.48 -9.98
C ARG L 103 65.27 -11.31 -8.47
N GLY L 104 64.49 -12.19 -7.85
CA GLY L 104 64.21 -12.18 -6.40
C GLY L 104 63.09 -11.22 -6.03
N PHE L 105 62.55 -10.45 -6.98
CA PHE L 105 61.39 -9.59 -6.71
C PHE L 105 60.34 -10.40 -5.96
N LYS L 106 59.94 -9.92 -4.79
CA LYS L 106 58.90 -10.58 -3.95
C LYS L 106 57.59 -9.85 -4.21
N GLY L 107 56.56 -10.59 -4.60
CA GLY L 107 55.24 -9.98 -4.85
C GLY L 107 54.11 -10.80 -4.30
N ILE L 108 52.89 -10.31 -4.48
CA ILE L 108 51.67 -11.01 -4.01
C ILE L 108 50.73 -11.16 -5.21
N THR L 109 50.21 -12.36 -5.44
CA THR L 109 49.22 -12.63 -6.50
C THR L 109 48.06 -13.45 -5.91
N HIS L 110 47.17 -13.88 -6.78
CA HIS L 110 45.94 -14.61 -6.41
C HIS L 110 45.83 -15.80 -7.31
N PRO L 111 45.23 -16.91 -6.83
CA PRO L 111 44.94 -18.08 -7.64
C PRO L 111 44.36 -17.65 -8.99
N ALA L 112 45.02 -18.09 -10.06
CA ALA L 112 44.65 -17.83 -11.47
C ALA L 112 44.34 -19.17 -12.16
N SER L 113 43.03 -19.42 -12.35
CA SER L 113 42.43 -20.47 -13.20
C SER L 113 43.05 -20.52 -14.62
N ASP L 114 43.25 -19.35 -15.26
CA ASP L 114 43.63 -19.21 -16.68
C ASP L 114 45.16 -19.08 -16.80
N GLY L 115 45.87 -19.10 -15.69
CA GLY L 115 47.35 -19.16 -15.66
C GLY L 115 47.97 -17.77 -15.81
N PHE L 116 47.16 -16.72 -15.83
CA PHE L 116 47.64 -15.32 -15.87
C PHE L 116 47.48 -14.71 -14.48
N TYR L 117 48.57 -14.72 -13.72
CA TYR L 117 48.60 -14.37 -12.28
C TYR L 117 48.60 -12.85 -12.16
N PRO L 118 47.55 -12.28 -11.53
CA PRO L 118 47.43 -10.83 -11.41
C PRO L 118 48.39 -10.21 -10.39
N LEU L 119 49.00 -9.10 -10.76
CA LEU L 119 49.86 -8.26 -9.89
C LEU L 119 49.27 -6.86 -9.89
N TYR L 120 48.74 -6.41 -8.75
CA TYR L 120 48.24 -5.04 -8.61
C TYR L 120 49.39 -4.15 -8.10
N PHE L 121 49.90 -3.23 -8.93
CA PHE L 121 50.98 -2.31 -8.48
C PHE L 121 50.32 -1.09 -7.80
N ALA L 122 50.73 -0.81 -6.56
CA ALA L 122 50.30 0.36 -5.76
C ALA L 122 50.22 1.64 -6.63
N SER L 123 51.32 2.04 -7.28
CA SER L 123 51.48 3.31 -8.02
C SER L 123 50.73 3.31 -9.37
N ARG L 124 50.24 2.15 -9.80
CA ARG L 124 49.51 1.99 -11.09
C ARG L 124 48.03 1.79 -10.77
N LYS L 125 47.16 1.98 -11.75
CA LYS L 125 45.70 1.86 -11.53
C LYS L 125 45.20 0.64 -12.30
N LYS L 126 46.10 -0.27 -12.64
CA LYS L 126 45.72 -1.42 -13.50
C LYS L 126 46.44 -2.69 -13.05
N THR L 127 45.83 -3.80 -13.42
CA THR L 127 46.35 -5.16 -13.23
C THR L 127 47.41 -5.46 -14.31
N PHE L 128 48.55 -6.02 -13.88
CA PHE L 128 49.56 -6.67 -14.72
C PHE L 128 49.48 -8.19 -14.49
N TYR L 129 50.01 -8.98 -15.44
CA TYR L 129 49.95 -10.46 -15.44
C TYR L 129 51.37 -11.03 -15.63
N ILE L 130 51.67 -12.07 -14.84
CA ILE L 130 52.92 -12.87 -14.86
C ILE L 130 52.51 -14.33 -15.06
N PRO L 131 53.09 -15.05 -16.07
CA PRO L 131 52.78 -16.47 -16.27
C PRO L 131 53.45 -17.29 -15.14
N ARG L 132 52.93 -18.48 -14.87
CA ARG L 132 53.36 -19.37 -13.76
C ARG L 132 54.88 -19.64 -13.82
N TYR L 133 55.43 -19.84 -15.02
CA TYR L 133 56.81 -20.34 -15.19
C TYR L 133 57.83 -19.28 -14.75
N MET L 134 57.45 -18.03 -14.45
CA MET L 134 58.46 -16.96 -14.14
C MET L 134 58.60 -16.75 -12.64
N PHE L 135 57.88 -17.48 -11.80
CA PHE L 135 58.00 -17.27 -10.34
C PHE L 135 57.92 -18.59 -9.57
N ASP L 136 58.43 -18.59 -8.35
CA ASP L 136 58.22 -19.73 -7.42
C ASP L 136 57.22 -19.31 -6.32
N ILE L 137 56.38 -20.26 -5.89
CA ILE L 137 55.65 -20.23 -4.60
C ILE L 137 56.45 -21.03 -3.55
N LYS L 138 56.97 -20.40 -2.51
CA LYS L 138 57.68 -21.15 -1.44
C LYS L 138 56.76 -22.22 -0.86
N LYS L 139 57.18 -23.50 -0.83
CA LYS L 139 56.35 -24.58 -0.23
C LYS L 139 56.09 -24.21 1.25
C1 NAG M . 6.37 14.08 -9.87
C2 NAG M . 7.52 15.05 -9.61
C3 NAG M . 8.81 14.28 -9.93
C4 NAG M . 8.86 12.99 -9.09
C5 NAG M . 7.57 12.18 -9.04
C6 NAG M . 7.59 11.27 -7.81
C7 NAG M . 7.49 17.52 -9.96
C8 NAG M . 7.50 18.62 -11.00
N2 NAG M . 7.39 16.26 -10.44
O1 NAG M . 5.12 14.76 -9.68
O3 NAG M . 9.99 15.03 -9.65
O4 NAG M . 9.88 12.15 -9.62
O5 NAG M . 6.40 12.99 -8.96
O6 NAG M . 6.95 10.05 -8.20
O7 NAG M . 7.62 17.81 -8.78
C1 NAG N . 29.26 15.42 -22.62
C2 NAG N . 28.20 14.33 -22.83
C3 NAG N . 28.85 12.98 -22.69
C4 NAG N . 29.93 12.85 -23.73
C5 NAG N . 30.92 14.02 -23.71
C6 NAG N . 31.74 14.04 -24.98
C7 NAG N . 25.98 15.08 -22.20
C8 NAG N . 25.00 15.13 -21.09
N2 NAG N . 27.10 14.43 -21.90
O1 NAG N . 28.64 16.65 -22.91
O3 NAG N . 27.88 11.94 -22.82
O4 NAG N . 30.66 11.67 -23.42
O5 NAG N . 30.31 15.32 -23.58
O6 NAG N . 32.60 15.20 -24.87
O7 NAG N . 25.77 15.57 -23.28
C1 NAG O . -29.66 -9.64 27.93
C2 NAG O . -30.06 -8.65 26.84
C3 NAG O . -31.38 -7.99 27.27
C4 NAG O . -32.44 -9.05 27.52
C5 NAG O . -31.94 -10.18 28.43
C6 NAG O . -33.06 -11.25 28.49
C7 NAG O . -28.47 -7.29 25.52
C8 NAG O . -27.63 -6.04 25.56
N2 NAG O . -29.05 -7.62 26.68
O1 NAG O . -28.33 -10.12 27.70
O3 NAG O . -31.85 -7.06 26.28
O4 NAG O . -33.66 -8.47 28.01
O5 NAG O . -30.64 -10.68 27.98
O6 NAG O . -32.53 -12.56 28.33
O7 NAG O . -28.59 -7.92 24.48
C1 NAG P . 20.91 -2.34 32.53
C2 NAG P . 22.21 -1.57 32.73
C3 NAG P . 23.35 -2.46 32.20
C4 NAG P . 23.26 -3.88 32.76
C5 NAG P . 21.85 -4.40 32.45
C6 NAG P . 21.54 -5.91 32.61
C7 NAG P . 22.20 0.88 32.67
C8 NAG P . 22.19 2.12 31.77
N2 NAG P . 22.16 -0.29 32.05
O1 NAG P . 19.82 -1.65 33.08
O3 NAG P . 24.59 -1.90 32.53
O4 NAG P . 24.26 -4.73 32.20
O5 NAG P . 20.98 -3.55 33.22
O6 NAG P . 21.58 -6.29 33.98
O7 NAG P . 22.27 0.97 33.89
C1 NAG Q . 43.89 -1.04 19.49
C2 NAG Q . 42.69 -1.94 19.21
C3 NAG Q . 43.21 -3.35 19.35
C4 NAG Q . 44.31 -3.57 18.28
C5 NAG Q . 45.36 -2.47 18.34
C6 NAG Q . 46.32 -2.52 17.17
C7 NAG Q . 40.49 -1.25 19.94
C8 NAG Q . 39.64 -1.16 21.19
N2 NAG Q . 41.66 -1.79 20.19
O1 NAG Q . 43.46 0.30 19.69
O3 NAG Q . 42.15 -4.34 19.36
O4 NAG Q . 44.96 -4.81 18.58
O5 NAG Q . 44.77 -1.17 18.37
O6 NAG Q . 47.18 -1.34 17.21
O7 NAG Q . 40.11 -0.87 18.84
C1 NAG R . -44.24 7.94 -11.69
C2 NAG R . -42.83 7.79 -11.10
C3 NAG R . -42.45 6.34 -11.05
C4 NAG R . -43.47 5.72 -10.16
C5 NAG R . -44.92 6.05 -10.54
C6 NAG R . -45.76 5.38 -9.48
C7 NAG R . -41.31 8.87 -12.79
C8 NAG R . -40.29 9.99 -12.75
N2 NAG R . -41.72 8.58 -11.58
O1 NAG R . -44.59 9.26 -12.02
O3 NAG R . -41.21 6.07 -10.38
O4 NAG R . -43.21 4.33 -10.30
O5 NAG R . -45.21 7.46 -10.70
O6 NAG R . -45.48 3.97 -9.51
O7 NAG R . -41.71 8.39 -13.82
C1 NAG S . -56.25 27.50 -4.23
C2 NAG S . -55.60 27.82 -5.60
C3 NAG S . -55.77 29.27 -6.02
C4 NAG S . -57.13 29.91 -5.71
C5 NAG S . -57.96 29.39 -4.53
C6 NAG S . -59.40 29.15 -5.04
C7 NAG S . -53.56 26.43 -6.02
C8 NAG S . -52.12 26.42 -5.86
N2 NAG S . -54.16 27.56 -5.62
O1 NAG S . -56.56 26.09 -4.17
O3 NAG S . -55.61 29.24 -7.44
O4 NAG S . -56.94 31.31 -5.46
O5 NAG S . -57.45 28.22 -3.86
O6 NAG S . -60.11 28.15 -4.30
O7 NAG S . -54.05 25.44 -6.50
C1 NAG T . -10.80 -25.91 -45.95
C2 NAG T . -10.15 -25.43 -44.64
C3 NAG T . -11.14 -24.49 -43.98
C4 NAG T . -11.66 -23.43 -44.99
C5 NAG T . -11.97 -23.97 -46.38
C6 NAG T . -12.19 -22.85 -47.38
C7 NAG T . -8.69 -26.76 -43.24
C8 NAG T . -8.65 -27.93 -42.31
N2 NAG T . -9.87 -26.55 -43.77
O1 NAG T . -10.04 -26.97 -46.52
O3 NAG T . -10.50 -23.86 -42.87
O4 NAG T . -12.86 -22.87 -44.48
O5 NAG T . -10.92 -24.80 -46.87
O6 NAG T . -12.72 -23.52 -48.55
O7 NAG T . -7.71 -26.04 -43.45
C1 NAG U . -22.58 -19.22 -23.53
C2 NAG U . -23.17 -19.75 -24.85
C3 NAG U . -24.17 -18.67 -25.32
C4 NAG U . -25.30 -18.52 -24.30
C5 NAG U . -24.83 -18.55 -22.84
C6 NAG U . -25.99 -19.13 -22.03
C7 NAG U . -21.88 -21.26 -26.37
C8 NAG U . -20.95 -21.15 -27.54
N2 NAG U . -22.15 -20.06 -25.85
O1 NAG U . -21.42 -19.96 -23.11
O3 NAG U . -24.79 -18.87 -26.61
O4 NAG U . -26.02 -17.31 -24.58
O5 NAG U . -23.62 -19.29 -22.55
O6 NAG U . -26.06 -18.47 -20.75
O7 NAG U . -22.36 -22.34 -26.03
C1 NAG V . 3.57 -43.54 -3.83
C2 NAG V . 4.22 -42.94 -2.59
C3 NAG V . 3.19 -41.97 -1.99
C4 NAG V . 2.72 -40.99 -3.08
C5 NAG V . 2.38 -41.64 -4.43
C6 NAG V . 2.23 -40.60 -5.53
C7 NAG V . 5.93 -43.96 -1.19
C8 NAG V . 6.15 -44.90 -0.02
N2 NAG V . 4.67 -43.93 -1.64
O1 NAG V . 4.36 -44.55 -4.42
O3 NAG V . 3.81 -41.24 -0.95
O4 NAG V . 1.56 -40.26 -2.71
O5 NAG V . 3.42 -42.53 -4.82
O6 NAG V . 1.36 -41.23 -6.47
O7 NAG V . 6.85 -43.26 -1.63
C1 NAG W . -7.53 -35.41 18.47
C2 NAG W . -8.15 -36.06 17.24
C3 NAG W . -9.24 -35.11 16.70
C4 NAG W . -10.33 -34.99 17.76
C5 NAG W . -9.66 -34.48 19.05
C6 NAG W . -10.66 -34.33 20.17
C7 NAG W . -6.86 -37.52 15.77
C8 NAG W . -5.97 -37.46 14.57
N2 NAG W . -7.11 -36.32 16.24
O1 NAG W . -6.39 -36.17 18.90
O3 NAG W . -9.86 -35.48 15.46
O4 NAG W . -11.37 -34.13 17.26
O5 NAG W . -8.60 -35.38 19.43
O6 NAG W . -9.91 -34.21 21.37
O7 NAG W . -7.34 -38.58 16.17
C1 NAG X . -26.78 -10.92 -41.23
C2 NAG X . -25.57 -10.01 -41.01
C3 NAG X . -24.27 -10.68 -41.34
C4 NAG X . -24.25 -12.01 -40.62
C5 NAG X . -25.51 -12.88 -40.92
C6 NAG X . -25.46 -14.24 -40.25
C7 NAG X . -25.71 -7.61 -41.31
C8 NAG X . -25.74 -6.46 -42.26
N2 NAG X . -25.68 -8.82 -41.83
O1 NAG X . -27.84 -10.17 -40.67
O3 NAG X . -23.15 -9.91 -40.92
O4 NAG X . -23.03 -12.63 -41.01
O5 NAG X . -26.71 -12.17 -40.54
O6 NAG X . -26.30 -14.17 -39.12
O7 NAG X . -25.70 -7.43 -40.11
C1 NAG Y . -3.81 -9.07 -53.93
C2 NAG Y . -4.97 -10.00 -54.23
C3 NAG Y . -4.42 -11.41 -54.13
C4 NAG Y . -3.34 -11.54 -55.21
C5 NAG Y . -2.24 -10.49 -55.05
C6 NAG Y . -1.20 -10.67 -56.18
C7 NAG Y . -7.24 -9.21 -53.58
C8 NAG Y . -8.21 -9.18 -52.44
N2 NAG Y . -6.05 -9.81 -53.31
O1 NAG Y . -4.34 -7.72 -53.77
O3 NAG Y . -5.43 -12.41 -54.30
O4 NAG Y . -2.77 -12.85 -55.12
O5 NAG Y . -2.85 -9.19 -55.01
O6 NAG Y . -0.75 -9.42 -56.76
O7 NAG Y . -7.53 -8.71 -54.65
C1 NAG Z . -13.02 -28.81 -0.45
C2 NAG Z . -11.94 -27.79 -0.17
C3 NAG Z . -10.56 -28.44 -0.36
C4 NAG Z . -10.41 -29.76 0.43
C5 NAG Z . -11.67 -30.65 0.29
C6 NAG Z . -11.74 -31.71 1.40
C7 NAG Z . -12.12 -25.39 -0.71
C8 NAG Z . -12.12 -24.35 -1.76
N2 NAG Z . -12.11 -26.67 -1.10
O1 NAG Z . -14.28 -28.21 -0.17
O3 NAG Z . -9.57 -27.47 0.01
O4 NAG Z . -9.27 -30.57 0.04
O5 NAG Z . -12.88 -29.91 0.42
O6 NAG Z . -13.11 -32.15 1.45
O7 NAG Z . -12.12 -25.09 0.48
C1 NAG AA . 9.62 -27.54 -13.71
C2 NAG AA . 8.45 -28.50 -13.71
C3 NAG AA . 9.07 -29.88 -13.53
C4 NAG AA . 10.11 -30.14 -14.63
C5 NAG AA . 11.11 -29.01 -14.76
C6 NAG AA . 11.95 -29.05 -16.02
C7 NAG AA . 6.24 -27.64 -12.97
C8 NAG AA . 5.30 -27.58 -11.81
N2 NAG AA . 7.44 -28.18 -12.69
O1 NAG AA . 9.18 -26.20 -13.79
O3 NAG AA . 8.07 -30.90 -13.61
O4 NAG AA . 10.81 -31.38 -14.42
O5 NAG AA . 10.41 -27.78 -14.87
O6 NAG AA . 12.68 -27.81 -16.10
O7 NAG AA . 5.89 -27.26 -14.08
C1 NAG BA . -31.42 35.29 22.25
C2 NAG BA . -32.53 34.62 23.08
C3 NAG BA . -32.54 35.18 24.49
C4 NAG BA . -31.13 35.35 25.08
C5 NAG BA . -30.03 35.76 24.08
C6 NAG BA . -28.65 35.59 24.70
C7 NAG BA . -34.84 34.34 22.27
C8 NAG BA . -35.79 35.06 21.43
N2 NAG BA . -33.72 35.01 22.40
O1 NAG BA . -31.53 34.90 20.87
O3 NAG BA . -33.27 34.32 25.36
O4 NAG BA . -31.17 36.35 26.11
O5 NAG BA . -30.13 35.01 22.84
O6 NAG BA . -28.13 36.89 25.03
O7 NAG BA . -35.14 33.26 22.73
C1 NAG CA . -23.47 20.62 3.67
C2 NAG CA . -23.38 20.48 5.19
C3 NAG CA . -21.86 20.68 5.47
C4 NAG CA . -21.01 19.62 4.76
C5 NAG CA . -21.38 19.59 3.29
C6 NAG CA . -20.74 18.45 2.52
C7 NAG CA . -25.04 21.18 6.95
C8 NAG CA . -25.58 22.43 7.56
N2 NAG CA . -24.24 21.44 5.90
O1 NAG CA . -24.80 20.75 3.16
O3 NAG CA . -21.52 20.71 6.86
O4 NAG CA . -19.60 19.88 4.95
O5 NAG CA . -22.82 19.46 3.15
O6 NAG CA . -21.68 17.98 1.56
O7 NAG CA . -25.31 20.11 7.45
C1 NAG DA . 3.55 13.90 61.31
C2 NAG DA . 3.25 14.72 60.05
C3 NAG DA . 1.79 15.20 60.07
C4 NAG DA . 0.81 14.08 60.44
C5 NAG DA . 1.37 13.11 61.51
C6 NAG DA . 0.55 11.83 61.71
C7 NAG DA . 4.58 16.40 58.83
C8 NAG DA . 5.34 17.68 58.98
N2 NAG DA . 4.14 15.89 59.99
O1 NAG DA . 4.93 13.52 61.58
O3 NAG DA . 1.36 15.81 58.82
O4 NAG DA . -0.41 14.66 60.89
O5 NAG DA . 2.70 12.75 61.17
O6 NAG DA . -0.07 11.41 60.48
O7 NAG DA . 4.38 15.90 57.74
C1 NAG EA . -11.45 35.10 64.50
C2 NAG EA . -11.03 34.08 65.54
C3 NAG EA . -12.29 33.52 66.20
C4 NAG EA . -12.91 34.66 66.98
C5 NAG EA . -13.15 35.85 66.07
C6 NAG EA . -13.39 37.07 66.92
C7 NAG EA . -8.98 32.78 65.17
C8 NAG EA . -8.49 31.52 64.55
N2 NAG EA . -10.25 33.03 64.91
O1 NAG EA . -10.29 35.60 63.85
O3 NAG EA . -12.05 32.45 67.08
O4 NAG EA . -14.18 34.28 67.54
O5 NAG EA . -12.07 36.18 65.19
O6 NAG EA . -14.31 37.89 66.22
O7 NAG EA . -8.26 33.45 65.88
C1 NAG FA . 22.18 -1.10 -13.08
C2 NAG FA . 22.80 -0.41 -11.85
C3 NAG FA . 21.76 0.51 -11.26
C4 NAG FA . 21.18 1.45 -12.32
C5 NAG FA . 20.90 0.74 -13.68
C6 NAG FA . 20.73 1.78 -14.80
C7 NAG FA . 24.48 -1.45 -10.38
C8 NAG FA . 24.68 -2.40 -9.21
N2 NAG FA . 23.25 -1.37 -10.82
O1 NAG FA . 23.16 -2.01 -13.52
O3 NAG FA . 22.38 1.31 -10.28
O4 NAG FA . 19.94 2.05 -11.81
O5 NAG FA . 21.91 -0.17 -14.12
O6 NAG FA . 19.87 1.08 -15.69
O7 NAG FA . 25.40 -0.76 -10.83
C1 NAG GA . 58.63 -8.77 -27.82
C2 NAG GA . 58.61 -7.38 -27.20
C3 NAG GA . 57.81 -6.57 -28.20
C4 NAG GA . 58.47 -6.61 -29.58
C5 NAG GA . 58.75 -8.06 -30.00
C6 NAG GA . 59.71 -8.30 -31.17
C7 NAG GA . 57.92 -7.78 -24.79
C8 NAG GA . 56.64 -8.34 -24.36
N2 NAG GA . 57.76 -7.52 -26.07
O1 NAG GA . 59.08 -9.76 -26.94
O3 NAG GA . 57.66 -5.36 -27.51
O4 NAG GA . 57.62 -6.07 -30.60
O5 NAG GA . 59.43 -8.78 -28.98
O6 NAG GA . 59.96 -9.72 -31.25
O7 NAG GA . 58.89 -7.73 -24.05
#